data_4AC9
#
_entry.id   4AC9
#
_cell.length_a   146.920
_cell.length_b   146.920
_cell.length_c   297.480
_cell.angle_alpha   90.00
_cell.angle_beta   90.00
_cell.angle_gamma   120.00
#
_symmetry.space_group_name_H-M   'P 31 1 2'
#
loop_
_entity.id
_entity.type
_entity.pdbx_description
1 polymer 'MJ0495-LIKE PROTEIN'
2 non-polymer "GUANOSINE-5'-DIPHOSPHATE"
3 non-polymer 'MAGNESIUM ION'
4 non-polymer 'SULFATE ION'
5 non-polymer '(3ALPHA,5BETA,12ALPHA)-3,12-DIHYDROXYCHOLAN-24-OIC ACID'
6 non-polymer "GUANOSINE-5'-MONOPHOSPHATE"
7 water water
#
_entity_poly.entity_id   1
_entity_poly.type   'polypeptide(L)'
_entity_poly.pdbx_seq_one_letter_code
;MHHHHHHSIEGRPHMDFKNINLGIFGHIDHGKTTLSKVLTEIASTSAHDKLPESQKRGITIDIGFSAFKLENYRITLVDA
PGHADLIRAVVSAADIIDLALIVVDAKEGPKTQTGEHMLILDHFNIPIIVVITKSDNAGTEEIKRTEMIMKSILQSTHNL
KNSSIIPISAKTGFGVDELKNLIITTLNNAEIIRNTESYFKMPLDHAFPIKGAGTVVTGTINKGIVKVGDELKVLPINMS
TKVRSIQYFKESVMEAKAGDRVGMAIQGVDAKQIYRG(CMH)ILTSKDTKLQTVDKIVAKIKISDIFKYNLTPKMKVHLN
VGMLIVPAVAVPFKKVTFGKTEENIILNEVISGNE(CMH)Y(CMH)AFELEEKVLAEVGDRVLITRLDLPPTTLRI
(CMH)GHGLIEEFKPIKDLNIKKEVLREGKVKIDKGRTVIDGLAQSKVAAEKLIGEEISIEGKDIVGKIKGTFGTKGLLT
AEFSGNVENRDKVILNRLRRWG
;
_entity_poly.pdbx_strand_id   A,B,C,D
#
loop_
_chem_comp.id
_chem_comp.type
_chem_comp.name
_chem_comp.formula
5GP non-polymer GUANOSINE-5'-MONOPHOSPHATE 'C10 H14 N5 O8 P'
DXC non-polymer '(3ALPHA,5BETA,12ALPHA)-3,12-DIHYDROXYCHOLAN-24-OIC ACID' 'C24 H40 O4'
GDP RNA linking GUANOSINE-5'-DIPHOSPHATE 'C10 H15 N5 O11 P2'
MG non-polymer 'MAGNESIUM ION' 'Mg 2'
SO4 non-polymer 'SULFATE ION' 'O4 S -2'
#
# COMPACT_ATOMS: atom_id res chain seq x y z
N HIS A 14 2.45 -9.33 22.36
CA HIS A 14 2.92 -10.58 22.92
C HIS A 14 3.42 -10.39 24.35
N MET A 15 4.56 -11.00 24.66
CA MET A 15 5.11 -10.94 26.01
C MET A 15 6.26 -9.93 26.11
N ASP A 16 6.38 -9.29 27.26
CA ASP A 16 7.46 -8.33 27.48
C ASP A 16 8.80 -9.05 27.63
N PHE A 17 9.73 -8.71 26.76
CA PHE A 17 11.10 -9.23 26.84
C PHE A 17 11.97 -8.46 27.83
N LYS A 18 12.98 -9.12 28.37
CA LYS A 18 13.99 -8.45 29.18
C LYS A 18 15.34 -8.50 28.48
N ASN A 19 16.02 -7.35 28.41
CA ASN A 19 17.28 -7.25 27.69
C ASN A 19 18.47 -7.64 28.56
N ILE A 20 19.20 -8.66 28.12
CA ILE A 20 20.32 -9.19 28.89
C ILE A 20 21.63 -9.16 28.10
N ASN A 21 22.71 -8.83 28.78
CA ASN A 21 24.04 -8.90 28.18
C ASN A 21 24.88 -10.00 28.83
N LEU A 22 25.23 -11.01 28.05
CA LEU A 22 25.98 -12.16 28.56
C LEU A 22 27.41 -12.16 28.02
N GLY A 23 28.38 -12.09 28.92
CA GLY A 23 29.77 -12.16 28.53
C GLY A 23 30.28 -13.58 28.50
N ILE A 24 31.27 -13.84 27.64
CA ILE A 24 31.90 -15.15 27.58
C ILE A 24 33.41 -15.01 27.71
N PHE A 25 33.97 -15.67 28.72
CA PHE A 25 35.36 -15.45 29.09
C PHE A 25 36.14 -16.76 29.21
N GLY A 26 37.46 -16.67 29.09
CA GLY A 26 38.33 -17.81 29.28
C GLY A 26 39.62 -17.70 28.52
N HIS A 27 40.49 -18.69 28.70
CA HIS A 27 41.75 -18.76 27.97
C HIS A 27 41.43 -19.03 26.50
N ILE A 28 42.30 -18.62 25.60
CA ILE A 28 42.09 -18.90 24.18
C ILE A 28 42.20 -20.41 23.93
N ASP A 29 41.48 -20.87 22.91
CA ASP A 29 41.36 -22.30 22.57
C ASP A 29 40.49 -23.10 23.55
N HIS A 30 39.96 -22.43 24.56
CA HIS A 30 39.10 -23.09 25.55
C HIS A 30 37.64 -23.21 25.09
N GLY A 31 37.34 -22.78 23.88
CA GLY A 31 36.01 -22.97 23.31
C GLY A 31 35.03 -21.82 23.47
N LYS A 32 35.54 -20.60 23.64
CA LYS A 32 34.69 -19.43 23.75
C LYS A 32 33.84 -19.23 22.50
N THR A 33 34.52 -19.14 21.36
CA THR A 33 33.86 -18.90 20.07
C THR A 33 32.81 -19.96 19.75
N THR A 34 33.19 -21.23 19.89
CA THR A 34 32.30 -22.34 19.57
C THR A 34 31.05 -22.31 20.44
N LEU A 35 31.24 -22.09 21.74
CA LEU A 35 30.12 -21.96 22.66
C LEU A 35 29.19 -20.83 22.22
N SER A 36 29.80 -19.70 21.85
CA SER A 36 29.04 -18.55 21.36
C SER A 36 28.18 -18.92 20.16
N LYS A 37 28.77 -19.59 19.19
CA LYS A 37 28.05 -20.02 17.98
C LYS A 37 26.91 -20.97 18.32
N VAL A 38 27.19 -21.94 19.18
CA VAL A 38 26.17 -22.89 19.61
C VAL A 38 25.00 -22.17 20.27
N LEU A 39 25.29 -21.13 21.04
CA LEU A 39 24.26 -20.38 21.75
C LEU A 39 23.47 -19.43 20.85
N THR A 40 24.12 -18.92 19.80
CA THR A 40 23.50 -17.92 18.96
C THR A 40 22.51 -18.50 17.95
N GLU A 41 22.53 -19.81 17.78
CA GLU A 41 21.73 -20.46 16.74
C GLU A 41 20.30 -20.83 17.16
N ILE A 42 19.99 -20.66 18.44
CA ILE A 42 18.63 -20.94 18.92
C ILE A 42 17.83 -19.65 19.05
N GLY A 64 30.08 -6.86 16.20
CA GLY A 64 28.73 -6.75 15.69
C GLY A 64 27.68 -7.11 16.72
N PHE A 65 26.53 -7.59 16.24
CA PHE A 65 25.42 -7.93 17.11
C PHE A 65 25.05 -9.41 16.97
N SER A 66 25.26 -10.18 18.02
CA SER A 66 24.86 -11.59 18.03
C SER A 66 24.10 -11.91 19.31
N ALA A 67 22.84 -12.33 19.15
CA ALA A 67 21.96 -12.55 20.30
C ALA A 67 21.10 -13.80 20.17
N PHE A 68 20.48 -14.18 21.28
CA PHE A 68 19.58 -15.35 21.31
C PHE A 68 18.59 -15.21 22.46
N LYS A 69 17.47 -15.94 22.38
CA LYS A 69 16.42 -15.82 23.39
C LYS A 69 16.33 -17.01 24.33
N LEU A 70 16.11 -16.74 25.61
CA LEU A 70 15.79 -17.79 26.57
C LEU A 70 14.60 -17.35 27.42
N GLU A 71 13.48 -18.06 27.30
CA GLU A 71 12.20 -17.61 27.84
C GLU A 71 11.88 -16.22 27.31
N ASN A 72 11.67 -15.26 28.21
CA ASN A 72 11.45 -13.88 27.78
C ASN A 72 12.72 -13.03 27.81
N TYR A 73 13.86 -13.65 28.11
CA TYR A 73 15.14 -12.96 28.09
C TYR A 73 15.70 -12.81 26.68
N ARG A 74 15.97 -11.57 26.28
CA ARG A 74 16.74 -11.30 25.07
C ARG A 74 18.18 -11.19 25.51
N ILE A 75 18.99 -12.16 25.09
CA ILE A 75 20.37 -12.22 25.55
C ILE A 75 21.34 -11.86 24.45
N THR A 76 21.96 -10.70 24.58
CA THR A 76 22.98 -10.25 23.64
C THR A 76 24.35 -10.59 24.19
N LEU A 77 25.16 -11.28 23.39
CA LEU A 77 26.50 -11.64 23.82
C LEU A 77 27.41 -10.42 23.87
N VAL A 78 28.05 -10.21 25.02
CA VAL A 78 29.11 -9.21 25.10
C VAL A 78 30.29 -9.84 24.40
N ASP A 79 30.79 -9.20 23.34
CA ASP A 79 31.78 -9.86 22.52
C ASP A 79 33.00 -9.04 22.13
N ALA A 80 34.15 -9.65 22.39
CA ALA A 80 35.45 -9.11 22.03
C ALA A 80 36.31 -10.33 21.68
N PRO A 81 37.30 -10.17 20.80
CA PRO A 81 38.03 -11.33 20.27
C PRO A 81 38.81 -12.14 21.31
N GLY A 82 39.15 -11.55 22.46
CA GLY A 82 40.14 -12.18 23.31
C GLY A 82 40.64 -11.41 24.52
N HIS A 83 41.88 -11.71 24.89
CA HIS A 83 42.49 -11.36 26.18
C HIS A 83 42.25 -9.94 26.72
N ALA A 84 42.86 -8.94 26.09
CA ALA A 84 42.80 -7.57 26.61
C ALA A 84 41.48 -6.90 26.23
N ASP A 85 40.86 -7.42 25.18
CA ASP A 85 39.62 -6.85 24.67
C ASP A 85 38.46 -7.11 25.62
N LEU A 86 38.40 -8.30 26.19
CA LEU A 86 37.40 -8.64 27.18
C LEU A 86 37.60 -7.78 28.43
N ILE A 87 38.86 -7.53 28.78
CA ILE A 87 39.22 -6.63 29.87
C ILE A 87 38.62 -5.25 29.65
N ARG A 88 39.03 -4.61 28.56
CA ARG A 88 38.51 -3.30 28.17
C ARG A 88 36.98 -3.30 28.11
N ALA A 89 36.40 -4.45 27.79
CA ALA A 89 34.95 -4.59 27.70
C ALA A 89 34.29 -4.55 29.08
N VAL A 90 34.85 -5.28 30.04
CA VAL A 90 34.27 -5.34 31.37
C VAL A 90 34.48 -4.06 32.15
N VAL A 91 35.68 -3.49 32.04
CA VAL A 91 35.98 -2.25 32.76
C VAL A 91 34.96 -1.16 32.45
N SER A 92 34.62 -1.02 31.17
CA SER A 92 33.64 -0.04 30.73
C SER A 92 32.18 -0.46 30.94
N ALA A 93 31.87 -1.69 30.55
CA ALA A 93 30.47 -2.15 30.48
C ALA A 93 29.96 -2.86 31.73
N ALA A 94 30.78 -2.86 32.79
CA ALA A 94 30.46 -3.59 34.03
C ALA A 94 29.04 -3.36 34.54
N ASP A 95 28.56 -2.13 34.44
CA ASP A 95 27.22 -1.79 34.88
C ASP A 95 26.15 -2.66 34.23
N ILE A 96 26.26 -2.86 32.93
CA ILE A 96 25.23 -3.53 32.16
C ILE A 96 25.46 -5.02 31.91
N ILE A 97 26.60 -5.56 32.34
CA ILE A 97 26.84 -6.98 32.13
C ILE A 97 26.20 -7.76 33.27
N ASP A 98 25.18 -8.53 32.93
CA ASP A 98 24.34 -9.22 33.90
C ASP A 98 24.94 -10.53 34.38
N LEU A 99 25.49 -11.29 33.44
CA LEU A 99 26.00 -12.63 33.74
C LEU A 99 27.18 -12.93 32.81
N ALA A 100 28.11 -13.74 33.30
CA ALA A 100 29.25 -14.13 32.49
C ALA A 100 29.47 -15.63 32.52
N LEU A 101 29.91 -16.18 31.38
CA LEU A 101 30.28 -17.58 31.31
C LEU A 101 31.80 -17.67 31.25
N ILE A 102 32.39 -18.41 32.19
CA ILE A 102 33.84 -18.58 32.18
C ILE A 102 34.18 -19.99 31.73
N VAL A 103 34.76 -20.10 30.53
CA VAL A 103 35.05 -21.41 29.97
C VAL A 103 36.45 -21.89 30.35
N VAL A 104 36.53 -23.17 30.69
CA VAL A 104 37.79 -23.80 31.06
C VAL A 104 37.84 -25.17 30.40
N ASP A 105 38.94 -25.45 29.71
CA ASP A 105 39.11 -26.74 29.06
C ASP A 105 39.06 -27.85 30.11
N ALA A 106 38.33 -28.92 29.81
CA ALA A 106 38.21 -30.05 30.71
C ALA A 106 39.57 -30.69 30.97
N LYS A 107 40.32 -30.88 29.89
CA LYS A 107 41.57 -31.62 29.96
C LYS A 107 42.69 -30.85 30.66
N GLU A 108 42.96 -29.64 30.22
CA GLU A 108 44.09 -28.88 30.76
C GLU A 108 43.72 -27.89 31.88
N GLY A 109 42.44 -27.83 32.22
CA GLY A 109 42.00 -27.03 33.35
C GLY A 109 42.26 -25.54 33.23
N PRO A 110 42.24 -24.83 34.37
CA PRO A 110 42.44 -23.37 34.42
C PRO A 110 43.82 -22.94 33.94
N LYS A 111 43.84 -21.91 33.11
CA LYS A 111 45.09 -21.27 32.73
C LYS A 111 45.05 -19.81 33.17
N THR A 112 46.09 -19.05 32.84
CA THR A 112 46.26 -17.70 33.37
C THR A 112 45.09 -16.76 33.08
N GLN A 113 44.69 -16.70 31.82
CA GLN A 113 43.61 -15.82 31.39
C GLN A 113 42.29 -16.12 32.10
N THR A 114 42.05 -17.41 32.36
CA THR A 114 40.90 -17.83 33.14
C THR A 114 40.94 -17.15 34.50
N GLY A 115 42.13 -17.15 35.10
CA GLY A 115 42.37 -16.50 36.37
C GLY A 115 42.06 -15.01 36.36
N GLU A 116 42.66 -14.29 35.41
CA GLU A 116 42.45 -12.83 35.38
C GLU A 116 41.00 -12.44 35.08
N HIS A 117 40.35 -13.19 34.20
CA HIS A 117 38.94 -12.96 33.89
C HIS A 117 38.11 -13.18 35.16
N MET A 118 38.39 -14.27 35.85
CA MET A 118 37.74 -14.59 37.12
C MET A 118 37.88 -13.44 38.11
N LEU A 119 39.12 -12.97 38.28
CA LEU A 119 39.40 -11.83 39.15
C LEU A 119 38.55 -10.62 38.78
N ILE A 120 38.74 -10.14 37.56
CA ILE A 120 38.02 -8.97 37.06
C ILE A 120 36.52 -9.08 37.31
N LEU A 121 35.95 -10.23 36.97
CA LEU A 121 34.51 -10.45 37.18
C LEU A 121 34.14 -10.45 38.66
N ASP A 122 35.08 -10.85 39.52
CA ASP A 122 34.84 -10.85 40.95
C ASP A 122 34.82 -9.44 41.51
N HIS A 123 35.77 -8.62 41.05
CA HIS A 123 35.89 -7.23 41.51
C HIS A 123 34.65 -6.43 41.17
N PHE A 124 34.14 -6.62 39.95
CA PHE A 124 33.01 -5.85 39.46
C PHE A 124 31.68 -6.50 39.82
N ASN A 125 31.76 -7.58 40.60
CA ASN A 125 30.57 -8.26 41.13
C ASN A 125 29.62 -8.75 40.04
N ILE A 126 30.17 -9.45 39.05
CA ILE A 126 29.37 -10.00 37.97
C ILE A 126 29.20 -11.51 38.17
N PRO A 127 27.96 -11.95 38.41
CA PRO A 127 27.63 -13.37 38.57
C PRO A 127 28.19 -14.20 37.42
N ILE A 128 28.77 -15.36 37.72
CA ILE A 128 29.36 -16.20 36.70
C ILE A 128 28.90 -17.64 36.76
N ILE A 129 28.93 -18.30 35.61
CA ILE A 129 28.77 -19.74 35.54
C ILE A 129 30.06 -20.31 34.97
N VAL A 130 30.63 -21.29 35.67
CA VAL A 130 31.83 -21.93 35.18
C VAL A 130 31.46 -23.07 34.23
N VAL A 131 31.87 -22.92 32.98
CA VAL A 131 31.56 -23.91 31.96
C VAL A 131 32.81 -24.68 31.59
N ILE A 132 32.77 -25.99 31.77
CA ILE A 132 33.91 -26.82 31.43
C ILE A 132 33.72 -27.37 30.02
N THR A 133 34.49 -26.82 29.10
CA THR A 133 34.40 -27.14 27.67
C THR A 133 35.16 -28.39 27.23
N LYS A 134 34.76 -28.93 26.09
CA LYS A 134 35.43 -30.08 25.47
C LYS A 134 35.36 -31.31 26.34
N SER A 135 34.18 -31.57 26.89
CA SER A 135 33.98 -32.72 27.75
C SER A 135 34.05 -34.02 26.95
N ASP A 136 33.75 -33.92 25.65
CA ASP A 136 33.80 -35.07 24.77
C ASP A 136 35.24 -35.51 24.53
N ASN A 137 36.17 -34.60 24.77
CA ASN A 137 37.58 -34.85 24.55
C ASN A 137 38.27 -35.32 25.84
N ALA A 138 37.50 -35.45 26.90
CA ALA A 138 38.04 -35.83 28.20
C ALA A 138 37.21 -36.93 28.86
N GLY A 139 37.87 -37.73 29.71
CA GLY A 139 37.19 -38.78 30.44
C GLY A 139 36.51 -38.23 31.67
N THR A 140 35.72 -39.07 32.34
CA THR A 140 34.99 -38.67 33.54
C THR A 140 35.93 -38.18 34.64
N GLU A 141 36.99 -38.94 34.87
CA GLU A 141 37.97 -38.63 35.90
C GLU A 141 38.57 -37.23 35.70
N GLU A 142 38.99 -36.95 34.47
CA GLU A 142 39.57 -35.67 34.12
C GLU A 142 38.60 -34.52 34.39
N ILE A 143 37.36 -34.70 33.93
CA ILE A 143 36.31 -33.69 34.12
C ILE A 143 36.05 -33.41 35.59
N LYS A 144 35.92 -34.47 36.38
CA LYS A 144 35.71 -34.31 37.83
C LYS A 144 36.89 -33.59 38.48
N ARG A 145 38.10 -33.92 38.04
CA ARG A 145 39.31 -33.25 38.49
C ARG A 145 39.19 -31.74 38.28
N THR A 146 39.10 -31.34 37.01
CA THR A 146 38.98 -29.92 36.64
C THR A 146 37.84 -29.24 37.39
N GLU A 147 36.72 -29.94 37.52
CA GLU A 147 35.56 -29.46 38.25
C GLU A 147 35.92 -29.07 39.68
N MET A 148 36.59 -29.99 40.37
CA MET A 148 37.02 -29.76 41.75
C MET A 148 38.04 -28.63 41.86
N ILE A 149 38.97 -28.57 40.91
CA ILE A 149 39.96 -27.49 40.88
C ILE A 149 39.25 -26.14 40.79
N MET A 150 38.23 -26.09 39.94
CA MET A 150 37.44 -24.89 39.76
C MET A 150 36.67 -24.53 41.01
N LYS A 151 36.19 -25.54 41.73
CA LYS A 151 35.51 -25.31 42.99
C LYS A 151 36.46 -24.65 43.99
N SER A 152 37.63 -25.26 44.16
CA SER A 152 38.65 -24.75 45.05
C SER A 152 39.03 -23.31 44.70
N ILE A 153 39.11 -23.02 43.41
CA ILE A 153 39.43 -21.67 42.95
C ILE A 153 38.31 -20.68 43.28
N LEU A 154 37.08 -21.07 42.98
CA LEU A 154 35.91 -20.24 43.27
C LEU A 154 35.82 -19.89 44.75
N GLN A 155 36.28 -20.79 45.61
CA GLN A 155 36.23 -20.53 47.05
C GLN A 155 37.22 -19.43 47.50
N SER A 156 38.18 -19.10 46.63
CA SER A 156 39.18 -18.11 46.97
C SER A 156 38.77 -16.70 46.55
N THR A 157 37.54 -16.57 46.06
CA THR A 157 37.05 -15.30 45.53
C THR A 157 35.96 -14.71 46.43
N HIS A 158 35.89 -13.39 46.49
CA HIS A 158 34.91 -12.70 47.32
C HIS A 158 33.45 -13.02 46.97
N ASN A 159 32.99 -12.52 45.83
CA ASN A 159 31.56 -12.61 45.48
C ASN A 159 31.17 -13.82 44.64
N LEU A 160 32.15 -14.52 44.10
CA LEU A 160 31.91 -15.68 43.25
C LEU A 160 31.96 -16.99 44.04
N LYS A 161 32.00 -16.85 45.38
CA LYS A 161 32.40 -17.92 46.29
C LYS A 161 31.81 -19.29 45.96
N ASN A 162 30.51 -19.35 45.70
CA ASN A 162 29.94 -20.54 45.09
C ASN A 162 29.13 -20.22 43.85
N SER A 163 29.67 -20.64 42.71
CA SER A 163 29.03 -20.45 41.42
C SER A 163 28.92 -21.81 40.78
N SER A 164 27.75 -22.09 40.21
CA SER A 164 27.50 -23.41 39.62
C SER A 164 28.47 -23.71 38.48
N ILE A 165 28.84 -24.98 38.37
CA ILE A 165 29.78 -25.44 37.36
C ILE A 165 29.16 -26.55 36.53
N ILE A 166 29.14 -26.41 35.21
CA ILE A 166 28.69 -27.51 34.38
C ILE A 166 29.73 -27.91 33.36
N PRO A 167 29.96 -29.21 33.20
CA PRO A 167 30.72 -29.72 32.06
C PRO A 167 29.84 -29.71 30.82
N ILE A 168 30.36 -29.29 29.67
CA ILE A 168 29.62 -29.39 28.43
C ILE A 168 30.54 -29.72 27.26
N SER A 169 29.95 -30.15 26.16
CA SER A 169 30.65 -30.23 24.89
C SER A 169 29.81 -29.52 23.83
N ALA A 170 30.32 -28.41 23.33
CA ALA A 170 29.60 -27.60 22.34
C ALA A 170 29.47 -28.35 21.02
N LYS A 171 30.49 -29.14 20.71
CA LYS A 171 30.49 -29.97 19.50
C LYS A 171 29.44 -31.07 19.63
N THR A 172 29.43 -31.73 20.78
CA THR A 172 28.53 -32.85 21.03
C THR A 172 27.11 -32.39 21.39
N GLY A 173 27.02 -31.33 22.18
CA GLY A 173 25.73 -30.85 22.65
C GLY A 173 25.50 -31.32 24.07
N PHE A 174 26.52 -32.00 24.60
CA PHE A 174 26.51 -32.54 25.95
C PHE A 174 26.26 -31.43 26.96
N GLY A 175 25.23 -31.59 27.78
CA GLY A 175 24.95 -30.66 28.87
C GLY A 175 24.59 -29.23 28.47
N VAL A 176 24.44 -28.98 27.18
CA VAL A 176 24.14 -27.62 26.70
C VAL A 176 22.76 -27.17 27.14
N ASP A 177 21.80 -28.08 27.06
CA ASP A 177 20.43 -27.79 27.52
C ASP A 177 20.43 -27.36 28.98
N GLU A 178 21.14 -28.13 29.81
CA GLU A 178 21.31 -27.78 31.22
C GLU A 178 21.96 -26.41 31.39
N LEU A 179 22.90 -26.10 30.51
CA LEU A 179 23.55 -24.79 30.53
C LEU A 179 22.55 -23.68 30.32
N LYS A 180 21.64 -23.88 29.37
CA LYS A 180 20.59 -22.89 29.11
C LYS A 180 19.67 -22.73 30.31
N ASN A 181 19.20 -23.85 30.87
CA ASN A 181 18.36 -23.80 32.06
C ASN A 181 19.04 -23.07 33.22
N LEU A 182 20.35 -23.26 33.31
CA LEU A 182 21.13 -22.63 34.37
C LEU A 182 21.24 -21.13 34.15
N ILE A 183 21.45 -20.74 32.89
CA ILE A 183 21.48 -19.33 32.53
C ILE A 183 20.16 -18.67 32.94
N ILE A 184 19.06 -19.36 32.65
CA ILE A 184 17.74 -18.87 33.04
C ILE A 184 17.62 -18.70 34.56
N THR A 185 17.98 -19.75 35.31
CA THR A 185 17.91 -19.69 36.76
C THR A 185 18.72 -18.53 37.33
N THR A 186 19.96 -18.41 36.87
CA THR A 186 20.86 -17.35 37.30
C THR A 186 20.27 -15.97 37.02
N LEU A 187 19.78 -15.77 35.81
CA LEU A 187 19.16 -14.50 35.44
C LEU A 187 17.92 -14.21 36.29
N ASN A 188 17.22 -15.27 36.66
CA ASN A 188 16.06 -15.13 37.53
C ASN A 188 16.43 -14.64 38.92
N ASN A 189 17.53 -15.16 39.45
CA ASN A 189 17.98 -14.76 40.79
C ASN A 189 18.65 -13.38 40.85
N ALA A 190 19.57 -13.13 39.93
CA ALA A 190 20.36 -11.91 39.95
C ALA A 190 19.50 -10.65 39.86
N GLU A 191 19.90 -9.62 40.60
CA GLU A 191 19.18 -8.36 40.58
C GLU A 191 19.71 -7.52 39.43
N ILE A 192 18.86 -7.27 38.45
CA ILE A 192 19.26 -6.51 37.28
C ILE A 192 18.69 -5.11 37.34
N ILE A 193 19.56 -4.13 37.59
CA ILE A 193 19.13 -2.75 37.70
C ILE A 193 19.58 -1.93 36.50
N ARG A 194 18.62 -1.57 35.66
CA ARG A 194 18.89 -0.68 34.54
C ARG A 194 18.73 0.74 35.05
N ASN A 195 19.68 1.61 34.75
CA ASN A 195 19.57 2.96 35.23
C ASN A 195 19.08 3.87 34.10
N THR A 196 17.79 4.19 34.16
CA THR A 196 17.16 5.12 33.25
C THR A 196 17.29 6.57 33.73
N GLU A 197 17.19 6.72 35.05
CA GLU A 197 16.99 8.02 35.69
C GLU A 197 18.08 9.06 35.44
N SER A 198 19.31 8.61 35.22
CA SER A 198 20.42 9.54 35.06
C SER A 198 20.61 9.98 33.62
N TYR A 199 21.63 10.81 33.41
CA TYR A 199 21.95 11.33 32.08
C TYR A 199 22.30 10.19 31.14
N PHE A 200 22.05 10.36 29.84
CA PHE A 200 22.36 9.34 28.87
C PHE A 200 23.86 9.18 28.72
N LYS A 201 24.34 7.96 28.95
CA LYS A 201 25.77 7.67 28.89
C LYS A 201 26.02 6.39 28.10
N MET A 202 26.68 6.52 26.95
CA MET A 202 27.04 5.34 26.18
C MET A 202 28.43 5.47 25.58
N PRO A 203 29.24 4.40 25.66
CA PRO A 203 30.53 4.30 24.99
C PRO A 203 30.38 3.91 23.52
N LEU A 204 31.38 4.19 22.71
CA LEU A 204 31.34 3.85 21.29
C LEU A 204 32.35 2.76 20.94
N ASP A 205 31.84 1.57 20.61
CA ASP A 205 32.68 0.45 20.23
C ASP A 205 33.21 0.59 18.80
N HIS A 206 32.30 0.86 17.87
CA HIS A 206 32.65 0.95 16.45
C HIS A 206 32.05 2.19 15.78
N ALA A 207 32.66 2.65 14.70
CA ALA A 207 32.14 3.79 13.95
C ALA A 207 32.28 3.64 12.41
N PHE A 208 31.16 3.83 11.72
CA PHE A 208 31.08 3.73 10.27
C PHE A 208 30.67 5.06 9.63
N PRO A 209 31.51 5.63 8.77
CA PRO A 209 30.99 6.76 8.02
C PRO A 209 30.10 6.31 6.86
N ILE A 210 29.12 7.12 6.49
CA ILE A 210 28.35 6.86 5.28
C ILE A 210 28.77 7.90 4.24
N LYS A 211 28.56 9.18 4.58
CA LYS A 211 29.16 10.30 3.85
C LYS A 211 29.59 11.37 4.84
N GLY A 212 30.00 12.53 4.32
CA GLY A 212 30.46 13.62 5.18
C GLY A 212 29.38 14.14 6.10
N ALA A 213 28.12 13.86 5.77
CA ALA A 213 26.99 14.35 6.54
C ALA A 213 26.43 13.36 7.58
N GLY A 214 27.06 12.19 7.72
CA GLY A 214 26.55 11.20 8.64
C GLY A 214 27.55 10.18 9.19
N THR A 215 27.20 9.58 10.33
CA THR A 215 28.01 8.54 10.95
C THR A 215 27.13 7.59 11.76
N VAL A 216 27.47 6.31 11.73
CA VAL A 216 26.81 5.30 12.54
C VAL A 216 27.79 4.78 13.59
N VAL A 217 27.37 4.75 14.84
CA VAL A 217 28.17 4.20 15.93
C VAL A 217 27.41 3.05 16.59
N THR A 218 28.13 2.10 17.17
CA THR A 218 27.50 0.97 17.83
C THR A 218 28.00 0.83 19.27
N GLY A 219 27.08 0.60 20.20
CA GLY A 219 27.47 0.44 21.58
C GLY A 219 26.33 0.09 22.50
N THR A 220 26.66 -0.35 23.72
CA THR A 220 25.66 -0.67 24.73
C THR A 220 25.49 0.48 25.70
N ILE A 221 24.26 0.94 25.85
CA ILE A 221 23.96 2.09 26.69
C ILE A 221 24.13 1.76 28.17
N ASN A 222 24.96 2.55 28.85
CA ASN A 222 25.23 2.36 30.26
C ASN A 222 24.11 2.91 31.14
N LYS A 223 23.90 4.23 31.06
CA LYS A 223 22.84 4.88 31.81
C LYS A 223 21.96 5.72 30.88
N GLY A 224 20.76 6.03 31.34
CA GLY A 224 19.91 6.99 30.65
C GLY A 224 18.97 6.43 29.60
N ILE A 225 18.47 7.34 28.76
CA ILE A 225 17.50 7.01 27.72
C ILE A 225 17.78 7.85 26.49
N VAL A 226 17.59 7.27 25.30
CA VAL A 226 17.68 8.04 24.07
C VAL A 226 16.42 7.90 23.21
N LYS A 227 15.99 9.02 22.64
CA LYS A 227 14.89 9.04 21.69
C LYS A 227 15.41 9.60 20.36
N VAL A 228 14.86 9.11 19.27
CA VAL A 228 15.27 9.55 17.94
C VAL A 228 15.02 11.04 17.82
N GLY A 229 15.99 11.76 17.28
CA GLY A 229 15.94 13.20 17.20
C GLY A 229 16.32 13.88 18.51
N ASP A 230 17.38 13.39 19.14
CA ASP A 230 17.93 14.02 20.33
C ASP A 230 19.31 14.59 20.06
N GLU A 231 19.67 15.65 20.78
CA GLU A 231 20.98 16.26 20.66
C GLU A 231 21.94 15.71 21.71
N LEU A 232 23.00 15.08 21.24
CA LEU A 232 23.99 14.48 22.12
C LEU A 232 25.37 15.03 21.76
N LYS A 233 26.38 14.52 22.45
CA LYS A 233 27.76 14.96 22.23
C LYS A 233 28.80 13.82 22.29
N VAL A 234 29.86 13.97 21.51
CA VAL A 234 30.95 13.00 21.47
C VAL A 234 32.14 13.55 22.27
N LEU A 235 32.75 12.70 23.07
CA LEU A 235 33.85 13.13 23.92
C LEU A 235 35.02 12.17 23.71
N PRO A 236 36.26 12.63 24.01
CA PRO A 236 36.72 13.93 24.53
C PRO A 236 36.63 15.10 23.56
N ILE A 237 36.48 14.83 22.26
CA ILE A 237 36.52 15.88 21.24
C ILE A 237 35.41 16.94 21.36
N ASN A 238 34.42 16.67 22.19
CA ASN A 238 33.32 17.60 22.45
C ASN A 238 32.67 18.27 21.24
N MET A 239 32.01 17.49 20.40
CA MET A 239 31.19 18.03 19.33
C MET A 239 29.73 17.87 19.70
N SER A 240 28.83 18.36 18.86
CA SER A 240 27.41 18.23 19.11
C SER A 240 26.71 17.60 17.91
N THR A 241 26.00 16.49 18.14
CA THR A 241 25.41 15.74 17.03
C THR A 241 23.97 15.38 17.30
N LYS A 242 23.25 14.99 16.25
CA LYS A 242 21.84 14.61 16.40
C LYS A 242 21.59 13.14 16.04
N VAL A 243 20.58 12.54 16.65
CA VAL A 243 20.31 11.12 16.42
C VAL A 243 19.29 10.89 15.29
N ARG A 244 19.79 10.36 14.18
CA ARG A 244 18.98 10.03 13.02
C ARG A 244 18.21 8.72 13.18
N SER A 245 18.90 7.68 13.62
CA SER A 245 18.32 6.33 13.66
C SER A 245 18.85 5.49 14.81
N ILE A 246 17.95 4.71 15.41
CA ILE A 246 18.33 3.76 16.44
C ILE A 246 18.05 2.35 15.98
N GLN A 247 19.09 1.54 15.85
CA GLN A 247 18.92 0.14 15.47
C GLN A 247 19.05 -0.76 16.69
N TYR A 248 17.97 -1.49 17.00
CA TYR A 248 17.98 -2.44 18.09
C TYR A 248 17.42 -3.78 17.66
N PHE A 249 18.20 -4.83 17.90
CA PHE A 249 17.79 -6.19 17.60
C PHE A 249 17.36 -6.35 16.14
N LYS A 250 18.20 -5.84 15.23
CA LYS A 250 17.89 -5.84 13.79
C LYS A 250 16.55 -5.18 13.48
N GLU A 251 16.25 -4.11 14.20
CA GLU A 251 14.98 -3.41 14.03
C GLU A 251 15.13 -1.93 14.34
N SER A 252 14.23 -1.12 13.80
CA SER A 252 14.20 0.31 14.08
C SER A 252 13.24 0.62 15.22
N VAL A 253 13.71 1.41 16.18
CA VAL A 253 12.87 1.82 17.30
C VAL A 253 13.02 3.31 17.58
N MET A 254 12.00 3.89 18.20
CA MET A 254 12.00 5.31 18.51
C MET A 254 12.85 5.62 19.73
N GLU A 255 12.94 4.66 20.64
CA GLU A 255 13.61 4.87 21.91
C GLU A 255 14.45 3.68 22.34
N ALA A 256 15.61 3.96 22.92
CA ALA A 256 16.47 2.94 23.50
C ALA A 256 16.76 3.29 24.96
N LYS A 257 17.04 2.27 25.75
CA LYS A 257 17.27 2.45 27.18
C LYS A 257 18.60 1.83 27.59
N ALA A 258 19.04 2.16 28.80
CA ALA A 258 20.27 1.60 29.35
C ALA A 258 20.21 0.08 29.40
N GLY A 259 21.28 -0.57 28.94
CA GLY A 259 21.34 -2.01 28.91
C GLY A 259 21.11 -2.55 27.51
N ASP A 260 20.55 -1.71 26.65
CA ASP A 260 20.31 -2.08 25.26
C ASP A 260 21.56 -1.88 24.44
N ARG A 261 21.94 -2.89 23.66
CA ARG A 261 23.05 -2.73 22.73
C ARG A 261 22.49 -2.29 21.39
N VAL A 262 22.81 -1.05 21.01
CA VAL A 262 22.18 -0.45 19.84
C VAL A 262 23.18 0.05 18.79
N GLY A 263 22.74 -0.04 17.54
CA GLY A 263 23.34 0.74 16.47
C GLY A 263 22.64 2.08 16.44
N MET A 264 23.37 3.13 16.11
CA MET A 264 22.82 4.47 16.08
C MET A 264 23.42 5.26 14.92
N ALA A 265 22.59 5.90 14.11
CA ALA A 265 23.13 6.81 13.10
C ALA A 265 23.07 8.22 13.65
N ILE A 266 24.21 8.91 13.69
CA ILE A 266 24.22 10.30 14.16
C ILE A 266 24.84 11.25 13.15
N GLN A 267 24.40 12.50 13.18
CA GLN A 267 24.86 13.51 12.24
C GLN A 267 25.59 14.68 12.91
N GLY A 268 26.61 15.19 12.23
CA GLY A 268 27.49 16.21 12.75
C GLY A 268 28.90 15.70 13.05
N VAL A 269 29.16 14.44 12.73
CA VAL A 269 30.50 13.87 12.90
C VAL A 269 30.89 12.91 11.78
N ASP A 270 32.12 13.05 11.29
CA ASP A 270 32.72 12.01 10.47
C ASP A 270 33.30 10.92 11.38
N ALA A 271 33.42 9.70 10.86
CA ALA A 271 33.83 8.55 11.67
C ALA A 271 35.36 8.42 11.86
N LYS A 272 36.12 9.30 11.23
CA LYS A 272 37.58 9.30 11.38
C LYS A 272 38.01 9.87 12.73
N GLN A 273 37.20 10.79 13.26
CA GLN A 273 37.49 11.42 14.54
C GLN A 273 37.11 10.51 15.72
N ILE A 274 36.25 9.55 15.47
CA ILE A 274 35.76 8.67 16.53
C ILE A 274 36.50 7.33 16.59
N TYR A 275 37.18 7.11 17.71
CA TYR A 275 38.00 5.92 17.90
C TYR A 275 37.72 5.22 19.23
N ARG A 276 38.57 4.26 19.59
CA ARG A 276 38.31 3.32 20.68
C ARG A 276 37.84 3.92 22.01
N GLY A 277 38.24 5.15 22.30
CA GLY A 277 37.96 5.74 23.60
C GLY A 277 36.81 6.73 23.64
N CMH A 278 36.14 6.95 22.52
CA CMH A 278 35.11 7.98 22.43
C CMH A 278 33.82 7.65 23.17
O CMH A 278 33.43 6.48 23.26
CB CMH A 278 34.83 8.35 20.96
SG CMH A 278 35.99 9.52 20.26
CM CMH A 278 39.28 9.01 23.20
HG CMH A 278 37.77 9.17 21.76
N ILE A 279 33.16 8.66 23.69
CA ILE A 279 31.93 8.47 24.46
C ILE A 279 30.80 9.40 24.04
N LEU A 280 29.69 8.81 23.61
CA LEU A 280 28.48 9.56 23.29
C LEU A 280 27.62 9.73 24.54
N THR A 281 27.25 10.98 24.84
CA THR A 281 26.48 11.26 26.05
C THR A 281 25.64 12.53 25.94
N SER A 282 24.67 12.68 26.84
CA SER A 282 23.77 13.83 26.80
C SER A 282 24.50 15.09 27.30
N LYS A 283 23.81 16.22 27.25
CA LYS A 283 24.47 17.49 27.53
C LYS A 283 24.44 17.85 29.01
N ASP A 284 23.73 17.06 29.80
CA ASP A 284 23.67 17.25 31.25
C ASP A 284 24.73 16.40 31.95
N THR A 285 25.58 15.78 31.13
CA THR A 285 26.55 14.77 31.59
C THR A 285 27.46 15.21 32.75
N LYS A 286 27.78 14.24 33.61
CA LYS A 286 28.71 14.44 34.70
C LYS A 286 30.11 14.00 34.29
N LEU A 287 30.24 13.49 33.08
CA LEU A 287 31.52 13.02 32.55
C LEU A 287 32.54 14.15 32.45
N GLN A 288 33.78 13.86 32.80
CA GLN A 288 34.85 14.85 32.75
C GLN A 288 36.11 14.27 32.12
N THR A 289 36.91 15.11 31.47
CA THR A 289 38.20 14.67 30.95
C THR A 289 39.24 14.90 32.03
N VAL A 290 39.82 13.81 32.53
CA VAL A 290 40.56 13.84 33.78
C VAL A 290 42.04 13.48 33.64
N ASP A 291 42.88 14.19 34.39
CA ASP A 291 44.29 13.87 34.50
C ASP A 291 44.57 13.16 35.82
N LYS A 292 44.33 13.84 36.93
CA LYS A 292 44.59 13.28 38.26
C LYS A 292 43.35 12.59 38.84
N ILE A 293 43.51 11.34 39.25
CA ILE A 293 42.39 10.56 39.79
C ILE A 293 42.68 10.03 41.20
N VAL A 294 41.81 10.34 42.15
CA VAL A 294 41.93 9.77 43.49
C VAL A 294 40.90 8.65 43.70
N ALA A 295 41.38 7.45 44.00
CA ALA A 295 40.49 6.30 44.12
C ALA A 295 40.53 5.67 45.50
N LYS A 296 39.47 4.93 45.83
CA LYS A 296 39.46 4.08 47.01
C LYS A 296 39.66 2.66 46.52
N ILE A 297 40.81 2.08 46.84
CA ILE A 297 41.24 0.84 46.25
C ILE A 297 41.15 -0.39 47.15
N LYS A 298 40.43 -1.40 46.66
CA LYS A 298 40.53 -2.75 47.19
C LYS A 298 41.55 -3.59 46.42
N ILE A 299 42.29 -4.39 47.19
CA ILE A 299 43.38 -5.22 46.72
C ILE A 299 42.90 -6.63 46.40
N SER A 300 43.38 -7.20 45.30
CA SER A 300 42.94 -8.53 44.88
C SER A 300 43.61 -9.61 45.74
N ASP A 301 44.92 -9.78 45.55
CA ASP A 301 45.70 -10.69 46.37
C ASP A 301 46.67 -9.89 47.24
N ILE A 302 46.62 -10.13 48.54
CA ILE A 302 47.38 -9.34 49.51
C ILE A 302 48.89 -9.59 49.39
N PHE A 303 49.25 -10.84 49.20
CA PHE A 303 50.66 -11.22 49.20
C PHE A 303 51.40 -10.76 47.95
N LYS A 304 50.67 -10.62 46.85
CA LYS A 304 51.25 -10.15 45.59
C LYS A 304 51.28 -8.62 45.54
N TYR A 305 50.54 -8.01 46.46
CA TYR A 305 50.41 -6.55 46.52
C TYR A 305 51.54 -5.91 47.31
N ASN A 306 52.04 -4.80 46.80
CA ASN A 306 53.09 -4.05 47.47
C ASN A 306 52.72 -2.58 47.59
N LEU A 307 53.13 -1.96 48.70
CA LEU A 307 52.74 -0.59 49.01
C LEU A 307 53.77 0.52 48.71
N THR A 308 54.90 0.17 48.12
CA THR A 308 55.93 1.16 47.84
C THR A 308 55.37 2.26 46.92
N PRO A 309 55.36 3.50 47.44
CA PRO A 309 54.68 4.65 46.83
C PRO A 309 55.30 5.10 45.52
N LYS A 310 54.57 5.94 44.78
CA LYS A 310 55.04 6.49 43.51
C LYS A 310 55.35 5.34 42.57
N MET A 311 54.32 4.59 42.21
CA MET A 311 54.48 3.33 41.49
C MET A 311 53.87 3.40 40.09
N LYS A 312 54.61 2.86 39.11
CA LYS A 312 54.20 2.94 37.72
C LYS A 312 53.36 1.74 37.30
N VAL A 313 52.10 2.00 36.97
CA VAL A 313 51.19 0.93 36.56
C VAL A 313 50.37 1.31 35.33
N HIS A 314 49.49 0.41 34.91
CA HIS A 314 48.54 0.71 33.83
C HIS A 314 47.13 0.80 34.37
N LEU A 315 46.57 2.00 34.33
CA LEU A 315 45.24 2.23 34.88
C LEU A 315 44.15 2.06 33.82
N ASN A 316 43.22 1.15 34.08
CA ASN A 316 42.08 0.93 33.22
C ASN A 316 40.92 1.80 33.65
N VAL A 317 40.56 2.75 32.78
CA VAL A 317 39.41 3.62 33.04
C VAL A 317 38.53 3.68 31.80
N GLY A 318 37.24 3.44 31.99
CA GLY A 318 36.33 3.36 30.86
C GLY A 318 36.80 2.33 29.87
N MET A 319 36.98 2.73 28.62
CA MET A 319 37.50 1.82 27.61
C MET A 319 39.01 1.95 27.36
N LEU A 320 39.68 2.87 28.05
CA LEU A 320 41.11 3.01 27.80
C LEU A 320 42.01 2.42 28.90
N ILE A 321 43.29 2.36 28.59
CA ILE A 321 44.33 1.94 29.51
C ILE A 321 45.42 2.99 29.43
N VAL A 322 45.57 3.78 30.48
CA VAL A 322 46.59 4.83 30.52
C VAL A 322 47.66 4.55 31.56
N PRO A 323 48.94 4.57 31.15
CA PRO A 323 50.05 4.51 32.10
C PRO A 323 49.87 5.55 33.20
N ALA A 324 50.27 5.20 34.43
CA ALA A 324 49.93 6.00 35.59
C ALA A 324 50.94 5.86 36.72
N VAL A 325 50.93 6.84 37.62
CA VAL A 325 51.75 6.79 38.83
C VAL A 325 50.88 6.82 40.07
N ALA A 326 51.09 5.87 40.97
CA ALA A 326 50.21 5.71 42.12
C ALA A 326 50.90 5.95 43.46
N VAL A 327 50.24 6.70 44.32
CA VAL A 327 50.69 6.92 45.70
C VAL A 327 49.63 6.52 46.73
N PRO A 328 49.77 5.31 47.29
CA PRO A 328 48.89 4.74 48.33
C PRO A 328 48.92 5.57 49.59
N PHE A 329 47.75 5.81 50.18
CA PHE A 329 47.62 6.56 51.41
C PHE A 329 46.31 6.22 52.14
N LYS A 330 46.30 6.51 53.44
CA LYS A 330 45.14 6.24 54.30
C LYS A 330 44.66 7.56 54.92
N LYS A 331 43.41 7.57 55.35
CA LYS A 331 42.83 8.75 55.96
C LYS A 331 42.70 8.57 57.46
N VAL A 332 43.43 9.38 58.22
CA VAL A 332 43.47 9.27 59.67
C VAL A 332 42.87 10.51 60.34
N THR A 333 42.01 10.28 61.33
CA THR A 333 41.43 11.36 62.12
C THR A 333 42.20 11.52 63.43
N PHE A 334 42.88 12.66 63.57
CA PHE A 334 43.74 12.89 64.73
C PHE A 334 43.02 13.54 65.91
N GLY A 335 41.70 13.69 65.79
CA GLY A 335 40.91 14.28 66.85
C GLY A 335 40.48 15.69 66.52
N LYS A 336 41.17 16.31 65.59
CA LYS A 336 40.78 17.64 65.10
C LYS A 336 40.67 17.65 63.57
N THR A 337 41.79 17.38 62.90
CA THR A 337 41.83 17.47 61.44
C THR A 337 42.05 16.10 60.79
N GLU A 338 41.42 15.89 59.64
CA GLU A 338 41.63 14.67 58.89
C GLU A 338 42.88 14.80 58.04
N GLU A 339 43.80 13.86 58.22
CA GLU A 339 45.03 13.86 57.45
C GLU A 339 45.10 12.69 56.48
N ASN A 340 45.61 12.95 55.28
CA ASN A 340 45.88 11.88 54.34
C ASN A 340 47.36 11.54 54.43
N ILE A 341 47.64 10.40 55.05
CA ILE A 341 49.00 10.00 55.36
C ILE A 341 49.42 8.89 54.43
N ILE A 342 50.67 8.94 53.97
CA ILE A 342 51.25 7.85 53.19
C ILE A 342 51.04 6.55 53.95
N LEU A 343 50.65 5.50 53.23
CA LEU A 343 50.34 4.22 53.84
C LEU A 343 51.49 3.73 54.73
N ASN A 344 51.14 3.22 55.90
CA ASN A 344 52.10 2.77 56.89
C ASN A 344 52.56 1.36 56.58
N GLU A 345 52.13 0.87 55.42
CA GLU A 345 52.43 -0.46 54.88
C GLU A 345 51.54 -1.51 55.52
N VAL A 346 50.78 -1.08 56.52
CA VAL A 346 49.77 -1.94 57.11
C VAL A 346 48.54 -1.93 56.20
N ILE A 347 48.14 -3.12 55.76
CA ILE A 347 46.92 -3.27 54.98
C ILE A 347 45.78 -3.69 55.90
N SER A 348 46.05 -3.74 57.19
CA SER A 348 45.01 -3.99 58.18
C SER A 348 44.10 -2.76 58.24
N GLY A 349 42.81 -3.01 58.00
CA GLY A 349 41.87 -1.95 57.69
C GLY A 349 41.87 -1.87 56.19
N ASN A 350 40.72 -1.59 55.58
CA ASN A 350 40.61 -1.79 54.14
C ASN A 350 40.93 -0.56 53.29
N GLU A 351 41.39 0.51 53.93
CA GLU A 351 41.57 1.77 53.22
C GLU A 351 42.89 1.84 52.47
N CMH A 352 42.78 1.96 51.15
CA CMH A 352 43.93 2.20 50.29
C CMH A 352 43.54 3.25 49.29
O CMH A 352 43.35 2.96 48.10
CB CMH A 352 44.32 0.92 49.54
SG CMH A 352 45.58 -0.10 50.28
CM CMH A 352 42.97 -3.23 52.07
HG CMH A 352 44.15 -1.68 51.28
N TYR A 353 43.38 4.48 49.75
CA TYR A 353 43.13 5.57 48.82
C TYR A 353 44.39 5.76 48.00
N CMH A 354 44.27 5.73 46.69
CA CMH A 354 45.42 5.89 45.82
C CMH A 354 45.32 7.18 45.05
O CMH A 354 44.30 7.45 44.41
CB CMH A 354 45.53 4.71 44.86
SG CMH A 354 47.14 3.96 44.65
CM CMH A 354 46.78 0.27 47.08
HG CMH A 354 46.90 2.06 46.01
N ALA A 355 46.39 7.98 45.11
CA ALA A 355 46.45 9.17 44.26
C ALA A 355 47.16 8.82 42.97
N PHE A 356 46.41 8.88 41.87
CA PHE A 356 46.90 8.53 40.55
C PHE A 356 47.18 9.79 39.74
N GLU A 357 48.35 9.84 39.14
CA GLU A 357 48.63 10.85 38.14
C GLU A 357 48.81 10.18 36.79
N LEU A 358 47.92 10.51 35.86
CA LEU A 358 47.89 9.88 34.55
C LEU A 358 48.77 10.60 33.54
N GLU A 359 49.41 9.82 32.67
CA GLU A 359 50.24 10.36 31.60
C GLU A 359 49.37 10.94 30.49
N GLU A 360 48.31 10.22 30.12
CA GLU A 360 47.37 10.67 29.12
C GLU A 360 46.09 11.13 29.81
N LYS A 361 45.11 11.55 29.03
CA LYS A 361 43.83 11.95 29.61
C LYS A 361 42.86 10.77 29.61
N VAL A 362 41.71 10.97 30.23
CA VAL A 362 40.71 9.92 30.33
C VAL A 362 39.33 10.53 30.63
N LEU A 363 38.26 9.81 30.31
CA LEU A 363 36.92 10.28 30.63
C LEU A 363 36.37 9.52 31.83
N ALA A 364 35.99 10.26 32.87
CA ALA A 364 35.56 9.64 34.11
C ALA A 364 34.49 10.44 34.87
N GLU A 365 33.84 9.74 35.80
CA GLU A 365 32.82 10.33 36.66
C GLU A 365 33.10 9.83 38.07
N VAL A 366 32.64 10.56 39.08
CA VAL A 366 32.84 10.13 40.46
C VAL A 366 32.02 8.89 40.77
N GLY A 367 32.68 7.83 41.24
CA GLY A 367 32.01 6.59 41.57
C GLY A 367 32.24 5.51 40.53
N ASP A 368 32.95 5.86 39.45
CA ASP A 368 33.26 4.90 38.40
C ASP A 368 34.28 3.87 38.86
N ARG A 369 33.99 2.59 38.60
CA ARG A 369 34.93 1.53 38.93
C ARG A 369 36.16 1.61 38.04
N VAL A 370 37.31 1.60 38.68
CA VAL A 370 38.61 1.74 38.02
C VAL A 370 39.39 0.45 38.26
N LEU A 371 40.14 0.01 37.25
CA LEU A 371 40.88 -1.25 37.37
C LEU A 371 42.38 -1.06 37.24
N ILE A 372 43.12 -1.34 38.32
CA ILE A 372 44.57 -1.19 38.26
C ILE A 372 45.20 -2.48 37.76
N THR A 373 45.93 -2.40 36.65
CA THR A 373 46.57 -3.58 36.11
C THR A 373 48.05 -3.32 35.89
N ARG A 374 48.85 -4.38 35.90
CA ARG A 374 50.16 -4.30 35.31
C ARG A 374 50.11 -5.23 34.11
N LEU A 375 50.01 -4.63 32.93
CA LEU A 375 49.90 -5.39 31.69
C LEU A 375 51.24 -5.48 30.99
N ASP A 376 52.24 -4.84 31.57
CA ASP A 376 53.60 -4.90 31.05
C ASP A 376 54.12 -6.32 31.19
N LEU A 377 53.71 -6.98 32.27
CA LEU A 377 54.13 -8.35 32.55
C LEU A 377 53.65 -9.31 31.46
N PRO A 378 54.35 -10.45 31.31
CA PRO A 378 53.93 -11.47 30.35
C PRO A 378 52.54 -11.99 30.69
N PRO A 379 51.78 -12.43 29.68
CA PRO A 379 50.44 -12.99 29.84
C PRO A 379 50.42 -14.23 30.74
N THR A 380 51.58 -14.81 30.99
CA THR A 380 51.70 -16.05 31.77
C THR A 380 51.45 -15.89 33.27
N THR A 381 51.43 -14.66 33.75
CA THR A 381 51.23 -14.40 35.18
C THR A 381 50.05 -13.45 35.41
N LEU A 382 49.37 -13.62 36.54
CA LEU A 382 48.21 -12.82 36.90
C LEU A 382 48.56 -11.33 36.90
N ARG A 383 47.81 -10.56 36.12
CA ARG A 383 48.15 -9.16 35.85
C ARG A 383 47.42 -8.06 36.63
N ILE A 384 46.52 -8.43 37.55
CA ILE A 384 45.66 -7.42 38.19
C ILE A 384 46.25 -6.84 39.49
N CMH A 385 46.58 -5.56 39.44
CA CMH A 385 47.15 -4.83 40.58
C CMH A 385 46.12 -4.05 41.41
O CMH A 385 46.48 -3.18 42.20
CB CMH A 385 48.26 -3.88 40.14
SG CMH A 385 49.94 -4.36 40.53
CM CMH A 385 49.41 -8.59 39.33
HG CMH A 385 49.78 -6.62 39.95
N GLY A 386 44.85 -4.33 41.17
CA GLY A 386 43.81 -3.87 42.09
C GLY A 386 42.53 -3.45 41.41
N HIS A 387 41.60 -2.93 42.20
CA HIS A 387 40.42 -2.27 41.65
C HIS A 387 39.89 -1.28 42.67
N GLY A 388 39.10 -0.31 42.25
CA GLY A 388 38.54 0.63 43.20
C GLY A 388 37.66 1.73 42.65
N LEU A 389 36.92 2.39 43.52
CA LEU A 389 35.96 3.41 43.10
C LEU A 389 36.61 4.79 43.05
N ILE A 390 36.30 5.59 42.04
CA ILE A 390 36.90 6.92 41.98
C ILE A 390 36.15 7.85 42.93
N GLU A 391 36.84 8.30 43.97
CA GLU A 391 36.27 9.20 44.95
C GLU A 391 36.34 10.66 44.55
N GLU A 392 37.50 11.07 44.03
CA GLU A 392 37.76 12.46 43.69
C GLU A 392 38.69 12.51 42.49
N PHE A 393 38.60 13.58 41.72
CA PHE A 393 39.66 13.87 40.78
C PHE A 393 40.46 15.00 41.40
N LYS A 394 41.63 14.66 41.94
CA LYS A 394 42.46 15.62 42.63
C LYS A 394 43.93 15.27 42.46
N PRO A 395 44.77 16.30 42.33
CA PRO A 395 46.21 16.09 42.30
C PRO A 395 46.81 15.81 43.69
N ILE A 396 47.93 15.10 43.71
CA ILE A 396 48.59 14.71 44.95
C ILE A 396 48.96 15.92 45.80
N LYS A 397 49.49 16.95 45.15
CA LYS A 397 49.96 18.15 45.83
C LYS A 397 48.88 18.81 46.70
N ASP A 398 47.63 18.69 46.27
CA ASP A 398 46.52 19.31 46.99
C ASP A 398 45.90 18.40 48.04
N LEU A 399 46.30 17.13 48.04
CA LEU A 399 45.84 16.18 49.06
C LEU A 399 46.52 16.44 50.40
N ASN A 400 47.51 17.34 50.38
CA ASN A 400 48.32 17.62 51.55
C ASN A 400 48.89 16.36 52.17
N ILE A 401 49.53 15.55 51.33
CA ILE A 401 50.07 14.27 51.75
C ILE A 401 51.09 14.47 52.87
N LYS A 402 51.06 13.58 53.85
CA LYS A 402 51.97 13.67 54.99
C LYS A 402 52.53 12.31 55.35
N LYS A 403 53.69 12.31 55.99
CA LYS A 403 54.32 11.07 56.43
C LYS A 403 54.19 10.97 57.94
N GLU A 404 53.74 9.81 58.41
CA GLU A 404 53.75 9.53 59.84
C GLU A 404 55.20 9.25 60.23
N VAL A 405 55.70 10.00 61.21
CA VAL A 405 57.10 9.87 61.60
C VAL A 405 57.29 9.38 63.03
N LEU A 406 57.91 8.21 63.14
CA LEU A 406 58.18 7.58 64.43
C LEU A 406 59.64 7.18 64.53
N ARG A 407 60.34 7.71 65.53
CA ARG A 407 61.71 7.32 65.78
C ARG A 407 61.79 6.68 67.16
N GLU A 408 62.44 5.53 67.27
CA GLU A 408 62.45 4.84 68.55
C GLU A 408 63.83 4.74 69.18
N GLY A 409 63.89 5.01 70.48
CA GLY A 409 65.14 4.95 71.22
C GLY A 409 64.91 4.50 72.65
N LYS A 410 65.95 4.11 73.36
CA LYS A 410 65.79 3.62 74.72
C LYS A 410 66.23 4.64 75.75
N VAL A 411 66.01 4.31 77.02
CA VAL A 411 66.40 5.15 78.14
C VAL A 411 67.51 4.49 78.93
N LYS A 412 68.71 5.06 78.84
CA LYS A 412 69.84 4.57 79.60
C LYS A 412 70.10 5.50 80.77
N ILE A 413 70.07 4.94 81.98
CA ILE A 413 70.29 5.74 83.17
C ILE A 413 71.47 5.23 83.98
N ASP A 414 72.52 6.04 84.05
CA ASP A 414 73.64 5.72 84.92
C ASP A 414 73.38 6.39 86.26
N LYS A 415 74.37 6.43 87.14
CA LYS A 415 74.17 7.07 88.43
C LYS A 415 73.88 8.55 88.22
N GLY A 416 72.74 9.01 88.70
CA GLY A 416 72.41 10.42 88.68
C GLY A 416 72.11 11.04 87.33
N ARG A 417 72.35 10.31 86.23
CA ARG A 417 72.11 10.89 84.91
C ARG A 417 71.25 10.01 83.99
N THR A 418 70.30 10.67 83.33
CA THR A 418 69.40 10.01 82.40
C THR A 418 69.73 10.42 80.97
N VAL A 419 69.75 9.45 80.08
CA VAL A 419 70.14 9.66 78.69
C VAL A 419 69.18 8.90 77.79
N ILE A 420 68.92 9.41 76.60
CA ILE A 420 68.14 8.69 75.61
C ILE A 420 69.01 8.34 74.41
N ASP A 421 68.97 7.08 74.00
CA ASP A 421 69.86 6.61 72.95
C ASP A 421 69.07 6.07 71.77
N GLY A 422 69.57 6.29 70.55
CA GLY A 422 68.97 5.67 69.39
C GLY A 422 68.08 6.58 68.57
N LEU A 423 67.76 7.75 69.11
CA LEU A 423 66.98 8.73 68.37
C LEU A 423 67.86 9.50 67.37
N ALA A 424 69.17 9.51 67.63
CA ALA A 424 70.12 10.22 66.78
C ALA A 424 71.46 9.48 66.67
N GLN A 425 72.03 9.47 65.47
CA GLN A 425 73.27 8.74 65.22
C GLN A 425 74.52 9.63 65.30
N SER A 426 74.32 10.94 65.47
CA SER A 426 75.45 11.86 65.54
C SER A 426 75.03 13.15 66.25
N LYS A 427 76.02 13.92 66.71
CA LYS A 427 75.75 15.14 67.47
C LYS A 427 74.95 16.17 66.67
N VAL A 428 75.13 16.14 65.36
CA VAL A 428 74.40 17.05 64.47
C VAL A 428 72.91 16.74 64.48
N ALA A 429 72.55 15.48 64.21
CA ALA A 429 71.16 15.05 64.24
C ALA A 429 70.56 15.24 65.64
N ALA A 430 71.35 14.89 66.65
CA ALA A 430 70.96 15.06 68.03
C ALA A 430 70.59 16.52 68.32
N GLU A 431 71.40 17.43 67.77
CA GLU A 431 71.13 18.86 67.94
C GLU A 431 69.90 19.28 67.15
N LYS A 432 69.64 18.59 66.03
CA LYS A 432 68.46 18.89 65.23
C LYS A 432 67.20 18.53 65.99
N LEU A 433 67.29 17.49 66.80
CA LEU A 433 66.13 16.95 67.51
C LEU A 433 65.68 17.75 68.73
N ILE A 434 66.55 18.63 69.24
CA ILE A 434 66.26 19.35 70.49
C ILE A 434 64.94 20.14 70.45
N GLY A 435 64.13 19.94 71.48
CA GLY A 435 62.85 20.62 71.61
C GLY A 435 61.67 19.92 70.94
N GLU A 436 61.73 18.60 70.83
CA GLU A 436 60.64 17.83 70.23
C GLU A 436 59.76 17.16 71.30
N GLU A 437 58.73 16.46 70.84
CA GLU A 437 57.82 15.74 71.74
C GLU A 437 58.20 14.27 71.81
N ILE A 438 58.25 13.72 73.02
CA ILE A 438 58.59 12.32 73.19
C ILE A 438 57.71 11.65 74.24
N SER A 439 57.33 10.40 73.96
CA SER A 439 56.54 9.60 74.89
C SER A 439 57.31 8.35 75.27
N ILE A 440 56.94 7.75 76.40
CA ILE A 440 57.54 6.48 76.78
C ILE A 440 56.49 5.36 76.74
N GLU A 441 56.84 4.25 76.08
CA GLU A 441 55.89 3.22 75.70
C GLU A 441 55.31 2.43 76.87
N GLY A 442 53.98 2.40 76.93
CA GLY A 442 53.25 1.53 77.84
C GLY A 442 53.18 2.05 79.27
N LYS A 443 54.04 3.02 79.58
CA LYS A 443 54.09 3.58 80.91
C LYS A 443 53.21 4.81 81.05
N ASP A 444 52.69 5.28 79.91
CA ASP A 444 51.85 6.46 79.87
C ASP A 444 52.54 7.66 80.51
N ILE A 445 53.68 8.07 79.93
CA ILE A 445 54.45 9.15 80.51
C ILE A 445 55.05 10.06 79.41
N VAL A 446 54.82 11.37 79.55
CA VAL A 446 55.22 12.33 78.52
C VAL A 446 56.48 13.10 78.89
N GLY A 447 57.27 13.44 77.89
CA GLY A 447 58.50 14.16 78.09
C GLY A 447 58.95 14.99 76.90
N LYS A 448 59.76 16.01 77.18
CA LYS A 448 60.33 16.86 76.16
C LYS A 448 61.85 16.72 76.16
N ILE A 449 62.46 16.79 74.98
CA ILE A 449 63.89 16.57 74.85
C ILE A 449 64.64 17.91 74.72
N LYS A 450 65.28 18.33 75.80
CA LYS A 450 66.01 19.59 75.84
C LYS A 450 67.48 19.54 75.40
N GLY A 451 68.20 18.55 75.90
CA GLY A 451 69.64 18.53 75.74
C GLY A 451 70.21 17.54 74.77
N THR A 452 71.49 17.73 74.44
CA THR A 452 72.22 16.85 73.54
C THR A 452 73.54 16.46 74.20
N PHE A 453 73.72 15.16 74.40
CA PHE A 453 74.86 14.63 75.15
C PHE A 453 75.83 13.87 74.25
N GLY A 454 77.12 14.18 74.38
CA GLY A 454 78.16 13.43 73.71
C GLY A 454 78.26 13.61 72.22
N THR A 455 79.29 13.00 71.64
CA THR A 455 79.55 13.07 70.20
C THR A 455 78.90 11.95 69.40
N LYS A 456 78.32 10.98 70.10
CA LYS A 456 77.74 9.80 69.46
C LYS A 456 76.24 9.96 69.21
N GLY A 457 75.69 11.11 69.59
CA GLY A 457 74.29 11.40 69.34
C GLY A 457 73.32 11.09 70.48
N LEU A 458 73.84 10.99 71.69
CA LEU A 458 72.99 10.79 72.86
C LEU A 458 72.25 12.08 73.21
N LEU A 459 71.09 11.95 73.85
CA LEU A 459 70.29 13.13 74.19
C LEU A 459 69.98 13.20 75.68
N THR A 460 69.33 14.29 76.07
CA THR A 460 68.89 14.47 77.44
C THR A 460 67.49 15.05 77.38
N ALA A 461 66.60 14.58 78.25
CA ALA A 461 65.21 15.02 78.16
C ALA A 461 64.51 15.24 79.50
N GLU A 462 63.53 16.14 79.47
CA GLU A 462 62.70 16.43 80.64
C GLU A 462 61.46 15.54 80.67
N PHE A 463 61.36 14.71 81.69
CA PHE A 463 60.23 13.79 81.83
C PHE A 463 59.41 14.05 83.09
N SER A 464 58.18 13.56 83.08
CA SER A 464 57.47 13.34 84.32
C SER A 464 58.28 12.25 85.03
N GLY A 465 58.18 12.19 86.35
CA GLY A 465 59.05 11.30 87.11
C GLY A 465 58.78 9.82 86.89
N ASN A 466 59.47 9.00 87.65
CA ASN A 466 59.35 7.53 87.57
C ASN A 466 59.80 6.93 86.24
N VAL A 467 60.86 7.49 85.67
CA VAL A 467 61.49 6.90 84.49
C VAL A 467 62.45 5.80 84.94
N GLU A 468 62.56 4.73 84.16
CA GLU A 468 63.41 3.61 84.52
C GLU A 468 64.37 3.22 83.40
N ASN A 469 65.39 2.45 83.73
CA ASN A 469 66.40 2.02 82.77
C ASN A 469 65.79 1.12 81.69
N ARG A 470 66.36 1.18 80.49
CA ARG A 470 65.90 0.38 79.36
C ARG A 470 64.43 0.61 79.01
N ASP A 471 63.94 1.82 79.27
CA ASP A 471 62.59 2.20 78.90
C ASP A 471 62.48 2.47 77.40
N LYS A 472 61.26 2.42 76.87
CA LYS A 472 61.04 2.64 75.44
C LYS A 472 60.50 4.02 75.12
N VAL A 473 61.26 4.74 74.32
CA VAL A 473 60.94 6.10 73.88
C VAL A 473 60.48 6.12 72.43
N ILE A 474 59.26 6.60 72.25
CA ILE A 474 58.68 6.81 70.93
C ILE A 474 58.61 8.31 70.63
N LEU A 475 59.22 8.68 69.51
CA LEU A 475 59.26 10.04 69.01
C LEU A 475 58.26 10.16 67.88
N ASN A 476 57.29 11.06 68.05
CA ASN A 476 56.13 11.12 67.15
C ASN A 476 55.95 12.50 66.52
N ARG A 477 55.90 12.53 65.19
CA ARG A 477 55.69 13.80 64.48
C ARG A 477 55.14 13.61 63.06
N LEU A 478 54.60 14.69 62.49
CA LEU A 478 54.10 14.65 61.12
C LEU A 478 55.07 15.33 60.16
N ARG A 479 55.30 14.68 59.02
CA ARG A 479 56.28 15.14 58.04
C ARG A 479 55.63 15.46 56.71
N ARG A 480 56.34 16.24 55.90
CA ARG A 480 55.91 16.50 54.53
C ARG A 480 56.45 15.35 53.68
N TRP A 481 55.55 14.61 53.05
CA TRP A 481 55.97 13.45 52.27
C TRP A 481 56.21 13.81 50.81
N GLY A 482 57.41 13.48 50.34
CA GLY A 482 57.76 13.67 48.94
C GLY A 482 57.60 15.10 48.45
N MET B 15 -27.20 14.43 -7.95
CA MET B 15 -26.19 15.28 -7.32
C MET B 15 -24.97 15.46 -8.22
N ASP B 16 -24.06 16.33 -7.79
CA ASP B 16 -22.85 16.61 -8.55
C ASP B 16 -21.65 16.01 -7.80
N PHE B 17 -21.05 14.98 -8.38
CA PHE B 17 -20.01 14.22 -7.69
C PHE B 17 -18.60 14.47 -8.21
N LYS B 18 -17.64 14.56 -7.28
CA LYS B 18 -16.23 14.60 -7.62
C LYS B 18 -15.63 13.21 -7.38
N ASN B 19 -14.89 12.71 -8.37
CA ASN B 19 -14.31 11.37 -8.28
C ASN B 19 -12.90 11.37 -7.68
N ILE B 20 -12.76 10.70 -6.54
CA ILE B 20 -11.54 10.76 -5.74
C ILE B 20 -10.90 9.39 -5.54
N ASN B 21 -9.58 9.32 -5.67
CA ASN B 21 -8.82 8.14 -5.32
C ASN B 21 -7.99 8.37 -4.06
N LEU B 22 -8.35 7.67 -2.98
CA LEU B 22 -7.74 7.87 -1.68
C LEU B 22 -6.88 6.68 -1.27
N GLY B 23 -5.57 6.88 -1.19
CA GLY B 23 -4.64 5.81 -0.87
C GLY B 23 -4.43 5.57 0.61
N ILE B 24 -4.15 4.32 0.97
CA ILE B 24 -3.90 3.95 2.36
C ILE B 24 -2.45 3.45 2.53
N PHE B 25 -1.76 3.93 3.55
CA PHE B 25 -0.34 3.58 3.74
C PHE B 25 0.06 3.32 5.18
N GLY B 26 1.15 2.59 5.36
CA GLY B 26 1.71 2.33 6.67
C GLY B 26 2.47 1.03 6.72
N HIS B 27 3.07 0.75 7.88
CA HIS B 27 3.74 -0.53 8.11
C HIS B 27 2.66 -1.59 8.18
N ILE B 28 2.99 -2.83 7.84
CA ILE B 28 2.03 -3.92 7.94
C ILE B 28 1.64 -4.16 9.40
N ASP B 29 0.43 -4.65 9.60
CA ASP B 29 -0.13 -4.89 10.94
C ASP B 29 -0.53 -3.60 11.67
N HIS B 30 -0.30 -2.45 11.05
CA HIS B 30 -0.64 -1.17 11.66
C HIS B 30 -2.10 -0.76 11.47
N GLY B 31 -2.89 -1.62 10.82
CA GLY B 31 -4.32 -1.38 10.71
C GLY B 31 -4.88 -0.85 9.39
N LYS B 32 -4.09 -0.93 8.33
CA LYS B 32 -4.51 -0.45 7.00
C LYS B 32 -5.84 -1.03 6.52
N THR B 33 -5.86 -2.33 6.26
CA THR B 33 -7.03 -3.01 5.72
C THR B 33 -8.26 -2.82 6.60
N THR B 34 -8.04 -2.77 7.92
CA THR B 34 -9.11 -2.54 8.88
C THR B 34 -9.72 -1.15 8.70
N LEU B 35 -8.87 -0.13 8.64
CA LEU B 35 -9.33 1.23 8.40
C LEU B 35 -10.11 1.30 7.09
N SER B 36 -9.64 0.57 6.09
CA SER B 36 -10.32 0.50 4.80
C SER B 36 -11.75 -0.06 4.96
N LYS B 37 -11.87 -1.21 5.60
CA LYS B 37 -13.19 -1.82 5.82
C LYS B 37 -14.12 -0.87 6.58
N VAL B 38 -13.58 -0.26 7.64
CA VAL B 38 -14.33 0.69 8.45
C VAL B 38 -14.88 1.82 7.60
N LEU B 39 -14.00 2.52 6.90
CA LEU B 39 -14.42 3.63 6.03
C LEU B 39 -15.45 3.19 5.01
N THR B 40 -15.24 1.99 4.46
CA THR B 40 -16.16 1.43 3.47
C THR B 40 -17.58 1.27 3.98
N GLU B 41 -17.78 0.38 4.95
CA GLU B 41 -19.14 -0.07 5.27
C GLU B 41 -20.07 0.92 6.00
N ILE B 42 -19.53 2.00 6.54
CA ILE B 42 -20.40 3.03 7.13
C ILE B 42 -21.12 3.82 6.05
N ALA B 43 -20.36 4.36 5.09
CA ALA B 43 -20.89 5.12 3.96
C ALA B 43 -21.91 6.19 4.37
N LYS B 56 -20.66 -12.84 9.48
CA LYS B 56 -20.71 -11.43 9.07
C LYS B 56 -19.50 -11.08 8.22
N ARG B 57 -18.61 -12.05 8.02
CA ARG B 57 -17.39 -11.84 7.25
C ARG B 57 -17.65 -11.98 5.75
N GLY B 58 -17.21 -10.98 4.98
CA GLY B 58 -17.46 -10.94 3.56
C GLY B 58 -16.82 -12.04 2.74
N ILE B 59 -17.58 -12.58 1.79
CA ILE B 59 -17.11 -13.64 0.90
C ILE B 59 -16.63 -13.06 -0.44
N THR B 60 -16.78 -11.75 -0.60
CA THR B 60 -16.56 -11.11 -1.90
C THR B 60 -15.08 -10.84 -2.21
N ILE B 61 -14.70 -11.08 -3.46
CA ILE B 61 -13.34 -10.84 -3.93
C ILE B 61 -12.96 -9.37 -3.82
N ASP B 62 -11.68 -9.10 -3.57
CA ASP B 62 -11.18 -7.73 -3.61
C ASP B 62 -10.14 -7.53 -4.72
N ILE B 63 -10.54 -6.87 -5.80
CA ILE B 63 -9.58 -6.41 -6.80
C ILE B 63 -9.21 -4.93 -6.67
N GLY B 64 -9.67 -4.28 -5.60
CA GLY B 64 -9.33 -2.87 -5.38
C GLY B 64 -10.43 -1.86 -5.66
N PHE B 65 -11.67 -2.34 -5.75
CA PHE B 65 -12.81 -1.47 -6.03
C PHE B 65 -13.55 -0.96 -4.78
N SER B 66 -13.00 -1.23 -3.60
CA SER B 66 -13.61 -0.77 -2.35
C SER B 66 -13.83 0.74 -2.40
N ALA B 67 -15.06 1.15 -2.11
CA ALA B 67 -15.44 2.55 -2.28
C ALA B 67 -16.54 3.02 -1.33
N PHE B 68 -16.61 4.33 -1.13
CA PHE B 68 -17.62 4.93 -0.26
C PHE B 68 -17.83 6.40 -0.62
N LYS B 69 -18.96 6.97 -0.18
CA LYS B 69 -19.27 8.36 -0.49
C LYS B 69 -19.23 9.26 0.74
N LEU B 70 -18.41 10.30 0.68
CA LEU B 70 -18.39 11.35 1.69
C LEU B 70 -18.93 12.62 1.07
N GLU B 71 -20.13 13.03 1.49
CA GLU B 71 -20.82 14.16 0.88
C GLU B 71 -20.91 13.99 -0.63
N ASN B 72 -20.28 14.91 -1.36
CA ASN B 72 -20.29 14.86 -2.82
C ASN B 72 -19.15 14.05 -3.41
N TYR B 73 -18.24 13.60 -2.56
CA TYR B 73 -17.08 12.83 -3.02
C TYR B 73 -17.39 11.35 -3.22
N ARG B 74 -17.12 10.84 -4.42
CA ARG B 74 -17.13 9.40 -4.63
C ARG B 74 -15.70 8.90 -4.48
N ILE B 75 -15.44 8.16 -3.41
CA ILE B 75 -14.08 7.79 -3.06
C ILE B 75 -13.77 6.32 -3.25
N THR B 76 -12.84 6.02 -4.16
CA THR B 76 -12.30 4.68 -4.30
C THR B 76 -10.96 4.60 -3.58
N LEU B 77 -10.78 3.57 -2.75
CA LEU B 77 -9.56 3.41 -1.99
C LEU B 77 -8.45 2.74 -2.79
N VAL B 78 -7.22 3.19 -2.57
CA VAL B 78 -6.07 2.48 -3.09
C VAL B 78 -5.48 1.70 -1.93
N ASP B 79 -5.68 0.39 -1.97
CA ASP B 79 -5.23 -0.51 -0.92
C ASP B 79 -4.63 -1.76 -1.55
N ALA B 80 -3.36 -2.01 -1.30
CA ALA B 80 -2.68 -3.18 -1.82
C ALA B 80 -2.07 -3.97 -0.67
N PRO B 81 -2.12 -5.31 -0.75
CA PRO B 81 -1.68 -6.18 0.34
C PRO B 81 -0.19 -6.04 0.69
N GLY B 82 0.67 -6.01 -0.32
CA GLY B 82 2.10 -5.99 -0.08
C GLY B 82 2.71 -4.61 0.00
N HIS B 83 3.99 -4.57 0.36
CA HIS B 83 4.74 -3.32 0.39
C HIS B 83 5.07 -2.89 -1.03
N ALA B 84 5.63 -3.84 -1.80
CA ALA B 84 6.01 -3.61 -3.18
C ALA B 84 4.78 -3.32 -4.04
N ASP B 85 3.71 -4.06 -3.81
CA ASP B 85 2.45 -3.86 -4.53
C ASP B 85 1.96 -2.44 -4.36
N LEU B 86 1.93 -1.98 -3.11
CA LEU B 86 1.47 -0.64 -2.79
C LEU B 86 2.35 0.40 -3.45
N ILE B 87 3.67 0.23 -3.34
CA ILE B 87 4.61 1.16 -3.98
C ILE B 87 4.39 1.26 -5.50
N ARG B 88 4.29 0.11 -6.16
CA ARG B 88 3.97 0.06 -7.59
C ARG B 88 2.70 0.84 -7.88
N ALA B 89 1.69 0.61 -7.05
CA ALA B 89 0.40 1.29 -7.20
C ALA B 89 0.56 2.81 -7.12
N VAL B 90 1.40 3.27 -6.20
CA VAL B 90 1.62 4.71 -6.04
C VAL B 90 2.33 5.30 -7.26
N VAL B 91 3.39 4.63 -7.71
CA VAL B 91 4.15 5.12 -8.86
C VAL B 91 3.27 5.17 -10.11
N SER B 92 2.46 4.13 -10.30
CA SER B 92 1.59 4.05 -11.48
C SER B 92 0.44 5.05 -11.42
N ALA B 93 -0.21 5.13 -10.27
CA ALA B 93 -1.42 5.94 -10.12
C ALA B 93 -1.19 7.36 -9.59
N ALA B 94 0.07 7.76 -9.46
CA ALA B 94 0.46 9.03 -8.83
C ALA B 94 -0.35 10.25 -9.30
N ASP B 95 -0.57 10.35 -10.61
CA ASP B 95 -1.35 11.47 -11.16
C ASP B 95 -2.78 11.44 -10.62
N ILE B 96 -3.28 10.23 -10.38
CA ILE B 96 -4.66 10.01 -9.99
C ILE B 96 -4.92 10.15 -8.48
N ILE B 97 -3.89 10.01 -7.66
CA ILE B 97 -4.12 9.87 -6.22
C ILE B 97 -4.23 11.22 -5.51
N ASP B 98 -5.43 11.51 -5.03
CA ASP B 98 -5.75 12.83 -4.48
C ASP B 98 -5.29 13.01 -3.03
N LEU B 99 -5.52 11.99 -2.21
CA LEU B 99 -5.23 12.09 -0.78
C LEU B 99 -4.69 10.76 -0.26
N ALA B 100 -3.78 10.83 0.71
CA ALA B 100 -3.20 9.62 1.28
C ALA B 100 -3.35 9.58 2.79
N LEU B 101 -3.65 8.41 3.33
CA LEU B 101 -3.68 8.24 4.78
C LEU B 101 -2.52 7.34 5.19
N ILE B 102 -1.59 7.87 5.97
CA ILE B 102 -0.51 7.03 6.49
C ILE B 102 -0.83 6.60 7.91
N VAL B 103 -1.06 5.31 8.10
CA VAL B 103 -1.38 4.82 9.44
C VAL B 103 -0.16 4.40 10.24
N VAL B 104 -0.10 4.87 11.48
CA VAL B 104 0.98 4.53 12.38
C VAL B 104 0.41 3.98 13.69
N ASP B 105 0.92 2.83 14.11
CA ASP B 105 0.47 2.22 15.36
C ASP B 105 0.81 3.12 16.54
N ALA B 106 -0.17 3.34 17.42
CA ALA B 106 0.01 4.22 18.56
C ALA B 106 1.15 3.75 19.46
N LYS B 107 1.15 2.46 19.79
CA LYS B 107 2.17 1.90 20.67
C LYS B 107 3.53 1.75 20.02
N GLU B 108 3.57 1.08 18.87
CA GLU B 108 4.83 0.79 18.20
C GLU B 108 5.43 2.04 17.55
N GLY B 109 4.57 2.92 17.08
CA GLY B 109 5.02 4.13 16.41
C GLY B 109 5.54 3.84 15.03
N PRO B 110 6.13 4.87 14.39
CA PRO B 110 6.65 4.80 13.01
C PRO B 110 7.69 3.70 12.83
N LYS B 111 7.65 3.05 11.68
CA LYS B 111 8.60 2.01 11.31
C LYS B 111 9.11 2.29 9.91
N THR B 112 10.15 1.56 9.49
CA THR B 112 10.82 1.82 8.22
C THR B 112 9.89 1.97 7.02
N GLN B 113 8.86 1.11 6.95
CA GLN B 113 7.91 1.16 5.84
C GLN B 113 7.09 2.45 5.86
N THR B 114 6.69 2.89 7.05
CA THR B 114 5.96 4.14 7.20
C THR B 114 6.80 5.30 6.69
N GLY B 115 8.11 5.22 6.93
CA GLY B 115 9.03 6.24 6.46
C GLY B 115 9.21 6.20 4.95
N GLU B 116 9.25 4.99 4.40
CA GLU B 116 9.35 4.83 2.95
C GLU B 116 8.14 5.43 2.24
N HIS B 117 6.95 5.13 2.79
CA HIS B 117 5.71 5.67 2.25
C HIS B 117 5.68 7.19 2.41
N MET B 118 6.18 7.68 3.53
CA MET B 118 6.26 9.12 3.77
C MET B 118 7.10 9.79 2.69
N LEU B 119 8.28 9.23 2.45
CA LEU B 119 9.20 9.73 1.45
C LEU B 119 8.57 9.71 0.05
N ILE B 120 7.91 8.61 -0.28
CA ILE B 120 7.26 8.47 -1.59
C ILE B 120 6.16 9.50 -1.79
N LEU B 121 5.27 9.62 -0.81
CA LEU B 121 4.16 10.56 -0.89
C LEU B 121 4.65 12.00 -0.92
N ASP B 122 5.78 12.26 -0.28
CA ASP B 122 6.38 13.59 -0.32
C ASP B 122 6.96 13.88 -1.71
N HIS B 123 7.62 12.88 -2.28
CA HIS B 123 8.23 13.03 -3.60
C HIS B 123 7.19 13.23 -4.69
N PHE B 124 6.02 12.63 -4.53
CA PHE B 124 4.97 12.72 -5.54
C PHE B 124 4.00 13.86 -5.25
N ASN B 125 4.29 14.64 -4.21
CA ASN B 125 3.49 15.81 -3.84
C ASN B 125 2.05 15.45 -3.49
N ILE B 126 1.83 14.24 -3.00
CA ILE B 126 0.51 13.80 -2.60
C ILE B 126 0.23 14.22 -1.16
N PRO B 127 -0.84 15.01 -0.95
CA PRO B 127 -1.19 15.47 0.39
C PRO B 127 -1.66 14.31 1.28
N ILE B 128 -1.29 14.37 2.56
CA ILE B 128 -1.54 13.26 3.46
C ILE B 128 -2.21 13.65 4.77
N ILE B 129 -2.79 12.64 5.41
CA ILE B 129 -3.23 12.73 6.79
C ILE B 129 -2.58 11.58 7.54
N VAL B 130 -1.92 11.90 8.65
CA VAL B 130 -1.32 10.87 9.48
C VAL B 130 -2.38 10.35 10.44
N VAL B 131 -2.69 9.08 10.32
CA VAL B 131 -3.74 8.46 11.12
C VAL B 131 -3.10 7.50 12.11
N ILE B 132 -3.22 7.82 13.40
CA ILE B 132 -2.65 6.97 14.43
C ILE B 132 -3.67 5.94 14.86
N THR B 133 -3.38 4.67 14.57
CA THR B 133 -4.34 3.61 14.80
C THR B 133 -4.12 2.89 16.13
N LYS B 134 -5.00 1.93 16.42
CA LYS B 134 -4.93 1.14 17.64
C LYS B 134 -4.88 2.01 18.89
N SER B 135 -5.68 3.07 18.91
CA SER B 135 -5.71 4.00 20.02
C SER B 135 -6.38 3.38 21.24
N ASP B 136 -7.14 2.31 21.01
CA ASP B 136 -7.76 1.57 22.09
C ASP B 136 -6.72 0.76 22.85
N ASN B 137 -5.56 0.61 22.24
CA ASN B 137 -4.47 -0.18 22.81
C ASN B 137 -3.48 0.65 23.60
N ALA B 138 -3.66 1.97 23.60
CA ALA B 138 -2.71 2.87 24.25
C ALA B 138 -3.38 3.86 25.19
N GLY B 139 -2.55 4.67 25.85
CA GLY B 139 -3.03 5.70 26.74
C GLY B 139 -3.02 7.08 26.10
N THR B 140 -3.66 8.04 26.76
CA THR B 140 -3.75 9.40 26.24
C THR B 140 -2.38 10.02 25.96
N GLU B 141 -1.52 10.03 26.98
CA GLU B 141 -0.21 10.64 26.86
C GLU B 141 0.68 9.88 25.89
N GLU B 142 0.51 8.57 25.83
CA GLU B 142 1.27 7.70 24.93
C GLU B 142 0.98 8.06 23.47
N ILE B 143 -0.30 8.08 23.14
CA ILE B 143 -0.78 8.52 21.83
C ILE B 143 -0.22 9.88 21.51
N LYS B 144 -0.23 10.77 22.50
CA LYS B 144 0.32 12.12 22.30
C LYS B 144 1.81 12.06 21.95
N ARG B 145 2.53 11.15 22.58
CA ARG B 145 3.95 10.96 22.31
C ARG B 145 4.16 10.60 20.83
N THR B 146 3.50 9.53 20.40
CA THR B 146 3.66 9.09 19.01
C THR B 146 3.28 10.20 18.04
N GLU B 147 2.21 10.93 18.36
CA GLU B 147 1.77 12.06 17.55
C GLU B 147 2.87 13.12 17.40
N MET B 148 3.45 13.53 18.52
CA MET B 148 4.53 14.51 18.50
C MET B 148 5.70 14.03 17.66
N ILE B 149 6.03 12.75 17.80
CA ILE B 149 7.08 12.13 16.98
C ILE B 149 6.77 12.34 15.50
N MET B 150 5.53 12.05 15.12
CA MET B 150 5.14 12.17 13.72
C MET B 150 5.17 13.61 13.20
N LYS B 151 4.77 14.57 14.02
CA LYS B 151 4.88 15.98 13.64
C LYS B 151 6.34 16.33 13.39
N SER B 152 7.20 15.94 14.32
CA SER B 152 8.63 16.22 14.24
C SER B 152 9.25 15.55 13.03
N ILE B 153 8.64 14.45 12.57
CA ILE B 153 9.09 13.80 11.35
C ILE B 153 8.64 14.57 10.11
N LEU B 154 7.38 15.02 10.13
CA LEU B 154 6.83 15.81 9.03
C LEU B 154 7.62 17.09 8.79
N GLN B 155 8.15 17.68 9.86
CA GLN B 155 8.87 18.94 9.72
C GLN B 155 10.16 18.82 8.89
N SER B 156 10.66 17.59 8.73
CA SER B 156 11.84 17.36 7.92
C SER B 156 11.45 16.98 6.49
N THR B 157 10.15 16.96 6.23
CA THR B 157 9.61 16.55 4.94
C THR B 157 9.29 17.78 4.09
N HIS B 158 9.61 17.73 2.80
CA HIS B 158 9.45 18.88 1.93
C HIS B 158 8.03 19.43 1.86
N ASN B 159 7.11 18.70 1.21
CA ASN B 159 5.75 19.21 1.00
C ASN B 159 4.74 18.88 2.11
N LEU B 160 5.06 17.92 2.97
CA LEU B 160 4.12 17.42 3.97
C LEU B 160 4.27 18.05 5.35
N LYS B 161 5.10 19.09 5.44
CA LYS B 161 5.55 19.65 6.71
C LYS B 161 4.47 19.88 7.77
N ASN B 162 3.41 20.59 7.41
CA ASN B 162 2.36 20.91 8.37
C ASN B 162 1.09 20.04 8.36
N SER B 163 1.08 19.01 7.50
CA SER B 163 -0.08 18.14 7.33
C SER B 163 -0.63 17.54 8.63
N SER B 164 -1.95 17.51 8.74
CA SER B 164 -2.63 17.18 10.01
C SER B 164 -2.56 15.72 10.44
N ILE B 165 -2.63 15.50 11.75
CA ILE B 165 -2.56 14.17 12.35
C ILE B 165 -3.73 13.94 13.30
N ILE B 166 -4.35 12.78 13.23
CA ILE B 166 -5.44 12.45 14.14
C ILE B 166 -5.35 11.01 14.66
N PRO B 167 -5.60 10.82 15.97
CA PRO B 167 -5.70 9.48 16.55
C PRO B 167 -7.06 8.85 16.30
N ILE B 168 -7.10 7.54 16.04
CA ILE B 168 -8.35 6.81 15.91
C ILE B 168 -8.21 5.38 16.42
N SER B 169 -9.34 4.75 16.73
CA SER B 169 -9.39 3.32 16.94
C SER B 169 -10.39 2.71 15.97
N ALA B 170 -9.89 1.94 15.00
CA ALA B 170 -10.76 1.33 13.99
C ALA B 170 -11.66 0.28 14.63
N LYS B 171 -11.16 -0.36 15.68
CA LYS B 171 -11.90 -1.38 16.40
C LYS B 171 -13.01 -0.76 17.22
N THR B 172 -12.69 0.32 17.93
CA THR B 172 -13.62 1.00 18.80
C THR B 172 -14.59 1.92 18.03
N GLY B 173 -14.05 2.63 17.04
CA GLY B 173 -14.83 3.63 16.34
C GLY B 173 -14.38 5.02 16.77
N PHE B 174 -13.35 5.05 17.61
CA PHE B 174 -12.81 6.28 18.15
C PHE B 174 -12.28 7.22 17.08
N GLY B 175 -12.71 8.48 17.14
CA GLY B 175 -12.21 9.51 16.25
C GLY B 175 -12.42 9.24 14.78
N VAL B 176 -13.28 8.28 14.47
CA VAL B 176 -13.56 7.92 13.09
C VAL B 176 -14.35 9.02 12.38
N ASP B 177 -15.36 9.55 13.07
CA ASP B 177 -16.12 10.67 12.54
C ASP B 177 -15.24 11.90 12.35
N GLU B 178 -14.35 12.13 13.31
CA GLU B 178 -13.39 13.22 13.22
C GLU B 178 -12.53 13.02 11.97
N LEU B 179 -12.16 11.77 11.72
CA LEU B 179 -11.32 11.43 10.57
C LEU B 179 -12.06 11.68 9.26
N LYS B 180 -13.35 11.35 9.24
CA LYS B 180 -14.16 11.56 8.04
C LYS B 180 -14.33 13.04 7.75
N ASN B 181 -14.70 13.82 8.76
CA ASN B 181 -14.80 15.27 8.62
C ASN B 181 -13.49 15.88 8.16
N LEU B 182 -12.39 15.39 8.72
CA LEU B 182 -11.06 15.85 8.37
C LEU B 182 -10.72 15.53 6.91
N ILE B 183 -11.11 14.34 6.47
CA ILE B 183 -10.89 13.93 5.09
C ILE B 183 -11.66 14.85 4.14
N ILE B 184 -12.93 15.09 4.47
CA ILE B 184 -13.76 15.98 3.65
C ILE B 184 -13.16 17.38 3.56
N THR B 185 -12.81 17.95 4.70
CA THR B 185 -12.23 19.29 4.74
C THR B 185 -10.91 19.35 3.96
N THR B 186 -10.10 18.30 4.09
CA THR B 186 -8.82 18.22 3.40
C THR B 186 -9.00 18.16 1.88
N LEU B 187 -9.96 17.36 1.43
CA LEU B 187 -10.26 17.26 0.01
C LEU B 187 -10.81 18.58 -0.51
N ASN B 188 -11.60 19.27 0.30
CA ASN B 188 -12.16 20.56 -0.08
C ASN B 188 -11.10 21.62 -0.33
N ASN B 189 -9.93 21.44 0.30
CA ASN B 189 -8.82 22.36 0.10
C ASN B 189 -7.94 21.96 -1.07
N ALA B 190 -8.20 20.78 -1.62
CA ALA B 190 -7.41 20.27 -2.73
C ALA B 190 -8.04 20.62 -4.07
N GLU B 191 -7.20 21.06 -5.00
CA GLU B 191 -7.65 21.30 -6.37
C GLU B 191 -7.43 20.05 -7.20
N ILE B 192 -8.45 19.66 -7.95
CA ILE B 192 -8.36 18.44 -8.75
C ILE B 192 -8.35 18.75 -10.24
N ILE B 193 -7.20 18.54 -10.86
CA ILE B 193 -7.05 18.74 -12.29
C ILE B 193 -6.73 17.42 -12.97
N ARG B 194 -7.70 16.91 -13.72
CA ARG B 194 -7.53 15.66 -14.45
C ARG B 194 -7.08 16.00 -15.86
N ASN B 195 -6.26 15.15 -16.46
CA ASN B 195 -5.92 15.40 -17.85
C ASN B 195 -6.96 14.66 -18.65
N THR B 196 -7.95 15.42 -19.13
CA THR B 196 -9.06 14.87 -19.88
C THR B 196 -8.75 14.73 -21.37
N GLU B 197 -7.87 15.62 -21.85
CA GLU B 197 -7.67 15.82 -23.29
C GLU B 197 -6.79 14.79 -23.97
N SER B 198 -5.70 14.42 -23.31
CA SER B 198 -4.62 13.69 -23.99
C SER B 198 -5.00 12.26 -24.35
N TYR B 199 -4.03 11.55 -24.92
CA TYR B 199 -4.21 10.15 -25.31
C TYR B 199 -4.66 9.36 -24.10
N PHE B 200 -5.55 8.40 -24.32
CA PHE B 200 -6.05 7.57 -23.23
C PHE B 200 -4.95 6.69 -22.67
N LYS B 201 -4.74 6.74 -21.35
CA LYS B 201 -3.81 5.82 -20.71
C LYS B 201 -4.39 5.23 -19.43
N MET B 202 -4.69 3.94 -19.46
CA MET B 202 -5.05 3.18 -18.27
C MET B 202 -4.13 1.98 -18.03
N PRO B 203 -3.31 2.04 -16.97
CA PRO B 203 -2.54 0.84 -16.60
C PRO B 203 -3.48 -0.28 -16.14
N LEU B 204 -3.24 -1.50 -16.61
CA LEU B 204 -4.12 -2.63 -16.27
C LEU B 204 -3.71 -3.35 -14.99
N ASP B 205 -4.59 -3.33 -14.00
CA ASP B 205 -4.34 -3.96 -12.71
C ASP B 205 -4.61 -5.45 -12.75
N HIS B 206 -5.87 -5.81 -13.03
CA HIS B 206 -6.28 -7.20 -13.01
C HIS B 206 -7.07 -7.54 -14.27
N ALA B 207 -7.11 -8.82 -14.61
CA ALA B 207 -7.86 -9.27 -15.77
C ALA B 207 -8.39 -10.68 -15.56
N PHE B 208 -9.61 -10.94 -16.03
CA PHE B 208 -10.09 -12.32 -16.08
C PHE B 208 -10.96 -12.58 -17.30
N PRO B 209 -10.82 -13.78 -17.89
CA PRO B 209 -11.56 -14.15 -19.10
C PRO B 209 -13.03 -14.46 -18.84
N ILE B 210 -13.88 -14.04 -19.76
CA ILE B 210 -15.23 -14.58 -19.86
C ILE B 210 -15.23 -15.40 -21.13
N LYS B 211 -15.27 -16.72 -20.97
CA LYS B 211 -15.05 -17.62 -22.11
C LYS B 211 -16.12 -17.45 -23.18
N GLY B 212 -15.68 -17.17 -24.40
CA GLY B 212 -16.58 -17.02 -25.52
C GLY B 212 -17.09 -15.60 -25.73
N ALA B 213 -17.05 -14.81 -24.66
CA ALA B 213 -17.52 -13.42 -24.73
C ALA B 213 -16.35 -12.46 -24.93
N GLY B 214 -15.45 -12.40 -23.94
CA GLY B 214 -14.30 -11.54 -24.03
C GLY B 214 -13.49 -11.48 -22.74
N THR B 215 -12.66 -10.46 -22.63
CA THR B 215 -11.80 -10.28 -21.47
C THR B 215 -12.31 -9.15 -20.58
N VAL B 216 -12.22 -9.34 -19.27
CA VAL B 216 -12.46 -8.26 -18.33
C VAL B 216 -11.12 -7.71 -17.87
N VAL B 217 -10.95 -6.39 -17.94
CA VAL B 217 -9.75 -5.75 -17.43
C VAL B 217 -10.13 -4.72 -16.38
N THR B 218 -9.15 -4.32 -15.58
CA THR B 218 -9.39 -3.49 -14.42
C THR B 218 -8.30 -2.44 -14.28
N GLY B 219 -8.68 -1.18 -14.09
CA GLY B 219 -7.65 -0.17 -13.92
C GLY B 219 -8.16 1.22 -13.54
N THR B 220 -7.22 2.07 -13.18
CA THR B 220 -7.51 3.47 -12.91
C THR B 220 -6.89 4.38 -13.96
N ILE B 221 -7.75 5.09 -14.68
CA ILE B 221 -7.34 5.90 -15.82
C ILE B 221 -6.45 7.08 -15.42
N ASN B 222 -5.26 7.15 -16.03
CA ASN B 222 -4.33 8.26 -15.79
C ASN B 222 -4.74 9.52 -16.55
N LYS B 223 -5.05 9.36 -17.82
CA LYS B 223 -5.36 10.49 -18.69
C LYS B 223 -6.27 10.05 -19.83
N GLY B 224 -7.02 11.00 -20.39
CA GLY B 224 -7.85 10.70 -21.55
C GLY B 224 -9.27 10.30 -21.21
N ILE B 225 -10.01 9.84 -22.23
CA ILE B 225 -11.40 9.45 -22.06
C ILE B 225 -11.72 8.18 -22.84
N VAL B 226 -12.46 7.27 -22.22
CA VAL B 226 -12.98 6.10 -22.91
C VAL B 226 -14.48 6.18 -23.04
N LYS B 227 -14.99 5.76 -24.19
CA LYS B 227 -16.42 5.62 -24.40
C LYS B 227 -16.71 4.18 -24.79
N VAL B 228 -17.91 3.71 -24.48
CA VAL B 228 -18.33 2.38 -24.91
C VAL B 228 -18.28 2.32 -26.42
N GLY B 229 -17.53 1.36 -26.95
CA GLY B 229 -17.37 1.22 -28.39
C GLY B 229 -16.03 1.69 -28.89
N ASP B 230 -15.26 2.35 -28.03
CA ASP B 230 -13.93 2.84 -28.40
C ASP B 230 -12.99 1.72 -28.80
N GLU B 231 -12.12 2.00 -29.76
CA GLU B 231 -11.12 1.05 -30.19
C GLU B 231 -9.74 1.46 -29.67
N LEU B 232 -9.15 0.57 -28.87
CA LEU B 232 -7.95 0.85 -28.11
C LEU B 232 -6.96 -0.26 -28.33
N LYS B 233 -5.74 -0.07 -27.82
CA LYS B 233 -4.70 -1.09 -27.91
C LYS B 233 -4.01 -1.32 -26.57
N VAL B 234 -3.60 -2.56 -26.33
CA VAL B 234 -2.72 -2.88 -25.21
C VAL B 234 -1.27 -2.86 -25.68
N LEU B 235 -0.43 -2.22 -24.90
CA LEU B 235 0.98 -2.09 -25.22
C LEU B 235 1.70 -2.50 -23.93
N PRO B 236 2.89 -3.10 -24.02
CA PRO B 236 3.74 -3.38 -25.18
C PRO B 236 3.33 -4.45 -26.18
N ILE B 237 2.47 -5.37 -25.74
CA ILE B 237 2.06 -6.49 -26.60
C ILE B 237 1.46 -6.03 -27.92
N ASN B 238 1.02 -4.78 -28.00
CA ASN B 238 0.53 -4.24 -29.25
C ASN B 238 -0.64 -5.04 -29.81
N MET B 239 -1.78 -4.97 -29.13
CA MET B 239 -2.98 -5.68 -29.59
C MET B 239 -4.24 -4.83 -29.60
N SER B 240 -5.02 -4.96 -30.66
CA SER B 240 -6.22 -4.15 -30.87
C SER B 240 -7.45 -4.74 -30.17
N THR B 241 -8.07 -3.93 -29.34
CA THR B 241 -9.23 -4.33 -28.56
C THR B 241 -10.36 -3.32 -28.62
N LYS B 242 -11.59 -3.80 -28.65
CA LYS B 242 -12.77 -2.93 -28.68
C LYS B 242 -13.42 -2.93 -27.31
N VAL B 243 -13.91 -1.77 -26.87
CA VAL B 243 -14.48 -1.65 -25.53
C VAL B 243 -15.99 -1.84 -25.57
N ARG B 244 -16.45 -2.99 -25.06
CA ARG B 244 -17.87 -3.31 -25.04
C ARG B 244 -18.62 -2.73 -23.85
N SER B 245 -18.01 -2.76 -22.67
CA SER B 245 -18.67 -2.28 -21.47
C SER B 245 -17.73 -1.58 -20.49
N ILE B 246 -18.24 -0.57 -19.79
CA ILE B 246 -17.44 0.15 -18.80
C ILE B 246 -18.21 0.31 -17.50
N GLN B 247 -17.70 -0.28 -16.42
CA GLN B 247 -18.34 -0.13 -15.11
C GLN B 247 -17.53 0.80 -14.21
N TYR B 248 -18.23 1.77 -13.63
CA TYR B 248 -17.62 2.68 -12.64
C TYR B 248 -18.49 2.80 -11.41
N PHE B 249 -17.85 2.67 -10.24
CA PHE B 249 -18.53 2.83 -8.95
C PHE B 249 -19.77 1.96 -8.85
N LYS B 250 -19.62 0.70 -9.27
CA LYS B 250 -20.72 -0.27 -9.28
C LYS B 250 -21.87 0.15 -10.18
N GLU B 251 -21.58 0.99 -11.17
CA GLU B 251 -22.55 1.33 -12.18
C GLU B 251 -22.00 1.17 -13.59
N SER B 252 -22.85 0.74 -14.50
CA SER B 252 -22.51 0.69 -15.91
C SER B 252 -22.46 2.12 -16.43
N VAL B 253 -21.33 2.49 -17.04
CA VAL B 253 -21.17 3.84 -17.55
C VAL B 253 -20.76 3.83 -19.01
N MET B 254 -21.33 4.74 -19.80
CA MET B 254 -21.03 4.83 -21.21
C MET B 254 -19.73 5.58 -21.46
N GLU B 255 -19.27 6.31 -20.45
CA GLU B 255 -18.01 7.04 -20.58
C GLU B 255 -17.23 7.16 -19.26
N ALA B 256 -15.90 7.01 -19.37
CA ALA B 256 -15.01 7.16 -18.22
C ALA B 256 -13.86 8.12 -18.55
N LYS B 257 -13.34 8.78 -17.53
CA LYS B 257 -12.27 9.75 -17.71
C LYS B 257 -11.13 9.57 -16.71
N ALA B 258 -10.16 10.48 -16.76
CA ALA B 258 -9.01 10.39 -15.88
C ALA B 258 -9.43 10.53 -14.43
N GLY B 259 -8.97 9.61 -13.60
CA GLY B 259 -9.30 9.62 -12.18
C GLY B 259 -10.26 8.52 -11.82
N ASP B 260 -10.85 7.90 -12.84
CA ASP B 260 -11.86 6.87 -12.62
C ASP B 260 -11.25 5.50 -12.37
N ARG B 261 -11.82 4.80 -11.38
CA ARG B 261 -11.51 3.40 -11.18
C ARG B 261 -12.55 2.61 -11.94
N VAL B 262 -12.12 1.96 -13.02
CA VAL B 262 -13.07 1.27 -13.86
C VAL B 262 -12.77 -0.20 -14.08
N GLY B 263 -13.85 -0.97 -14.14
CA GLY B 263 -13.81 -2.31 -14.69
C GLY B 263 -14.24 -2.18 -16.14
N MET B 264 -13.79 -3.09 -16.99
CA MET B 264 -14.14 -3.01 -18.40
C MET B 264 -14.28 -4.38 -19.05
N ALA B 265 -15.27 -4.50 -19.91
CA ALA B 265 -15.44 -5.69 -20.74
C ALA B 265 -15.01 -5.34 -22.15
N ILE B 266 -13.88 -5.92 -22.55
CA ILE B 266 -13.27 -5.65 -23.85
C ILE B 266 -13.11 -6.93 -24.65
N GLN B 267 -12.89 -6.78 -25.95
CA GLN B 267 -12.72 -7.94 -26.84
C GLN B 267 -11.48 -7.79 -27.71
N GLY B 268 -10.85 -8.90 -28.05
CA GLY B 268 -9.66 -8.87 -28.89
C GLY B 268 -8.35 -9.24 -28.21
N VAL B 269 -8.37 -9.35 -26.88
CA VAL B 269 -7.23 -9.88 -26.15
C VAL B 269 -7.67 -10.91 -25.13
N ASP B 270 -6.91 -12.01 -25.04
CA ASP B 270 -7.15 -12.98 -23.99
C ASP B 270 -6.47 -12.46 -22.72
N ALA B 271 -7.09 -12.75 -21.57
CA ALA B 271 -6.53 -12.31 -20.29
C ALA B 271 -5.14 -12.89 -20.07
N LYS B 272 -4.92 -14.09 -20.60
CA LYS B 272 -3.64 -14.77 -20.45
C LYS B 272 -2.53 -14.07 -21.25
N GLN B 273 -2.92 -13.24 -22.20
CA GLN B 273 -1.95 -12.45 -22.96
C GLN B 273 -1.45 -11.30 -22.10
N ILE B 274 -2.36 -10.64 -21.40
CA ILE B 274 -2.04 -9.48 -20.58
C ILE B 274 -1.20 -9.84 -19.35
N TYR B 275 -0.18 -9.04 -19.07
CA TYR B 275 0.64 -9.21 -17.87
C TYR B 275 0.97 -7.87 -17.22
N ARG B 276 1.84 -7.90 -16.20
CA ARG B 276 1.98 -6.79 -15.24
C ARG B 276 2.15 -5.38 -15.81
N GLY B 277 3.10 -5.20 -16.72
CA GLY B 277 3.42 -3.86 -17.22
C GLY B 277 2.58 -3.43 -18.41
N CMH B 278 1.46 -4.12 -18.63
CA CMH B 278 0.61 -3.84 -19.78
C CMH B 278 -0.30 -2.63 -19.55
O CMH B 278 -0.95 -2.52 -18.52
CB CMH B 278 -0.23 -5.07 -20.13
SG CMH B 278 0.61 -6.53 -20.79
CM CMH B 278 4.79 -5.28 -19.91
HG CMH B 278 2.86 -5.99 -20.36
N ILE B 279 -0.31 -1.72 -20.53
CA ILE B 279 -1.13 -0.51 -20.43
C ILE B 279 -2.12 -0.42 -21.58
N LEU B 280 -3.40 -0.27 -21.25
CA LEU B 280 -4.41 -0.01 -22.26
C LEU B 280 -4.32 1.45 -22.65
N THR B 281 -4.33 1.74 -23.94
CA THR B 281 -4.12 3.10 -24.42
C THR B 281 -4.75 3.34 -25.79
N SER B 282 -5.00 4.61 -26.10
CA SER B 282 -5.54 4.96 -27.41
C SER B 282 -4.50 4.77 -28.50
N LYS B 283 -4.96 4.63 -29.75
CA LYS B 283 -4.07 4.36 -30.88
C LYS B 283 -3.08 5.49 -31.15
N ASP B 284 -3.39 6.69 -30.63
CA ASP B 284 -2.57 7.87 -30.86
C ASP B 284 -1.49 8.05 -29.79
N THR B 285 -1.31 7.03 -28.95
CA THR B 285 -0.52 7.12 -27.73
C THR B 285 0.91 7.65 -27.93
N LYS B 286 1.39 8.35 -26.90
CA LYS B 286 2.75 8.85 -26.88
C LYS B 286 3.68 7.94 -26.08
N LEU B 287 3.12 6.88 -25.52
CA LEU B 287 3.88 5.90 -24.74
C LEU B 287 4.93 5.20 -25.59
N GLN B 288 6.13 5.03 -25.03
CA GLN B 288 7.22 4.37 -25.75
C GLN B 288 7.81 3.21 -24.94
N THR B 289 8.15 2.13 -25.63
CA THR B 289 8.90 1.04 -25.01
C THR B 289 10.37 1.44 -24.98
N VAL B 290 10.95 1.48 -23.78
CA VAL B 290 12.24 2.14 -23.58
C VAL B 290 13.27 1.31 -22.82
N ASP B 291 14.44 1.14 -23.43
CA ASP B 291 15.55 0.46 -22.76
C ASP B 291 16.53 1.40 -22.04
N LYS B 292 16.45 2.70 -22.32
CA LYS B 292 17.38 3.67 -21.74
C LYS B 292 16.68 4.96 -21.33
N ILE B 293 16.89 5.40 -20.09
CA ILE B 293 16.21 6.59 -19.58
C ILE B 293 17.18 7.65 -19.04
N VAL B 294 17.06 8.89 -19.53
CA VAL B 294 17.79 9.99 -18.94
C VAL B 294 16.85 10.82 -18.07
N ALA B 295 17.11 10.85 -16.76
CA ALA B 295 16.17 11.49 -15.84
C ALA B 295 16.79 12.63 -15.03
N LYS B 296 16.01 13.68 -14.80
CA LYS B 296 16.44 14.73 -13.87
C LYS B 296 16.10 14.26 -12.47
N ILE B 297 17.12 14.12 -11.64
CA ILE B 297 16.96 13.49 -10.33
C ILE B 297 16.98 14.46 -9.17
N LYS B 298 15.89 14.46 -8.39
CA LYS B 298 15.93 15.04 -7.05
C LYS B 298 16.21 13.91 -6.07
N ILE B 299 17.37 14.00 -5.41
CA ILE B 299 17.74 13.02 -4.40
C ILE B 299 17.47 13.58 -3.02
N SER B 300 16.78 12.81 -2.18
CA SER B 300 16.43 13.26 -0.84
C SER B 300 17.67 13.62 -0.04
N ASP B 301 17.69 14.82 0.52
CA ASP B 301 18.85 15.32 1.24
C ASP B 301 19.16 14.49 2.49
N ILE B 302 18.12 13.86 3.04
CA ILE B 302 18.26 13.02 4.22
C ILE B 302 18.96 11.70 3.88
N PHE B 303 18.83 11.28 2.62
CA PHE B 303 19.46 10.05 2.16
C PHE B 303 20.98 10.05 2.35
N LYS B 304 21.56 11.23 2.51
CA LYS B 304 23.01 11.37 2.67
C LYS B 304 23.68 10.80 1.43
N TYR B 305 23.58 11.52 0.32
CA TYR B 305 23.94 11.01 -1.00
C TYR B 305 25.35 10.46 -1.14
N ASN B 306 25.43 9.20 -1.56
CA ASN B 306 26.66 8.59 -2.04
C ASN B 306 26.47 8.36 -3.53
N LEU B 307 27.41 8.79 -4.35
CA LEU B 307 27.25 8.59 -5.79
C LEU B 307 28.41 7.85 -6.44
N THR B 308 28.12 6.62 -6.86
CA THR B 308 29.05 5.77 -7.57
C THR B 308 28.69 5.75 -9.06
N PRO B 309 29.68 5.98 -9.93
CA PRO B 309 29.48 6.01 -11.38
C PRO B 309 28.70 4.80 -11.92
N LYS B 310 29.03 3.62 -11.43
CA LYS B 310 28.44 2.38 -11.94
C LYS B 310 27.25 1.87 -11.14
N MET B 311 26.80 2.65 -10.15
CA MET B 311 25.88 2.16 -9.12
C MET B 311 24.64 1.43 -9.66
N LYS B 312 24.39 0.24 -9.11
CA LYS B 312 23.31 -0.63 -9.56
C LYS B 312 22.05 -0.39 -8.75
N VAL B 313 20.94 -0.10 -9.43
CA VAL B 313 19.70 0.20 -8.73
C VAL B 313 18.49 -0.59 -9.25
N HIS B 314 17.37 -0.38 -8.57
CA HIS B 314 16.06 -0.77 -9.06
C HIS B 314 15.34 0.53 -9.41
N LEU B 315 14.68 0.55 -10.56
CA LEU B 315 13.98 1.72 -11.00
C LEU B 315 12.48 1.43 -11.10
N ASN B 316 11.69 2.26 -10.44
CA ASN B 316 10.24 2.15 -10.51
C ASN B 316 9.73 3.05 -11.62
N VAL B 317 9.23 2.40 -12.66
CA VAL B 317 8.58 3.12 -13.75
C VAL B 317 7.18 2.54 -13.91
N GLY B 318 6.18 3.36 -13.65
CA GLY B 318 4.80 2.91 -13.70
C GLY B 318 4.56 1.73 -12.78
N MET B 319 4.02 0.67 -13.35
CA MET B 319 3.69 -0.53 -12.59
C MET B 319 4.87 -1.47 -12.41
N LEU B 320 6.02 -1.16 -13.02
CA LEU B 320 7.12 -2.12 -12.97
C LEU B 320 8.25 -1.75 -12.01
N ILE B 321 9.19 -2.68 -11.88
CA ILE B 321 10.44 -2.47 -11.15
C ILE B 321 11.54 -3.13 -11.97
N VAL B 322 12.53 -2.35 -12.40
CA VAL B 322 13.55 -2.88 -13.28
C VAL B 322 14.96 -2.69 -12.76
N PRO B 323 15.82 -3.70 -12.91
CA PRO B 323 17.22 -3.53 -12.54
C PRO B 323 17.90 -2.60 -13.54
N ALA B 324 18.84 -1.78 -13.07
CA ALA B 324 19.50 -0.83 -13.97
C ALA B 324 20.88 -0.41 -13.51
N VAL B 325 21.69 0.04 -14.46
CA VAL B 325 22.95 0.70 -14.16
C VAL B 325 22.70 2.20 -14.29
N ALA B 326 23.17 2.97 -13.31
CA ALA B 326 22.85 4.39 -13.23
C ALA B 326 24.08 5.29 -13.07
N VAL B 327 24.15 6.33 -13.90
CA VAL B 327 25.23 7.32 -13.79
C VAL B 327 24.72 8.71 -13.47
N PRO B 328 25.07 9.24 -12.28
CA PRO B 328 24.78 10.64 -11.97
C PRO B 328 25.66 11.61 -12.74
N PHE B 329 25.07 12.66 -13.30
CA PHE B 329 25.87 13.67 -14.00
C PHE B 329 25.28 15.08 -13.89
N LYS B 330 26.11 16.09 -14.11
CA LYS B 330 25.68 17.48 -14.06
C LYS B 330 25.89 18.16 -15.41
N LYS B 331 24.96 19.06 -15.74
CA LYS B 331 25.08 19.91 -16.92
C LYS B 331 25.73 21.23 -16.54
N VAL B 332 26.91 21.47 -17.06
CA VAL B 332 27.65 22.67 -16.74
C VAL B 332 27.88 23.54 -17.98
N THR B 333 28.12 24.82 -17.76
CA THR B 333 28.42 25.72 -18.87
C THR B 333 29.91 26.05 -18.87
N PHE B 334 30.63 25.51 -19.85
CA PHE B 334 32.04 25.86 -20.01
C PHE B 334 32.24 26.60 -21.32
N GLY B 335 32.52 27.90 -21.24
CA GLY B 335 32.67 28.71 -22.43
C GLY B 335 31.45 28.64 -23.31
N LYS B 336 31.64 28.26 -24.56
CA LYS B 336 30.54 28.10 -25.50
C LYS B 336 29.83 26.76 -25.28
N THR B 337 30.60 25.77 -24.83
CA THR B 337 30.09 24.41 -24.68
C THR B 337 29.31 24.20 -23.40
N GLU B 338 28.17 23.50 -23.52
CA GLU B 338 27.52 22.95 -22.35
C GLU B 338 27.96 21.50 -22.29
N GLU B 339 28.33 21.04 -21.10
CA GLU B 339 28.93 19.72 -20.96
C GLU B 339 28.16 18.85 -19.96
N ASN B 340 28.11 17.56 -20.25
CA ASN B 340 27.57 16.57 -19.32
C ASN B 340 28.72 15.86 -18.62
N ILE B 341 28.86 16.15 -17.33
CA ILE B 341 29.98 15.65 -16.55
C ILE B 341 29.53 14.77 -15.40
N ILE B 342 30.08 13.56 -15.35
CA ILE B 342 29.80 12.67 -14.22
C ILE B 342 30.23 13.31 -12.91
N LEU B 343 29.32 13.31 -11.94
CA LEU B 343 29.64 13.77 -10.60
C LEU B 343 30.69 12.84 -10.02
N ASN B 344 31.81 13.39 -9.56
CA ASN B 344 32.85 12.53 -9.01
C ASN B 344 32.69 12.43 -7.50
N GLU B 345 32.20 11.29 -7.04
CA GLU B 345 31.93 11.04 -5.63
C GLU B 345 31.26 12.25 -4.96
N VAL B 346 30.37 12.89 -5.71
CA VAL B 346 29.92 14.24 -5.36
C VAL B 346 28.71 14.27 -4.43
N ILE B 347 28.85 15.04 -3.35
CA ILE B 347 27.71 15.40 -2.52
C ILE B 347 27.18 16.76 -2.98
N SER B 348 26.00 16.76 -3.58
CA SER B 348 25.40 18.00 -4.07
C SER B 348 24.01 18.20 -3.49
N GLY B 349 23.64 19.47 -3.29
CA GLY B 349 22.37 19.80 -2.67
C GLY B 349 21.30 20.27 -3.62
N ASN B 350 21.64 20.41 -4.90
CA ASN B 350 20.67 20.92 -5.86
C ASN B 350 20.17 19.85 -6.83
N GLU B 351 20.98 19.51 -7.83
CA GLU B 351 20.55 18.57 -8.85
C GLU B 351 21.63 17.62 -9.33
N CMH B 352 21.20 16.79 -10.26
CA CMH B 352 22.08 15.98 -11.08
C CMH B 352 21.13 15.38 -12.11
O CMH B 352 20.01 15.87 -12.28
CB CMH B 352 22.74 14.86 -10.27
SG CMH B 352 21.67 13.85 -9.25
CM CMH B 352 21.80 16.59 -5.76
HG CMH B 352 21.68 15.21 -7.34
N TYR B 353 21.58 14.34 -12.77
CA TYR B 353 20.80 13.67 -13.77
C TYR B 353 21.25 12.23 -13.67
N CMH B 354 20.47 11.32 -14.25
CA CMH B 354 20.82 9.92 -14.21
C CMH B 354 20.69 9.30 -15.58
O CMH B 354 19.65 9.41 -16.24
CB CMH B 354 19.96 9.18 -13.19
SG CMH B 354 20.83 8.01 -12.15
CM CMH B 354 22.05 10.57 -8.73
HG CMH B 354 21.35 9.37 -10.30
N ALA B 355 21.79 8.68 -16.02
CA ALA B 355 21.75 7.87 -17.22
C ALA B 355 21.44 6.47 -16.74
N PHE B 356 20.24 6.03 -17.07
CA PHE B 356 19.73 4.73 -16.65
C PHE B 356 19.75 3.80 -17.82
N GLU B 357 20.38 2.64 -17.64
CA GLU B 357 20.29 1.58 -18.62
C GLU B 357 19.73 0.34 -17.95
N LEU B 358 18.56 -0.09 -18.40
CA LEU B 358 17.79 -1.12 -17.69
C LEU B 358 17.79 -2.46 -18.43
N GLU B 359 17.71 -3.54 -17.67
CA GLU B 359 17.73 -4.88 -18.22
C GLU B 359 16.49 -5.20 -19.05
N GLU B 360 15.33 -4.81 -18.53
CA GLU B 360 14.07 -5.05 -19.24
C GLU B 360 13.51 -3.75 -19.82
N LYS B 361 12.89 -3.85 -20.99
CA LYS B 361 12.30 -2.68 -21.63
C LYS B 361 11.06 -2.24 -20.84
N VAL B 362 10.73 -0.96 -20.94
CA VAL B 362 9.69 -0.38 -20.10
C VAL B 362 8.86 0.66 -20.84
N LEU B 363 7.55 0.63 -20.63
CA LEU B 363 6.67 1.67 -21.15
C LEU B 363 6.80 2.96 -20.35
N ALA B 364 7.15 4.04 -21.04
CA ALA B 364 7.34 5.34 -20.40
C ALA B 364 7.07 6.48 -21.38
N GLU B 365 6.74 7.63 -20.82
CA GLU B 365 6.55 8.85 -21.59
C GLU B 365 7.50 9.88 -20.99
N VAL B 366 7.86 10.89 -21.76
CA VAL B 366 8.69 11.98 -21.24
C VAL B 366 7.91 12.75 -20.17
N GLY B 367 8.56 13.05 -19.06
CA GLY B 367 7.90 13.74 -17.97
C GLY B 367 7.28 12.78 -16.98
N ASP B 368 7.57 11.49 -17.16
CA ASP B 368 7.08 10.46 -16.24
C ASP B 368 7.82 10.50 -14.92
N ARG B 369 7.09 10.24 -13.84
CA ARG B 369 7.70 10.16 -12.52
C ARG B 369 8.37 8.79 -12.36
N VAL B 370 9.67 8.83 -12.07
CA VAL B 370 10.46 7.62 -11.90
C VAL B 370 10.98 7.57 -10.47
N LEU B 371 11.11 6.37 -9.90
CA LEU B 371 11.50 6.25 -8.51
C LEU B 371 12.68 5.30 -8.29
N ILE B 372 13.82 5.84 -7.89
CA ILE B 372 15.00 5.01 -7.65
C ILE B 372 14.98 4.39 -6.27
N THR B 373 15.23 3.09 -6.19
CA THR B 373 15.24 2.38 -4.91
C THR B 373 16.05 1.10 -5.03
N ARG B 374 16.46 0.54 -3.89
CA ARG B 374 16.78 -0.88 -3.85
C ARG B 374 16.14 -1.52 -2.63
N LEU B 375 15.18 -2.39 -2.86
CA LEU B 375 14.48 -3.05 -1.77
C LEU B 375 15.13 -4.40 -1.50
N ASP B 376 16.21 -4.67 -2.22
CA ASP B 376 17.02 -5.87 -1.99
C ASP B 376 17.89 -5.67 -0.75
N LEU B 377 18.27 -4.43 -0.50
CA LEU B 377 19.03 -4.07 0.69
C LEU B 377 18.21 -4.35 1.95
N PRO B 378 18.88 -4.53 3.10
CA PRO B 378 18.18 -4.80 4.37
C PRO B 378 17.11 -3.75 4.72
N PRO B 379 16.03 -4.20 5.35
CA PRO B 379 14.91 -3.36 5.81
C PRO B 379 15.30 -2.36 6.89
N THR B 380 16.47 -2.54 7.49
CA THR B 380 16.93 -1.66 8.55
C THR B 380 17.10 -0.21 8.10
N THR B 381 17.62 -0.01 6.90
CA THR B 381 17.84 1.33 6.38
C THR B 381 16.66 1.82 5.54
N LEU B 382 16.74 3.07 5.08
CA LEU B 382 15.72 3.64 4.22
C LEU B 382 16.14 3.45 2.77
N ARG B 383 15.38 2.64 2.05
CA ARG B 383 15.84 2.07 0.78
C ARG B 383 15.74 3.00 -0.44
N ILE B 384 14.63 3.74 -0.57
CA ILE B 384 14.48 4.62 -1.71
C ILE B 384 15.46 5.80 -1.62
N CMH B 385 16.16 6.09 -2.71
CA CMH B 385 17.23 7.08 -2.65
C CMH B 385 16.95 8.38 -3.41
O CMH B 385 17.68 9.35 -3.26
CB CMH B 385 18.57 6.47 -3.06
SG CMH B 385 18.70 5.74 -4.69
CM CMH B 385 19.63 9.37 -7.06
HG CMH B 385 19.29 7.65 -5.91
N GLY B 386 15.88 8.39 -4.21
CA GLY B 386 15.49 9.60 -4.90
C GLY B 386 14.45 9.37 -5.97
N HIS B 387 13.87 10.46 -6.46
CA HIS B 387 12.87 10.38 -7.53
C HIS B 387 13.28 11.31 -8.66
N GLY B 388 12.73 11.09 -9.85
CA GLY B 388 13.11 11.92 -10.97
C GLY B 388 12.06 12.04 -12.05
N LEU B 389 12.30 12.96 -12.99
CA LEU B 389 11.44 13.10 -14.15
C LEU B 389 12.18 12.68 -15.40
N ILE B 390 11.52 11.94 -16.28
CA ILE B 390 12.18 11.47 -17.49
C ILE B 390 12.36 12.61 -18.48
N GLU B 391 13.59 12.86 -18.86
CA GLU B 391 13.93 13.97 -19.75
C GLU B 391 14.03 13.50 -21.19
N GLU B 392 15.01 12.65 -21.47
CA GLU B 392 15.18 12.07 -22.80
C GLU B 392 15.26 10.56 -22.65
N PHE B 393 15.12 9.85 -23.76
CA PHE B 393 15.49 8.45 -23.77
C PHE B 393 16.78 8.33 -24.56
N LYS B 394 17.88 8.15 -23.85
CA LYS B 394 19.20 8.07 -24.45
C LYS B 394 20.10 7.14 -23.64
N PRO B 395 21.07 6.50 -24.31
CA PRO B 395 22.04 5.68 -23.57
C PRO B 395 23.15 6.56 -22.99
N ILE B 396 24.08 5.94 -22.26
CA ILE B 396 25.20 6.65 -21.67
C ILE B 396 26.13 7.14 -22.77
N LYS B 397 26.31 6.30 -23.78
CA LYS B 397 27.29 6.53 -24.85
C LYS B 397 27.00 7.81 -25.64
N ASP B 398 25.73 8.11 -25.86
CA ASP B 398 25.33 9.27 -26.66
C ASP B 398 25.36 10.56 -25.86
N LEU B 399 25.60 10.45 -24.55
CA LEU B 399 25.49 11.61 -23.65
C LEU B 399 26.76 12.47 -23.54
N ASN B 400 27.85 12.04 -24.18
CA ASN B 400 29.12 12.76 -24.14
C ASN B 400 29.59 13.00 -22.70
N ILE B 401 29.46 11.98 -21.86
CA ILE B 401 29.84 12.09 -20.46
C ILE B 401 31.36 12.04 -20.27
N LYS B 402 31.88 13.04 -19.58
CA LYS B 402 33.29 13.08 -19.22
C LYS B 402 33.45 13.35 -17.72
N LYS B 403 34.65 13.10 -17.21
CA LYS B 403 34.92 13.22 -15.78
C LYS B 403 35.89 14.35 -15.48
N GLU B 404 35.84 14.86 -14.26
CA GLU B 404 36.76 15.90 -13.84
C GLU B 404 37.77 15.34 -12.85
N VAL B 405 39.05 15.57 -13.11
CA VAL B 405 40.09 15.02 -12.24
C VAL B 405 40.85 16.09 -11.46
N LEU B 406 40.84 15.95 -10.14
CA LEU B 406 41.56 16.85 -9.25
C LEU B 406 42.79 16.15 -8.68
N ARG B 407 43.94 16.85 -8.74
CA ARG B 407 45.14 16.31 -8.09
C ARG B 407 45.61 17.20 -6.95
N GLU B 408 46.05 16.57 -5.86
CA GLU B 408 46.49 17.29 -4.68
C GLU B 408 48.01 17.35 -4.67
N GLY B 409 48.57 18.44 -4.15
CA GLY B 409 50.01 18.58 -4.10
C GLY B 409 50.46 19.34 -2.87
N LYS B 410 51.76 19.23 -2.57
CA LYS B 410 52.31 19.84 -1.37
C LYS B 410 53.57 20.61 -1.74
N VAL B 411 53.63 21.87 -1.31
CA VAL B 411 54.79 22.71 -1.58
C VAL B 411 55.79 22.62 -0.44
N LYS B 412 56.96 22.04 -0.71
CA LYS B 412 58.02 21.94 0.28
C LYS B 412 59.33 22.38 -0.34
N ILE B 413 59.95 23.41 0.24
CA ILE B 413 61.20 23.92 -0.29
C ILE B 413 62.27 22.83 -0.23
N ASP B 414 62.88 22.55 -1.38
CA ASP B 414 63.81 21.44 -1.50
C ASP B 414 65.12 21.89 -2.14
N LYS B 415 66.19 21.86 -1.35
CA LYS B 415 67.55 22.19 -1.82
C LYS B 415 67.64 23.51 -2.60
N GLY B 416 66.95 24.53 -2.11
CA GLY B 416 66.99 25.86 -2.71
C GLY B 416 65.92 26.05 -3.77
N ARG B 417 65.47 24.94 -4.35
CA ARG B 417 64.36 24.95 -5.29
C ARG B 417 63.04 24.95 -4.53
N THR B 418 61.97 25.41 -5.19
CA THR B 418 60.63 25.22 -4.65
C THR B 418 59.95 24.05 -5.38
N VAL B 419 59.58 23.03 -4.62
CA VAL B 419 59.10 21.78 -5.21
C VAL B 419 57.72 21.33 -4.72
N ILE B 420 56.86 20.96 -5.67
CA ILE B 420 55.54 20.42 -5.37
C ILE B 420 55.57 18.89 -5.46
N ASP B 421 54.83 18.23 -4.57
CA ASP B 421 54.88 16.77 -4.47
C ASP B 421 53.51 16.14 -4.18
N GLY B 422 53.26 14.98 -4.78
CA GLY B 422 52.04 14.25 -4.52
C GLY B 422 51.05 14.26 -5.67
N LEU B 423 51.36 15.06 -6.68
CA LEU B 423 50.53 15.11 -7.88
C LEU B 423 50.79 13.87 -8.72
N ALA B 424 52.00 13.74 -9.22
CA ALA B 424 52.41 12.55 -9.95
C ALA B 424 53.37 11.72 -9.11
N GLN B 425 53.28 10.41 -9.23
CA GLN B 425 54.19 9.52 -8.51
C GLN B 425 55.35 9.07 -9.41
N SER B 426 55.32 9.51 -10.67
CA SER B 426 56.31 9.07 -11.64
C SER B 426 56.77 10.22 -12.54
N LYS B 427 57.89 10.02 -13.24
CA LYS B 427 58.41 11.05 -14.13
C LYS B 427 57.65 11.10 -15.44
N VAL B 428 57.13 9.95 -15.88
CA VAL B 428 56.35 9.88 -17.10
C VAL B 428 55.02 10.61 -16.91
N ALA B 429 54.39 10.38 -15.76
CA ALA B 429 53.17 11.09 -15.39
C ALA B 429 53.46 12.58 -15.31
N ALA B 430 54.65 12.93 -14.83
CA ALA B 430 55.08 14.32 -14.75
C ALA B 430 55.25 14.91 -16.14
N GLU B 431 55.66 14.07 -17.09
CA GLU B 431 55.78 14.48 -18.49
C GLU B 431 54.40 14.78 -19.03
N LYS B 432 53.42 13.98 -18.62
CA LYS B 432 52.04 14.22 -19.03
C LYS B 432 51.47 15.44 -18.32
N LEU B 433 52.10 15.83 -17.22
CA LEU B 433 51.60 16.93 -16.41
C LEU B 433 52.15 18.31 -16.77
N ILE B 434 53.16 18.37 -17.63
CA ILE B 434 53.77 19.67 -17.94
C ILE B 434 52.90 20.53 -18.86
N GLY B 435 52.83 21.81 -18.56
CA GLY B 435 52.00 22.75 -19.32
C GLY B 435 50.61 22.88 -18.73
N GLU B 436 50.50 22.57 -17.43
CA GLU B 436 49.19 22.55 -16.76
C GLU B 436 48.90 23.81 -15.96
N GLU B 437 47.63 24.20 -15.95
CA GLU B 437 47.17 25.32 -15.14
C GLU B 437 46.60 24.81 -13.81
N ILE B 438 47.18 25.28 -12.71
CA ILE B 438 46.79 24.85 -11.37
C ILE B 438 46.55 26.05 -10.44
N SER B 439 45.87 25.79 -9.33
CA SER B 439 45.55 26.85 -8.38
C SER B 439 45.89 26.49 -6.93
N ILE B 440 45.86 27.49 -6.06
CA ILE B 440 46.08 27.26 -4.63
C ILE B 440 44.87 27.73 -3.82
N GLU B 441 44.47 26.92 -2.86
CA GLU B 441 43.24 27.14 -2.09
C GLU B 441 43.32 28.35 -1.15
N GLY B 442 42.33 29.24 -1.27
CA GLY B 442 42.08 30.27 -0.28
C GLY B 442 42.90 31.55 -0.34
N LYS B 443 44.04 31.51 -1.01
CA LYS B 443 44.90 32.68 -1.11
C LYS B 443 44.69 33.48 -2.39
N ASP B 444 43.71 33.05 -3.20
CA ASP B 444 43.38 33.74 -4.45
C ASP B 444 44.58 33.81 -5.38
N ILE B 445 45.22 32.66 -5.59
CA ILE B 445 46.47 32.58 -6.31
C ILE B 445 46.45 31.59 -7.46
N VAL B 446 47.11 31.97 -8.56
CA VAL B 446 47.16 31.17 -9.76
C VAL B 446 48.58 30.72 -10.06
N GLY B 447 48.70 29.56 -10.70
CA GLY B 447 50.00 29.06 -11.12
C GLY B 447 49.96 28.12 -12.30
N LYS B 448 51.08 28.05 -13.03
CA LYS B 448 51.20 27.17 -14.19
C LYS B 448 52.43 26.30 -14.01
N ILE B 449 52.33 25.02 -14.35
CA ILE B 449 53.42 24.09 -14.05
C ILE B 449 54.54 24.13 -15.10
N LYS B 450 55.79 24.05 -14.65
CA LYS B 450 56.93 24.24 -15.54
C LYS B 450 57.91 23.06 -15.60
N GLY B 451 58.71 22.89 -14.56
CA GLY B 451 59.81 21.93 -14.59
C GLY B 451 59.46 20.56 -14.04
N THR B 452 60.30 19.58 -14.36
CA THR B 452 60.09 18.21 -13.91
C THR B 452 61.34 17.59 -13.31
N PHE B 453 61.28 17.26 -12.03
CA PHE B 453 62.30 16.46 -11.38
C PHE B 453 61.68 15.11 -11.03
N GLY B 454 62.08 14.08 -11.77
CA GLY B 454 61.30 12.85 -11.80
C GLY B 454 61.71 11.69 -10.93
N THR B 455 62.57 11.96 -9.94
CA THR B 455 62.93 10.91 -8.97
C THR B 455 61.70 10.37 -8.25
N LYS B 456 61.10 11.22 -7.41
CA LYS B 456 59.92 10.84 -6.65
C LYS B 456 58.61 11.30 -7.32
N GLY B 457 58.73 11.83 -8.52
CA GLY B 457 57.58 12.40 -9.21
C GLY B 457 57.25 13.79 -8.71
N LEU B 458 58.29 14.58 -8.51
CA LEU B 458 58.15 15.95 -8.02
C LEU B 458 58.11 16.92 -9.20
N LEU B 459 57.31 17.97 -9.08
CA LEU B 459 57.20 18.93 -10.17
C LEU B 459 57.32 20.37 -9.69
N THR B 460 58.01 21.21 -10.46
CA THR B 460 58.18 22.61 -10.12
C THR B 460 57.38 23.50 -11.05
N ALA B 461 56.69 24.48 -10.48
CA ALA B 461 55.83 25.37 -11.25
C ALA B 461 56.23 26.83 -11.12
N GLU B 462 55.51 27.68 -11.85
CA GLU B 462 55.64 29.13 -11.76
C GLU B 462 54.34 29.67 -11.19
N PHE B 463 54.44 30.66 -10.29
CA PHE B 463 53.25 31.15 -9.60
C PHE B 463 53.12 32.67 -9.59
N SER B 464 51.94 33.15 -9.23
CA SER B 464 51.73 34.57 -9.03
C SER B 464 51.82 34.88 -7.55
N GLY B 465 52.85 35.60 -7.14
CA GLY B 465 53.06 35.88 -5.74
C GLY B 465 53.87 34.79 -5.06
N ASN B 466 54.18 34.98 -3.79
CA ASN B 466 54.96 34.02 -3.01
C ASN B 466 54.22 32.69 -2.82
N VAL B 467 54.95 31.59 -2.95
CA VAL B 467 54.40 30.28 -2.61
C VAL B 467 55.14 29.68 -1.41
N GLU B 468 54.48 29.65 -0.27
CA GLU B 468 55.07 29.19 0.98
C GLU B 468 55.09 27.67 1.16
N ASN B 469 56.00 27.21 2.01
CA ASN B 469 56.12 25.79 2.38
C ASN B 469 54.83 25.24 3.00
N ARG B 470 54.61 23.94 2.79
CA ARG B 470 53.44 23.21 3.33
C ARG B 470 52.12 23.56 2.66
N ASP B 471 52.14 24.50 1.72
CA ASP B 471 50.93 24.85 0.97
C ASP B 471 50.40 23.68 0.16
N LYS B 472 49.09 23.67 -0.05
CA LYS B 472 48.45 22.62 -0.84
C LYS B 472 48.01 23.15 -2.21
N VAL B 473 48.34 22.41 -3.26
CA VAL B 473 48.05 22.83 -4.63
C VAL B 473 46.97 21.95 -5.27
N ILE B 474 45.92 22.59 -5.79
CA ILE B 474 44.85 21.89 -6.49
C ILE B 474 45.00 21.98 -8.01
N LEU B 475 45.04 20.81 -8.64
CA LEU B 475 45.09 20.70 -10.10
C LEU B 475 43.71 20.34 -10.61
N ASN B 476 43.13 21.24 -11.41
CA ASN B 476 41.77 21.07 -11.90
C ASN B 476 41.74 20.96 -13.42
N ARG B 477 41.22 19.84 -13.94
CA ARG B 477 41.14 19.64 -15.38
C ARG B 477 40.05 18.65 -15.76
N LEU B 478 39.62 18.71 -17.02
CA LEU B 478 38.61 17.78 -17.52
C LEU B 478 39.30 16.66 -18.29
N ARG B 479 38.86 15.44 -18.04
CA ARG B 479 39.39 14.26 -18.73
C ARG B 479 38.23 13.34 -19.08
N ARG B 480 38.28 12.70 -20.23
CA ARG B 480 37.14 11.94 -20.71
C ARG B 480 36.86 10.69 -19.87
N TRP B 481 35.59 10.51 -19.51
CA TRP B 481 35.14 9.37 -18.74
C TRP B 481 34.94 8.17 -19.65
N GLY B 482 35.07 6.97 -19.07
CA GLY B 482 34.85 5.74 -19.81
C GLY B 482 36.07 5.27 -20.58
N ARG C 12 -29.47 -8.21 -19.09
CA ARG C 12 -28.88 -7.44 -20.19
C ARG C 12 -28.15 -8.35 -21.18
N PRO C 13 -28.26 -8.05 -22.48
CA PRO C 13 -27.73 -8.87 -23.58
C PRO C 13 -26.26 -9.23 -23.41
N HIS C 14 -25.91 -10.46 -23.74
CA HIS C 14 -24.54 -10.94 -23.64
C HIS C 14 -23.64 -10.22 -24.63
N MET C 15 -22.43 -9.91 -24.20
CA MET C 15 -21.38 -9.49 -25.13
C MET C 15 -21.07 -10.70 -25.98
N ASP C 16 -21.00 -10.51 -27.30
CA ASP C 16 -20.70 -11.61 -28.19
C ASP C 16 -19.86 -11.14 -29.37
N PHE C 17 -19.21 -12.08 -30.04
CA PHE C 17 -18.34 -11.76 -31.16
C PHE C 17 -19.11 -11.69 -32.47
N LYS C 18 -18.39 -11.34 -33.52
CA LYS C 18 -18.93 -11.38 -34.87
C LYS C 18 -18.11 -12.38 -35.65
N ASN C 19 -18.76 -13.44 -36.13
CA ASN C 19 -18.07 -14.50 -36.86
C ASN C 19 -17.79 -14.14 -38.30
N ILE C 20 -16.50 -14.18 -38.66
CA ILE C 20 -16.03 -13.68 -39.94
C ILE C 20 -15.13 -14.70 -40.63
N ASN C 21 -15.36 -14.90 -41.93
CA ASN C 21 -14.50 -15.76 -42.73
C ASN C 21 -13.69 -14.93 -43.70
N LEU C 22 -12.36 -14.99 -43.56
CA LEU C 22 -11.47 -14.17 -44.37
C LEU C 22 -10.51 -15.02 -45.20
N GLY C 23 -10.67 -14.98 -46.52
CA GLY C 23 -9.87 -15.80 -47.41
C GLY C 23 -8.53 -15.20 -47.81
N ILE C 24 -7.58 -16.05 -48.15
CA ILE C 24 -6.28 -15.58 -48.64
C ILE C 24 -6.02 -16.05 -50.07
N PHE C 25 -5.64 -15.11 -50.94
CA PHE C 25 -5.49 -15.40 -52.36
C PHE C 25 -4.22 -14.82 -52.97
N GLY C 26 -3.80 -15.42 -54.08
CA GLY C 26 -2.66 -14.95 -54.84
C GLY C 26 -1.98 -16.09 -55.57
N HIS C 27 -0.96 -15.77 -56.35
CA HIS C 27 -0.16 -16.80 -57.00
C HIS C 27 0.59 -17.56 -55.90
N ILE C 28 0.82 -18.85 -56.13
CA ILE C 28 1.62 -19.63 -55.19
C ILE C 28 3.04 -19.06 -55.18
N ASP C 29 3.73 -19.23 -54.06
CA ASP C 29 5.08 -18.67 -53.84
C ASP C 29 5.06 -17.17 -53.51
N HIS C 30 3.88 -16.57 -53.52
CA HIS C 30 3.76 -15.12 -53.27
C HIS C 30 3.51 -14.74 -51.80
N GLY C 31 3.55 -15.73 -50.91
CA GLY C 31 3.50 -15.44 -49.48
C GLY C 31 2.15 -15.60 -48.79
N LYS C 32 1.24 -16.34 -49.41
CA LYS C 32 -0.06 -16.62 -48.81
C LYS C 32 0.09 -17.28 -47.44
N THR C 33 0.85 -18.38 -47.40
CA THR C 33 1.05 -19.14 -46.18
C THR C 33 1.77 -18.34 -45.10
N THR C 34 2.78 -17.59 -45.51
CA THR C 34 3.55 -16.77 -44.58
C THR C 34 2.66 -15.69 -43.96
N LEU C 35 1.85 -15.04 -44.78
CA LEU C 35 0.89 -14.05 -44.31
C LEU C 35 -0.11 -14.68 -43.36
N SER C 36 -0.53 -15.91 -43.70
CA SER C 36 -1.46 -16.66 -42.87
C SER C 36 -0.88 -16.93 -41.50
N LYS C 37 0.37 -17.35 -41.46
CA LYS C 37 1.05 -17.65 -40.20
C LYS C 37 1.25 -16.38 -39.40
N VAL C 38 1.59 -15.29 -40.07
CA VAL C 38 1.74 -14.00 -39.40
C VAL C 38 0.42 -13.51 -38.79
N LEU C 39 -0.69 -13.83 -39.45
CA LEU C 39 -2.01 -13.46 -38.95
C LEU C 39 -2.44 -14.34 -37.79
N THR C 40 -2.54 -15.65 -38.04
CA THR C 40 -2.93 -16.64 -37.05
C THR C 40 -2.08 -16.56 -35.78
N GLU C 41 -0.87 -16.03 -35.93
CA GLU C 41 0.07 -15.85 -34.83
C GLU C 41 -0.35 -14.75 -33.85
N ILE C 42 -1.34 -13.93 -34.23
CA ILE C 42 -1.74 -12.80 -33.38
C ILE C 42 -2.20 -13.25 -31.98
N ALA C 43 -2.84 -14.41 -31.90
CA ALA C 43 -3.23 -14.99 -30.63
C ALA C 43 -2.02 -15.58 -29.92
N SER C 44 -0.98 -15.82 -30.71
CA SER C 44 0.24 -16.50 -30.28
C SER C 44 1.26 -15.52 -29.70
N THR C 45 0.81 -14.30 -29.45
CA THR C 45 1.67 -13.19 -29.01
C THR C 45 2.59 -12.75 -30.15
N SER C 46 2.02 -12.70 -31.35
CA SER C 46 2.76 -12.20 -32.49
C SER C 46 3.08 -10.73 -32.25
N ALA C 47 4.36 -10.42 -32.26
CA ALA C 47 4.82 -9.05 -32.26
C ALA C 47 4.57 -8.51 -33.65
N HIS C 48 4.62 -7.20 -33.80
CA HIS C 48 4.45 -6.58 -35.09
C HIS C 48 5.57 -6.99 -36.04
N ASP C 49 6.55 -7.74 -35.50
CA ASP C 49 7.64 -8.31 -36.28
C ASP C 49 7.38 -9.82 -36.48
N LYS C 50 7.87 -10.36 -37.60
CA LYS C 50 7.71 -11.79 -37.90
C LYS C 50 8.47 -12.62 -36.87
N LEU C 51 8.16 -13.91 -36.83
CA LEU C 51 8.76 -14.80 -35.87
C LEU C 51 10.20 -14.98 -36.30
N PRO C 52 11.12 -14.36 -35.55
CA PRO C 52 12.56 -14.44 -35.80
C PRO C 52 13.20 -15.73 -35.33
N GLU C 53 12.67 -16.19 -34.19
CA GLU C 53 13.26 -17.23 -33.39
C GLU C 53 13.60 -18.50 -34.14
N SER C 54 12.72 -18.90 -35.06
CA SER C 54 12.84 -20.17 -35.78
C SER C 54 12.93 -21.32 -34.78
N GLN C 55 12.35 -21.10 -33.60
CA GLN C 55 12.44 -22.01 -32.48
C GLN C 55 11.44 -23.17 -32.59
N LYS C 56 10.28 -22.90 -33.17
CA LYS C 56 9.18 -23.85 -33.09
C LYS C 56 8.39 -24.02 -34.38
N ARG C 57 8.21 -25.27 -34.78
CA ARG C 57 7.27 -25.62 -35.83
C ARG C 57 6.37 -26.71 -35.26
N GLY C 58 5.11 -26.38 -35.06
CA GLY C 58 4.20 -27.30 -34.39
C GLY C 58 3.61 -28.31 -35.34
N ILE C 59 3.26 -29.48 -34.83
CA ILE C 59 2.59 -30.47 -35.66
C ILE C 59 1.13 -30.63 -35.22
N THR C 60 0.24 -30.06 -36.01
CA THR C 60 -1.19 -30.20 -35.81
C THR C 60 -1.83 -30.21 -37.19
N ILE C 61 -2.76 -31.14 -37.42
CA ILE C 61 -3.38 -31.27 -38.73
C ILE C 61 -4.03 -29.96 -39.13
N ASP C 62 -3.99 -29.63 -40.42
CA ASP C 62 -4.67 -28.43 -40.88
C ASP C 62 -5.81 -28.81 -41.81
N ILE C 63 -7.03 -28.73 -41.30
CA ILE C 63 -8.24 -28.91 -42.10
C ILE C 63 -8.94 -27.59 -42.49
N GLY C 64 -8.31 -26.46 -42.17
CA GLY C 64 -8.87 -25.17 -42.52
C GLY C 64 -9.39 -24.33 -41.38
N PHE C 65 -9.17 -24.78 -40.16
CA PHE C 65 -9.71 -24.10 -38.98
C PHE C 65 -8.80 -23.01 -38.39
N SER C 66 -7.70 -22.69 -39.09
CA SER C 66 -6.82 -21.61 -38.67
C SER C 66 -7.61 -20.32 -38.47
N ALA C 67 -7.48 -19.74 -37.28
CA ALA C 67 -8.29 -18.58 -36.92
C ALA C 67 -7.60 -17.66 -35.91
N PHE C 68 -8.10 -16.43 -35.81
CA PHE C 68 -7.50 -15.42 -34.94
C PHE C 68 -8.52 -14.34 -34.59
N LYS C 69 -8.24 -13.57 -33.54
CA LYS C 69 -9.16 -12.50 -33.12
C LYS C 69 -8.65 -11.10 -33.41
N LEU C 70 -9.50 -10.30 -34.07
CA LEU C 70 -9.27 -8.86 -34.19
C LEU C 70 -10.44 -8.14 -33.55
N GLU C 71 -10.18 -7.49 -32.43
CA GLU C 71 -11.22 -6.79 -31.67
C GLU C 71 -12.41 -7.72 -31.40
N ASN C 72 -13.57 -7.38 -31.93
CA ASN C 72 -14.77 -8.19 -31.73
C ASN C 72 -15.02 -9.22 -32.83
N TYR C 73 -14.05 -9.35 -33.74
CA TYR C 73 -14.18 -10.29 -34.85
C TYR C 73 -13.47 -11.61 -34.60
N ARG C 74 -14.21 -12.71 -34.71
CA ARG C 74 -13.58 -14.03 -34.72
C ARG C 74 -13.33 -14.37 -36.17
N ILE C 75 -12.08 -14.35 -36.57
CA ILE C 75 -11.74 -14.46 -37.98
C ILE C 75 -11.14 -15.81 -38.32
N THR C 76 -11.90 -16.62 -39.04
CA THR C 76 -11.44 -17.91 -39.51
C THR C 76 -10.94 -17.75 -40.95
N LEU C 77 -9.70 -18.17 -41.18
CA LEU C 77 -9.09 -18.01 -42.50
C LEU C 77 -9.64 -19.03 -43.49
N VAL C 78 -9.90 -18.56 -44.71
CA VAL C 78 -10.28 -19.45 -45.79
C VAL C 78 -9.04 -19.68 -46.62
N ASP C 79 -8.51 -20.90 -46.52
CA ASP C 79 -7.27 -21.26 -47.17
C ASP C 79 -7.32 -22.66 -47.74
N ALA C 80 -6.97 -22.80 -49.01
CA ALA C 80 -6.85 -24.10 -49.65
C ALA C 80 -5.51 -24.13 -50.37
N PRO C 81 -4.89 -25.32 -50.48
CA PRO C 81 -3.51 -25.39 -51.00
C PRO C 81 -3.36 -24.96 -52.45
N GLY C 82 -4.29 -25.36 -53.32
CA GLY C 82 -4.15 -25.11 -54.74
C GLY C 82 -4.99 -23.97 -55.29
N HIS C 83 -4.84 -23.72 -56.58
CA HIS C 83 -5.63 -22.70 -57.27
C HIS C 83 -7.06 -23.19 -57.49
N ALA C 84 -7.17 -24.42 -57.97
CA ALA C 84 -8.47 -25.06 -58.17
C ALA C 84 -9.23 -25.15 -56.86
N ASP C 85 -8.52 -25.60 -55.82
CA ASP C 85 -9.11 -25.74 -54.50
C ASP C 85 -9.65 -24.42 -53.97
N LEU C 86 -8.88 -23.34 -54.19
CA LEU C 86 -9.30 -22.01 -53.75
C LEU C 86 -10.46 -21.47 -54.56
N ILE C 87 -10.48 -21.75 -55.86
CA ILE C 87 -11.57 -21.32 -56.73
C ILE C 87 -12.87 -22.00 -56.29
N ARG C 88 -12.82 -23.32 -56.12
CA ARG C 88 -13.98 -24.07 -55.67
C ARG C 88 -14.40 -23.58 -54.29
N ALA C 89 -13.43 -23.30 -53.45
CA ALA C 89 -13.69 -22.80 -52.10
C ALA C 89 -14.47 -21.49 -52.16
N VAL C 90 -14.09 -20.60 -53.07
CA VAL C 90 -14.77 -19.32 -53.21
C VAL C 90 -16.19 -19.52 -53.72
N VAL C 91 -16.33 -20.29 -54.79
CA VAL C 91 -17.64 -20.51 -55.39
C VAL C 91 -18.62 -21.12 -54.38
N SER C 92 -18.12 -22.04 -53.55
CA SER C 92 -18.95 -22.70 -52.56
C SER C 92 -19.26 -21.81 -51.35
N ALA C 93 -18.23 -21.15 -50.84
CA ALA C 93 -18.33 -20.37 -49.60
C ALA C 93 -18.71 -18.91 -49.84
N ALA C 94 -19.07 -18.60 -51.09
CA ALA C 94 -19.27 -17.23 -51.56
C ALA C 94 -20.08 -16.32 -50.64
N ASP C 95 -21.21 -16.83 -50.16
CA ASP C 95 -22.07 -16.05 -49.28
C ASP C 95 -21.34 -15.68 -47.98
N ILE C 96 -20.46 -16.57 -47.56
CA ILE C 96 -19.83 -16.49 -46.25
C ILE C 96 -18.53 -15.68 -46.20
N ILE C 97 -17.93 -15.39 -47.35
CA ILE C 97 -16.62 -14.75 -47.33
C ILE C 97 -16.78 -13.23 -47.31
N ASP C 98 -16.44 -12.65 -46.17
CA ASP C 98 -16.67 -11.24 -45.89
C ASP C 98 -15.59 -10.35 -46.47
N LEU C 99 -14.36 -10.87 -46.50
CA LEU C 99 -13.21 -10.11 -46.98
C LEU C 99 -12.18 -11.06 -47.55
N ALA C 100 -11.36 -10.57 -48.46
CA ALA C 100 -10.31 -11.37 -49.07
C ALA C 100 -9.02 -10.58 -49.17
N LEU C 101 -7.90 -11.27 -49.08
CA LEU C 101 -6.60 -10.64 -49.25
C LEU C 101 -5.86 -11.26 -50.43
N ILE C 102 -5.65 -10.46 -51.47
CA ILE C 102 -4.88 -10.90 -52.63
C ILE C 102 -3.43 -10.48 -52.46
N VAL C 103 -2.53 -11.45 -52.47
CA VAL C 103 -1.12 -11.15 -52.24
C VAL C 103 -0.33 -11.06 -53.55
N VAL C 104 0.61 -10.11 -53.59
CA VAL C 104 1.43 -9.89 -54.76
C VAL C 104 2.89 -9.71 -54.33
N ASP C 105 3.80 -10.38 -55.03
CA ASP C 105 5.22 -10.18 -54.77
C ASP C 105 5.63 -8.81 -55.32
N ALA C 106 6.28 -8.01 -54.49
CA ALA C 106 6.73 -6.69 -54.89
C ALA C 106 7.70 -6.77 -56.06
N LYS C 107 8.57 -7.77 -56.03
CA LYS C 107 9.61 -7.91 -57.04
C LYS C 107 9.09 -8.38 -58.39
N GLU C 108 8.37 -9.50 -58.41
CA GLU C 108 7.93 -10.08 -59.68
C GLU C 108 6.52 -9.68 -60.09
N GLY C 109 5.88 -8.83 -59.28
CA GLY C 109 4.57 -8.32 -59.62
C GLY C 109 3.50 -9.37 -59.71
N PRO C 110 2.36 -9.04 -60.32
CA PRO C 110 1.21 -9.94 -60.43
C PRO C 110 1.41 -11.01 -61.50
N LYS C 111 0.77 -12.15 -61.32
CA LYS C 111 0.76 -13.19 -62.35
C LYS C 111 -0.68 -13.60 -62.68
N THR C 112 -0.82 -14.59 -63.55
CA THR C 112 -2.11 -15.01 -64.08
C THR C 112 -3.12 -15.31 -62.97
N GLN C 113 -2.69 -16.07 -61.97
CA GLN C 113 -3.55 -16.49 -60.88
C GLN C 113 -4.04 -15.31 -60.05
N THR C 114 -3.16 -14.32 -59.88
CA THR C 114 -3.51 -13.10 -59.15
C THR C 114 -4.71 -12.44 -59.80
N GLY C 115 -4.64 -12.27 -61.11
CA GLY C 115 -5.71 -11.67 -61.88
C GLY C 115 -6.99 -12.49 -61.87
N GLU C 116 -6.85 -13.80 -62.06
CA GLU C 116 -8.02 -14.68 -62.02
C GLU C 116 -8.76 -14.57 -60.70
N HIS C 117 -7.99 -14.59 -59.60
CA HIS C 117 -8.55 -14.42 -58.26
C HIS C 117 -9.24 -13.06 -58.13
N MET C 118 -8.60 -12.03 -58.66
CA MET C 118 -9.17 -10.69 -58.63
C MET C 118 -10.53 -10.63 -59.30
N LEU C 119 -10.60 -11.13 -60.54
CA LEU C 119 -11.82 -11.09 -61.32
C LEU C 119 -12.92 -11.93 -60.68
N ILE C 120 -12.52 -13.08 -60.14
CA ILE C 120 -13.48 -13.96 -59.46
C ILE C 120 -14.07 -13.28 -58.23
N LEU C 121 -13.20 -12.73 -57.38
CA LEU C 121 -13.65 -12.01 -56.20
C LEU C 121 -14.51 -10.81 -56.58
N ASP C 122 -14.24 -10.24 -57.75
CA ASP C 122 -15.01 -9.12 -58.26
C ASP C 122 -16.43 -9.56 -58.65
N HIS C 123 -16.50 -10.69 -59.34
CA HIS C 123 -17.79 -11.24 -59.78
C HIS C 123 -18.68 -11.59 -58.59
N PHE C 124 -18.04 -12.00 -57.50
CA PHE C 124 -18.77 -12.43 -56.31
C PHE C 124 -18.98 -11.30 -55.32
N ASN C 125 -18.56 -10.09 -55.71
CA ASN C 125 -18.75 -8.89 -54.90
C ASN C 125 -18.12 -9.00 -53.52
N ILE C 126 -17.01 -9.74 -53.44
CA ILE C 126 -16.28 -9.90 -52.19
C ILE C 126 -15.21 -8.83 -52.06
N PRO C 127 -15.30 -8.00 -51.00
CA PRO C 127 -14.34 -6.93 -50.75
C PRO C 127 -12.92 -7.47 -50.65
N ILE C 128 -11.96 -6.78 -51.25
CA ILE C 128 -10.57 -7.23 -51.23
C ILE C 128 -9.60 -6.16 -50.76
N ILE C 129 -8.45 -6.61 -50.26
CA ILE C 129 -7.34 -5.73 -49.93
C ILE C 129 -6.09 -6.29 -50.59
N VAL C 130 -5.45 -5.50 -51.44
CA VAL C 130 -4.24 -5.97 -52.12
C VAL C 130 -3.06 -5.85 -51.18
N VAL C 131 -2.44 -7.00 -50.90
CA VAL C 131 -1.29 -7.03 -50.01
C VAL C 131 -0.04 -7.28 -50.84
N ILE C 132 0.96 -6.40 -50.71
CA ILE C 132 2.19 -6.59 -51.46
C ILE C 132 3.25 -7.21 -50.55
N THR C 133 3.51 -8.49 -50.78
CA THR C 133 4.42 -9.30 -49.97
C THR C 133 5.89 -9.14 -50.34
N LYS C 134 6.75 -9.46 -49.39
CA LYS C 134 8.20 -9.50 -49.61
C LYS C 134 8.75 -8.15 -50.04
N SER C 135 8.21 -7.09 -49.47
CA SER C 135 8.67 -5.73 -49.78
C SER C 135 10.11 -5.55 -49.31
N ASP C 136 10.56 -6.42 -48.41
CA ASP C 136 11.95 -6.39 -47.93
C ASP C 136 12.91 -6.91 -48.98
N ASN C 137 12.39 -7.64 -49.96
CA ASN C 137 13.22 -8.22 -51.01
C ASN C 137 13.26 -7.36 -52.29
N ALA C 138 12.51 -6.26 -52.29
CA ALA C 138 12.39 -5.45 -53.49
C ALA C 138 12.92 -4.03 -53.32
N GLY C 139 13.40 -3.45 -54.43
CA GLY C 139 13.83 -2.07 -54.44
C GLY C 139 12.63 -1.13 -54.51
N THR C 140 12.89 0.16 -54.46
CA THR C 140 11.83 1.16 -54.45
C THR C 140 10.94 1.10 -55.69
N GLU C 141 11.58 1.13 -56.86
CA GLU C 141 10.85 1.16 -58.13
C GLU C 141 10.11 -0.14 -58.42
N GLU C 142 10.58 -1.25 -57.86
CA GLU C 142 9.93 -2.53 -58.06
C GLU C 142 8.59 -2.54 -57.32
N ILE C 143 8.61 -2.07 -56.07
CA ILE C 143 7.40 -1.96 -55.27
C ILE C 143 6.42 -0.96 -55.90
N LYS C 144 6.95 0.20 -56.31
CA LYS C 144 6.13 1.21 -56.97
C LYS C 144 5.45 0.65 -58.23
N ARG C 145 6.24 -0.06 -59.04
CA ARG C 145 5.75 -0.64 -60.29
C ARG C 145 4.64 -1.66 -60.04
N THR C 146 4.90 -2.58 -59.11
CA THR C 146 3.89 -3.60 -58.77
C THR C 146 2.60 -2.95 -58.28
N GLU C 147 2.73 -2.00 -57.36
CA GLU C 147 1.57 -1.29 -56.82
C GLU C 147 0.78 -0.60 -57.93
N MET C 148 1.49 0.07 -58.83
CA MET C 148 0.86 0.76 -59.95
C MET C 148 0.08 -0.19 -60.85
N ILE C 149 0.74 -1.27 -61.28
CA ILE C 149 0.10 -2.28 -62.11
C ILE C 149 -1.17 -2.81 -61.45
N MET C 150 -1.08 -3.09 -60.15
CA MET C 150 -2.24 -3.62 -59.44
C MET C 150 -3.39 -2.62 -59.36
N LYS C 151 -3.08 -1.35 -59.14
CA LYS C 151 -4.09 -0.30 -59.16
C LYS C 151 -4.79 -0.27 -60.51
N SER C 152 -3.99 -0.27 -61.57
CA SER C 152 -4.50 -0.22 -62.94
C SER C 152 -5.42 -1.41 -63.25
N ILE C 153 -5.00 -2.61 -62.85
CA ILE C 153 -5.82 -3.80 -63.05
C ILE C 153 -7.12 -3.68 -62.27
N LEU C 154 -7.02 -3.15 -61.05
CA LEU C 154 -8.20 -2.91 -60.21
C LEU C 154 -9.21 -2.02 -60.92
N GLN C 155 -8.72 -1.08 -61.71
CA GLN C 155 -9.62 -0.18 -62.44
C GLN C 155 -10.49 -0.88 -63.48
N SER C 156 -10.11 -2.08 -63.89
CA SER C 156 -10.86 -2.81 -64.91
C SER C 156 -12.00 -3.62 -64.31
N THR C 157 -12.19 -3.50 -63.00
CA THR C 157 -13.17 -4.31 -62.28
C THR C 157 -14.40 -3.49 -61.88
N HIS C 158 -15.55 -4.15 -61.81
CA HIS C 158 -16.81 -3.49 -61.52
C HIS C 158 -16.92 -3.00 -60.07
N ASN C 159 -16.41 -3.80 -59.15
CA ASN C 159 -16.55 -3.55 -57.71
C ASN C 159 -15.25 -3.12 -57.03
N LEU C 160 -14.24 -3.97 -57.16
CA LEU C 160 -12.96 -3.83 -56.47
C LEU C 160 -12.16 -2.56 -56.81
N LYS C 161 -12.72 -1.73 -57.69
CA LYS C 161 -12.02 -0.61 -58.32
C LYS C 161 -11.15 0.25 -57.39
N ASN C 162 -11.69 0.70 -56.27
CA ASN C 162 -10.91 1.51 -55.31
C ASN C 162 -10.26 0.77 -54.15
N SER C 163 -10.31 -0.56 -54.17
CA SER C 163 -9.71 -1.37 -53.11
C SER C 163 -8.26 -0.96 -52.81
N SER C 164 -7.94 -0.88 -51.52
CA SER C 164 -6.65 -0.34 -51.08
C SER C 164 -5.49 -1.32 -51.27
N ILE C 165 -4.28 -0.77 -51.34
CA ILE C 165 -3.07 -1.56 -51.57
C ILE C 165 -2.04 -1.31 -50.49
N ILE C 166 -1.72 -2.34 -49.70
CA ILE C 166 -0.75 -2.21 -48.62
C ILE C 166 0.49 -3.07 -48.87
N PRO C 167 1.65 -2.41 -49.03
CA PRO C 167 2.90 -3.19 -49.06
C PRO C 167 3.25 -3.66 -47.65
N ILE C 168 3.70 -4.89 -47.52
CA ILE C 168 4.16 -5.40 -46.23
C ILE C 168 5.40 -6.26 -46.41
N SER C 169 6.15 -6.39 -45.33
CA SER C 169 7.17 -7.41 -45.24
C SER C 169 6.78 -8.26 -44.06
N ALA C 170 6.40 -9.51 -44.32
CA ALA C 170 6.15 -10.44 -43.23
C ALA C 170 7.42 -10.53 -42.43
N LYS C 171 8.51 -10.85 -43.12
CA LYS C 171 9.83 -11.04 -42.50
C LYS C 171 10.25 -9.93 -41.53
N THR C 172 10.16 -8.68 -41.97
CA THR C 172 10.47 -7.55 -41.11
C THR C 172 9.32 -7.31 -40.13
N GLY C 173 8.10 -7.43 -40.64
CA GLY C 173 6.92 -7.16 -39.86
C GLY C 173 6.34 -5.81 -40.25
N PHE C 174 7.04 -5.16 -41.17
CA PHE C 174 6.62 -3.88 -41.72
C PHE C 174 5.22 -3.98 -42.36
N GLY C 175 4.35 -3.06 -42.00
CA GLY C 175 3.04 -2.95 -42.63
C GLY C 175 1.96 -3.88 -42.11
N VAL C 176 2.34 -4.79 -41.22
CA VAL C 176 1.38 -5.76 -40.69
C VAL C 176 0.36 -5.11 -39.75
N ASP C 177 0.82 -4.16 -38.96
CA ASP C 177 -0.07 -3.37 -38.10
C ASP C 177 -1.13 -2.66 -38.93
N GLU C 178 -0.66 -1.91 -39.93
CA GLU C 178 -1.56 -1.17 -40.82
C GLU C 178 -2.53 -2.11 -41.52
N LEU C 179 -2.06 -3.31 -41.85
CA LEU C 179 -2.93 -4.30 -42.48
C LEU C 179 -4.04 -4.75 -41.54
N LYS C 180 -3.68 -5.10 -40.31
CA LYS C 180 -4.67 -5.53 -39.32
C LYS C 180 -5.71 -4.45 -39.08
N ASN C 181 -5.24 -3.22 -38.87
CA ASN C 181 -6.13 -2.08 -38.69
C ASN C 181 -7.06 -1.87 -39.89
N LEU C 182 -6.51 -2.05 -41.08
CA LEU C 182 -7.30 -1.88 -42.31
C LEU C 182 -8.37 -2.95 -42.44
N ILE C 183 -8.01 -4.17 -42.04
CA ILE C 183 -8.97 -5.27 -42.03
C ILE C 183 -10.10 -4.91 -41.08
N ILE C 184 -9.74 -4.36 -39.92
CA ILE C 184 -10.74 -3.95 -38.93
C ILE C 184 -11.67 -2.87 -39.47
N THR C 185 -11.12 -1.82 -40.07
CA THR C 185 -11.92 -0.74 -40.63
C THR C 185 -12.85 -1.25 -41.73
N THR C 186 -12.29 -2.08 -42.61
CA THR C 186 -13.04 -2.66 -43.72
C THR C 186 -14.22 -3.48 -43.23
N LEU C 187 -13.98 -4.33 -42.24
CA LEU C 187 -15.06 -5.15 -41.67
C LEU C 187 -16.07 -4.27 -40.92
N ASN C 188 -15.59 -3.17 -40.36
CA ASN C 188 -16.44 -2.24 -39.64
C ASN C 188 -17.41 -1.53 -40.58
N ASN C 189 -16.96 -1.28 -41.80
CA ASN C 189 -17.81 -0.63 -42.80
C ASN C 189 -18.83 -1.59 -43.39
N ALA C 190 -18.43 -2.86 -43.53
CA ALA C 190 -19.28 -3.86 -44.15
C ALA C 190 -20.55 -4.12 -43.37
N GLU C 191 -21.64 -4.40 -44.07
CA GLU C 191 -22.86 -4.85 -43.44
C GLU C 191 -22.93 -6.36 -43.61
N ILE C 192 -22.76 -7.09 -42.51
CA ILE C 192 -22.68 -8.54 -42.57
C ILE C 192 -23.93 -9.21 -42.03
N ILE C 193 -24.67 -9.84 -42.94
CA ILE C 193 -25.87 -10.57 -42.56
C ILE C 193 -25.76 -12.02 -43.02
N ARG C 194 -25.89 -12.93 -42.07
CA ARG C 194 -25.89 -14.36 -42.36
C ARG C 194 -27.34 -14.75 -42.57
N ASN C 195 -27.59 -15.72 -43.45
CA ASN C 195 -28.97 -16.11 -43.66
C ASN C 195 -29.27 -17.24 -42.68
N THR C 196 -29.99 -16.85 -41.63
CA THR C 196 -30.34 -17.75 -40.54
C THR C 196 -31.61 -18.55 -40.80
N GLU C 197 -32.61 -17.87 -41.37
CA GLU C 197 -33.98 -18.35 -41.35
C GLU C 197 -34.33 -19.28 -42.51
N SER C 198 -33.34 -19.61 -43.33
CA SER C 198 -33.55 -20.56 -44.43
C SER C 198 -33.26 -21.98 -43.97
N TYR C 199 -33.32 -22.92 -44.91
CA TYR C 199 -32.98 -24.31 -44.65
C TYR C 199 -31.49 -24.41 -44.39
N PHE C 200 -31.07 -25.49 -43.75
CA PHE C 200 -29.65 -25.67 -43.42
C PHE C 200 -28.82 -26.19 -44.59
N LYS C 201 -27.72 -25.52 -44.87
CA LYS C 201 -26.81 -25.92 -45.95
C LYS C 201 -25.34 -25.80 -45.52
N MET C 202 -24.64 -26.93 -45.50
CA MET C 202 -23.23 -26.98 -45.09
C MET C 202 -22.36 -27.83 -46.02
N PRO C 203 -21.72 -27.20 -47.02
CA PRO C 203 -20.76 -27.90 -47.88
C PRO C 203 -19.69 -28.61 -47.05
N LEU C 204 -19.43 -29.89 -47.32
CA LEU C 204 -18.47 -30.66 -46.54
C LEU C 204 -17.06 -30.60 -47.11
N ASP C 205 -16.14 -30.02 -46.34
CA ASP C 205 -14.74 -29.88 -46.76
C ASP C 205 -13.90 -31.14 -46.51
N HIS C 206 -14.07 -31.75 -45.34
CA HIS C 206 -13.28 -32.90 -44.95
C HIS C 206 -14.09 -33.88 -44.12
N ALA C 207 -13.65 -35.13 -44.11
CA ALA C 207 -14.26 -36.14 -43.26
C ALA C 207 -13.25 -37.20 -42.83
N PHE C 208 -13.36 -37.66 -41.59
CA PHE C 208 -12.58 -38.83 -41.16
C PHE C 208 -13.38 -39.68 -40.19
N PRO C 209 -13.23 -41.01 -40.30
CA PRO C 209 -14.01 -41.92 -39.47
C PRO C 209 -13.50 -42.01 -38.04
N ILE C 210 -14.43 -42.15 -37.11
CA ILE C 210 -14.11 -42.56 -35.75
C ILE C 210 -14.74 -43.94 -35.62
N LYS C 211 -13.90 -44.96 -35.52
CA LYS C 211 -14.31 -46.34 -35.78
C LYS C 211 -15.59 -46.76 -35.06
N GLY C 212 -15.60 -46.61 -33.74
CA GLY C 212 -16.78 -46.95 -32.97
C GLY C 212 -17.90 -45.94 -32.94
N ALA C 213 -17.56 -44.66 -32.75
CA ALA C 213 -18.56 -43.67 -32.38
C ALA C 213 -19.15 -42.77 -33.47
N GLY C 214 -18.65 -42.86 -34.71
CA GLY C 214 -19.24 -42.06 -35.76
C GLY C 214 -18.32 -41.59 -36.87
N THR C 215 -18.74 -40.51 -37.52
CA THR C 215 -17.96 -39.87 -38.57
C THR C 215 -17.79 -38.38 -38.26
N VAL C 216 -16.58 -37.86 -38.45
CA VAL C 216 -16.33 -36.44 -38.31
C VAL C 216 -16.37 -35.77 -39.68
N VAL C 217 -17.11 -34.68 -39.77
CA VAL C 217 -17.17 -33.89 -40.99
C VAL C 217 -16.86 -32.44 -40.67
N THR C 218 -16.33 -31.70 -41.63
CA THR C 218 -16.02 -30.29 -41.43
C THR C 218 -16.67 -29.44 -42.50
N GLY C 219 -16.93 -28.18 -42.20
CA GLY C 219 -17.49 -27.30 -43.22
C GLY C 219 -17.77 -25.89 -42.77
N THR C 220 -18.09 -25.03 -43.74
CA THR C 220 -18.51 -23.67 -43.45
C THR C 220 -19.98 -23.51 -43.81
N ILE C 221 -20.81 -23.30 -42.81
CA ILE C 221 -22.25 -23.22 -43.00
C ILE C 221 -22.62 -22.04 -43.88
N ASN C 222 -23.34 -22.32 -44.97
CA ASN C 222 -23.80 -21.28 -45.88
C ASN C 222 -25.01 -20.55 -45.33
N LYS C 223 -26.11 -21.28 -45.14
CA LYS C 223 -27.30 -20.72 -44.54
C LYS C 223 -27.96 -21.71 -43.59
N GLY C 224 -28.78 -21.21 -42.67
CA GLY C 224 -29.51 -22.09 -41.77
C GLY C 224 -28.85 -22.27 -40.42
N ILE C 225 -29.30 -23.30 -39.69
CA ILE C 225 -28.87 -23.53 -38.32
C ILE C 225 -28.78 -25.02 -38.00
N VAL C 226 -27.76 -25.44 -37.25
CA VAL C 226 -27.73 -26.79 -36.71
C VAL C 226 -27.71 -26.76 -35.20
N LYS C 227 -28.49 -27.64 -34.58
CA LYS C 227 -28.41 -27.84 -33.14
C LYS C 227 -27.97 -29.27 -32.90
N VAL C 228 -27.36 -29.52 -31.75
CA VAL C 228 -26.95 -30.86 -31.40
C VAL C 228 -28.20 -31.72 -31.23
N GLY C 229 -28.27 -32.83 -31.97
CA GLY C 229 -29.43 -33.68 -31.94
C GLY C 229 -30.28 -33.56 -33.19
N ASP C 230 -29.99 -32.56 -34.02
CA ASP C 230 -30.72 -32.36 -35.28
C ASP C 230 -30.51 -33.53 -36.23
N GLU C 231 -31.59 -33.93 -36.90
CA GLU C 231 -31.50 -34.97 -37.91
C GLU C 231 -31.50 -34.36 -39.30
N LEU C 232 -30.43 -34.61 -40.04
CA LEU C 232 -30.22 -34.03 -41.35
C LEU C 232 -29.97 -35.14 -42.36
N LYS C 233 -29.59 -34.75 -43.56
CA LYS C 233 -29.21 -35.71 -44.60
C LYS C 233 -28.07 -35.18 -45.45
N VAL C 234 -27.28 -36.11 -45.99
CA VAL C 234 -26.23 -35.76 -46.94
C VAL C 234 -26.71 -36.01 -48.36
N LEU C 235 -26.53 -35.01 -49.21
CA LEU C 235 -26.87 -35.09 -50.62
C LEU C 235 -25.60 -34.89 -51.43
N PRO C 236 -25.55 -35.43 -52.66
CA PRO C 236 -26.54 -36.21 -53.41
C PRO C 236 -26.77 -37.63 -52.90
N ILE C 237 -25.88 -38.15 -52.07
CA ILE C 237 -25.98 -39.54 -51.61
C ILE C 237 -27.29 -39.87 -50.89
N ASN C 238 -28.00 -38.82 -50.46
CA ASN C 238 -29.33 -38.96 -49.86
C ASN C 238 -29.35 -39.87 -48.64
N MET C 239 -28.45 -39.61 -47.70
CA MET C 239 -28.37 -40.45 -46.50
C MET C 239 -28.64 -39.68 -45.21
N SER C 240 -29.61 -40.17 -44.44
CA SER C 240 -29.97 -39.54 -43.18
C SER C 240 -28.88 -39.70 -42.13
N THR C 241 -28.71 -38.67 -41.30
CA THR C 241 -27.70 -38.66 -40.25
C THR C 241 -28.20 -37.83 -39.09
N LYS C 242 -27.62 -38.06 -37.91
CA LYS C 242 -27.97 -37.30 -36.72
C LYS C 242 -26.73 -36.59 -36.19
N VAL C 243 -26.89 -35.39 -35.66
CA VAL C 243 -25.75 -34.60 -35.24
C VAL C 243 -25.44 -34.86 -33.77
N ARG C 244 -24.33 -35.55 -33.52
CA ARG C 244 -23.93 -35.90 -32.16
C ARG C 244 -23.21 -34.77 -31.47
N SER C 245 -22.31 -34.09 -32.18
CA SER C 245 -21.55 -33.01 -31.58
C SER C 245 -21.17 -31.92 -32.58
N ILE C 246 -21.07 -30.69 -32.09
CA ILE C 246 -20.65 -29.57 -32.92
C ILE C 246 -19.52 -28.78 -32.25
N GLN C 247 -18.46 -28.51 -33.00
CA GLN C 247 -17.37 -27.68 -32.51
C GLN C 247 -17.17 -26.44 -33.35
N TYR C 248 -17.19 -25.29 -32.70
CA TYR C 248 -16.84 -24.03 -33.35
C TYR C 248 -15.76 -23.30 -32.55
N PHE C 249 -14.71 -22.89 -33.25
CA PHE C 249 -13.64 -22.08 -32.65
C PHE C 249 -12.97 -22.74 -31.44
N LYS C 250 -12.47 -23.96 -31.65
CA LYS C 250 -11.74 -24.71 -30.62
C LYS C 250 -12.57 -24.99 -29.37
N GLU C 251 -13.89 -25.00 -29.51
CA GLU C 251 -14.75 -25.21 -28.36
C GLU C 251 -16.06 -25.88 -28.75
N SER C 252 -16.60 -26.69 -27.85
CA SER C 252 -17.84 -27.41 -28.11
C SER C 252 -19.03 -26.49 -27.96
N VAL C 253 -19.93 -26.52 -28.95
CA VAL C 253 -21.11 -25.66 -28.95
C VAL C 253 -22.38 -26.46 -29.16
N MET C 254 -23.49 -25.94 -28.65
CA MET C 254 -24.79 -26.60 -28.81
C MET C 254 -25.40 -26.33 -30.17
N GLU C 255 -25.07 -25.19 -30.77
CA GLU C 255 -25.61 -24.86 -32.08
C GLU C 255 -24.69 -23.96 -32.90
N ALA C 256 -24.84 -24.06 -34.22
CA ALA C 256 -24.07 -23.27 -35.16
C ALA C 256 -24.98 -22.62 -36.20
N LYS C 257 -24.55 -21.45 -36.66
CA LYS C 257 -25.32 -20.65 -37.60
C LYS C 257 -24.48 -20.36 -38.83
N ALA C 258 -25.13 -19.85 -39.88
CA ALA C 258 -24.44 -19.49 -41.12
C ALA C 258 -23.25 -18.58 -40.84
N GLY C 259 -22.13 -18.87 -41.50
CA GLY C 259 -20.92 -18.11 -41.29
C GLY C 259 -19.93 -18.83 -40.40
N ASP C 260 -20.43 -19.79 -39.62
CA ASP C 260 -19.58 -20.55 -38.72
C ASP C 260 -18.87 -21.70 -39.43
N ARG C 261 -17.56 -21.74 -39.31
CA ARG C 261 -16.81 -22.90 -39.75
C ARG C 261 -16.77 -23.89 -38.60
N VAL C 262 -17.33 -25.06 -38.82
CA VAL C 262 -17.53 -26.02 -37.75
C VAL C 262 -17.01 -27.42 -38.07
N GLY C 263 -16.53 -28.10 -37.04
CA GLY C 263 -16.32 -29.53 -37.08
C GLY C 263 -17.56 -30.16 -36.49
N MET C 264 -17.87 -31.39 -36.88
CA MET C 264 -19.06 -32.06 -36.40
C MET C 264 -18.89 -33.57 -36.28
N ALA C 265 -19.44 -34.13 -35.22
CA ALA C 265 -19.52 -35.56 -35.06
C ALA C 265 -20.94 -35.98 -35.38
N ILE C 266 -21.10 -36.71 -36.48
CA ILE C 266 -22.40 -37.19 -36.90
C ILE C 266 -22.38 -38.70 -36.99
N GLN C 267 -23.55 -39.33 -36.92
CA GLN C 267 -23.64 -40.78 -37.05
C GLN C 267 -24.66 -41.18 -38.12
N GLY C 268 -24.44 -42.34 -38.73
CA GLY C 268 -25.31 -42.81 -39.79
C GLY C 268 -24.71 -42.78 -41.19
N VAL C 269 -23.53 -42.19 -41.32
CA VAL C 269 -22.82 -42.18 -42.60
C VAL C 269 -21.32 -42.43 -42.45
N ASP C 270 -20.81 -43.39 -43.20
CA ASP C 270 -19.37 -43.65 -43.23
C ASP C 270 -18.64 -42.51 -43.91
N ALA C 271 -17.40 -42.28 -43.51
CA ALA C 271 -16.59 -41.21 -44.09
C ALA C 271 -16.28 -41.49 -45.55
N LYS C 272 -16.14 -42.77 -45.89
CA LYS C 272 -15.85 -43.17 -47.26
C LYS C 272 -17.05 -42.99 -48.19
N GLN C 273 -18.24 -42.88 -47.60
CA GLN C 273 -19.46 -42.65 -48.37
C GLN C 273 -19.57 -41.18 -48.78
N ILE C 274 -18.82 -40.33 -48.10
CA ILE C 274 -18.82 -38.90 -48.39
C ILE C 274 -17.68 -38.52 -49.33
N TYR C 275 -17.99 -37.78 -50.38
CA TYR C 275 -16.99 -37.31 -51.32
C TYR C 275 -17.17 -35.83 -51.66
N ARG C 276 -16.35 -35.32 -52.59
CA ARG C 276 -16.18 -33.88 -52.78
C ARG C 276 -17.45 -33.03 -52.93
N GLY C 277 -18.35 -33.42 -53.81
CA GLY C 277 -19.51 -32.61 -54.11
C GLY C 277 -20.60 -32.65 -53.05
N CMH C 278 -20.36 -33.40 -51.98
CA CMH C 278 -21.38 -33.63 -50.96
C CMH C 278 -21.69 -32.41 -50.09
O CMH C 278 -20.79 -31.66 -49.72
CB CMH C 278 -20.99 -34.83 -50.10
SG CMH C 278 -21.11 -36.47 -50.83
CM CMH C 278 -21.07 -35.56 -55.17
HG CMH C 278 -20.98 -35.97 -53.12
N ILE C 279 -22.97 -32.24 -49.78
CA ILE C 279 -23.41 -31.18 -48.90
C ILE C 279 -24.27 -31.76 -47.78
N LEU C 280 -24.04 -31.32 -46.54
CA LEU C 280 -24.92 -31.70 -45.44
C LEU C 280 -26.05 -30.69 -45.33
N THR C 281 -27.28 -31.16 -45.47
CA THR C 281 -28.43 -30.25 -45.47
C THR C 281 -29.59 -30.78 -44.65
N SER C 282 -30.51 -29.89 -44.29
CA SER C 282 -31.71 -30.30 -43.58
C SER C 282 -32.66 -30.98 -44.55
N LYS C 283 -33.82 -31.42 -44.06
CA LYS C 283 -34.73 -32.21 -44.87
C LYS C 283 -35.79 -31.38 -45.62
N ASP C 284 -35.83 -30.09 -45.32
CA ASP C 284 -36.70 -29.16 -46.05
C ASP C 284 -35.93 -28.49 -47.19
N THR C 285 -34.72 -28.99 -47.43
CA THR C 285 -33.75 -28.40 -48.35
C THR C 285 -34.28 -28.05 -49.74
N LYS C 286 -33.85 -26.90 -50.25
CA LYS C 286 -34.21 -26.46 -51.59
C LYS C 286 -33.18 -26.92 -52.61
N LEU C 287 -32.10 -27.53 -52.13
CA LEU C 287 -31.05 -28.05 -53.00
C LEU C 287 -31.62 -29.11 -53.93
N GLN C 288 -31.27 -29.02 -55.20
CA GLN C 288 -31.69 -30.02 -56.18
C GLN C 288 -30.48 -30.67 -56.83
N THR C 289 -30.61 -31.95 -57.16
CA THR C 289 -29.62 -32.61 -57.99
C THR C 289 -29.93 -32.20 -59.43
N VAL C 290 -28.91 -31.75 -60.15
CA VAL C 290 -29.14 -31.00 -61.38
C VAL C 290 -28.39 -31.53 -62.60
N ASP C 291 -29.08 -31.55 -63.74
CA ASP C 291 -28.47 -31.89 -65.01
C ASP C 291 -28.38 -30.65 -65.89
N LYS C 292 -29.54 -30.08 -66.19
CA LYS C 292 -29.62 -28.91 -67.05
C LYS C 292 -29.86 -27.61 -66.27
N ILE C 293 -28.97 -26.65 -66.45
CA ILE C 293 -29.04 -25.34 -65.79
C ILE C 293 -29.38 -24.25 -66.80
N VAL C 294 -30.31 -23.37 -66.46
CA VAL C 294 -30.56 -22.17 -67.26
C VAL C 294 -30.22 -20.95 -66.42
N ALA C 295 -29.23 -20.17 -66.85
CA ALA C 295 -28.74 -19.07 -66.02
C ALA C 295 -28.57 -17.75 -66.77
N LYS C 296 -28.66 -16.64 -66.05
CA LYS C 296 -28.38 -15.34 -66.65
C LYS C 296 -26.91 -15.01 -66.43
N ILE C 297 -26.22 -14.70 -67.54
CA ILE C 297 -24.78 -14.54 -67.52
C ILE C 297 -24.28 -13.21 -68.05
N LYS C 298 -23.38 -12.60 -67.28
CA LYS C 298 -22.60 -11.45 -67.71
C LYS C 298 -21.22 -11.92 -68.17
N ILE C 299 -20.81 -11.45 -69.34
CA ILE C 299 -19.49 -11.77 -69.88
C ILE C 299 -18.48 -10.69 -69.49
N SER C 300 -17.33 -11.11 -68.98
CA SER C 300 -16.30 -10.19 -68.51
C SER C 300 -15.89 -9.16 -69.56
N ASP C 301 -15.74 -7.92 -69.13
CA ASP C 301 -15.43 -6.81 -70.03
C ASP C 301 -14.10 -6.98 -70.75
N ILE C 302 -13.12 -7.55 -70.05
CA ILE C 302 -11.78 -7.69 -70.61
C ILE C 302 -11.53 -9.04 -71.28
N PHE C 303 -12.58 -9.86 -71.37
CA PHE C 303 -12.48 -11.16 -72.04
C PHE C 303 -12.33 -10.94 -73.54
N LYS C 304 -11.27 -11.49 -74.12
CA LYS C 304 -10.91 -11.21 -75.51
C LYS C 304 -11.53 -12.17 -76.52
N TYR C 305 -12.39 -13.06 -76.04
CA TYR C 305 -12.95 -14.11 -76.90
C TYR C 305 -14.48 -14.17 -76.82
N ASN C 306 -15.06 -15.18 -77.45
CA ASN C 306 -16.52 -15.27 -77.55
C ASN C 306 -17.09 -16.62 -77.10
N LEU C 307 -18.40 -16.65 -76.92
CA LEU C 307 -19.13 -17.90 -76.71
C LEU C 307 -20.10 -18.12 -77.86
N THR C 308 -20.16 -19.35 -78.34
CA THR C 308 -21.05 -19.70 -79.45
C THR C 308 -21.92 -20.89 -79.05
N PRO C 309 -23.06 -21.08 -79.73
CA PRO C 309 -23.93 -22.24 -79.47
C PRO C 309 -23.21 -23.58 -79.52
N LYS C 310 -23.53 -24.44 -78.54
CA LYS C 310 -22.97 -25.78 -78.45
C LYS C 310 -21.45 -25.80 -78.24
N MET C 311 -20.95 -24.85 -77.46
CA MET C 311 -19.53 -24.80 -77.12
C MET C 311 -19.28 -25.41 -75.76
N LYS C 312 -18.23 -26.23 -75.67
CA LYS C 312 -17.86 -26.84 -74.40
C LYS C 312 -17.27 -25.81 -73.46
N VAL C 313 -17.86 -25.70 -72.27
CA VAL C 313 -17.34 -24.83 -71.24
C VAL C 313 -17.29 -25.60 -69.93
N HIS C 314 -16.50 -25.12 -68.98
CA HIS C 314 -16.47 -25.73 -67.67
C HIS C 314 -17.17 -24.84 -66.65
N LEU C 315 -18.13 -25.43 -65.95
CA LEU C 315 -18.98 -24.70 -65.03
C LEU C 315 -18.58 -24.99 -63.59
N ASN C 316 -18.15 -23.94 -62.89
CA ASN C 316 -17.97 -24.03 -61.45
C ASN C 316 -19.32 -23.79 -60.81
N VAL C 317 -19.80 -24.84 -60.13
CA VAL C 317 -21.08 -24.81 -59.45
C VAL C 317 -20.88 -25.37 -58.06
N GLY C 318 -21.12 -24.54 -57.05
CA GLY C 318 -20.82 -24.92 -55.68
C GLY C 318 -19.36 -25.28 -55.58
N MET C 319 -19.08 -26.47 -55.06
CA MET C 319 -17.70 -26.93 -54.94
C MET C 319 -17.22 -27.82 -56.08
N LEU C 320 -18.03 -27.99 -57.12
CA LEU C 320 -17.59 -28.83 -58.23
C LEU C 320 -17.35 -28.04 -59.51
N ILE C 321 -16.75 -28.71 -60.51
CA ILE C 321 -16.61 -28.18 -61.84
C ILE C 321 -17.05 -29.23 -62.85
N VAL C 322 -18.20 -29.00 -63.48
CA VAL C 322 -18.70 -29.91 -64.50
C VAL C 322 -18.38 -29.44 -65.92
N PRO C 323 -18.01 -30.36 -66.82
CA PRO C 323 -18.03 -29.98 -68.22
C PRO C 323 -19.48 -29.81 -68.67
N ALA C 324 -19.76 -28.84 -69.53
CA ALA C 324 -21.13 -28.58 -69.96
C ALA C 324 -21.19 -28.00 -71.36
N VAL C 325 -22.26 -28.33 -72.07
CA VAL C 325 -22.55 -27.72 -73.36
C VAL C 325 -23.31 -26.44 -73.10
N ALA C 326 -22.98 -25.38 -73.80
CA ALA C 326 -23.63 -24.09 -73.57
C ALA C 326 -24.23 -23.54 -74.84
N VAL C 327 -25.47 -23.05 -74.75
CA VAL C 327 -25.98 -22.23 -75.84
C VAL C 327 -26.44 -20.87 -75.31
N PRO C 328 -26.07 -19.79 -76.01
CA PRO C 328 -26.51 -18.43 -75.72
C PRO C 328 -27.89 -18.15 -76.27
N PHE C 329 -28.68 -17.34 -75.55
CA PHE C 329 -29.90 -16.80 -76.12
C PHE C 329 -30.34 -15.54 -75.36
N LYS C 330 -31.15 -14.73 -76.03
CA LYS C 330 -31.73 -13.55 -75.40
C LYS C 330 -33.24 -13.68 -75.42
N LYS C 331 -33.90 -13.08 -74.44
CA LYS C 331 -35.37 -13.12 -74.38
C LYS C 331 -35.96 -11.90 -75.06
N VAL C 332 -36.62 -12.13 -76.19
CA VAL C 332 -37.19 -11.04 -76.98
C VAL C 332 -38.71 -11.14 -77.01
N THR C 333 -39.38 -10.07 -76.60
CA THR C 333 -40.84 -10.03 -76.62
C THR C 333 -41.37 -9.53 -77.96
N PHE C 334 -42.28 -10.30 -78.54
CA PHE C 334 -42.88 -9.94 -79.83
C PHE C 334 -44.22 -9.23 -79.66
N GLY C 335 -44.57 -8.91 -78.43
CA GLY C 335 -45.78 -8.16 -78.11
C GLY C 335 -46.89 -9.02 -77.56
N LYS C 336 -46.82 -10.32 -77.83
CA LYS C 336 -47.75 -11.27 -77.24
C LYS C 336 -46.99 -12.39 -76.51
N THR C 337 -46.20 -13.14 -77.26
CA THR C 337 -45.40 -14.22 -76.70
C THR C 337 -43.94 -13.83 -76.58
N GLU C 338 -43.38 -13.97 -75.39
CA GLU C 338 -41.95 -13.81 -75.20
C GLU C 338 -41.25 -15.02 -75.81
N GLU C 339 -40.27 -14.77 -76.66
CA GLU C 339 -39.54 -15.85 -77.31
C GLU C 339 -38.09 -15.90 -76.87
N ASN C 340 -37.54 -17.11 -76.86
CA ASN C 340 -36.12 -17.29 -76.62
C ASN C 340 -35.40 -17.35 -77.96
N ILE C 341 -34.62 -16.31 -78.25
CA ILE C 341 -33.95 -16.18 -79.53
C ILE C 341 -32.47 -16.50 -79.39
N ILE C 342 -32.01 -17.48 -80.17
CA ILE C 342 -30.62 -17.95 -80.08
C ILE C 342 -29.64 -16.90 -80.58
N LEU C 343 -28.57 -16.70 -79.82
CA LEU C 343 -27.48 -15.82 -80.21
C LEU C 343 -26.32 -16.63 -80.75
N ASN C 344 -26.00 -16.44 -82.02
CA ASN C 344 -24.92 -17.18 -82.65
C ASN C 344 -23.55 -16.83 -82.09
N GLU C 345 -23.45 -15.66 -81.47
CA GLU C 345 -22.23 -15.26 -80.81
C GLU C 345 -22.49 -14.28 -79.67
N VAL C 346 -21.71 -14.38 -78.60
CA VAL C 346 -21.74 -13.39 -77.53
C VAL C 346 -20.32 -13.05 -77.09
N ILE C 347 -20.07 -11.76 -76.89
CA ILE C 347 -18.73 -11.27 -76.58
C ILE C 347 -18.72 -10.40 -75.33
N SER C 348 -17.58 -9.77 -75.07
CA SER C 348 -17.37 -8.94 -73.89
C SER C 348 -18.47 -7.89 -73.71
N GLY C 349 -18.94 -7.77 -72.47
CA GLY C 349 -19.95 -6.77 -72.13
C GLY C 349 -21.38 -7.30 -72.21
N ASN C 350 -21.58 -8.36 -72.97
CA ASN C 350 -22.92 -8.91 -73.17
C ASN C 350 -23.50 -9.52 -71.90
N GLU C 351 -24.75 -9.16 -71.60
CA GLU C 351 -25.49 -9.80 -70.53
C GLU C 351 -26.67 -10.53 -71.14
N CMH C 352 -26.61 -11.87 -71.14
CA CMH C 352 -27.64 -12.66 -71.82
C CMH C 352 -28.02 -13.87 -71.00
O CMH C 352 -27.84 -13.91 -69.79
CB CMH C 352 -27.14 -13.11 -73.19
SG CMH C 352 -26.16 -11.94 -74.14
CM CMH C 352 -29.10 -8.68 -74.86
HG CMH C 352 -27.78 -10.28 -74.56
N TYR C 353 -28.57 -14.89 -71.68
CA TYR C 353 -28.90 -16.14 -71.03
C TYR C 353 -28.06 -17.28 -71.60
N CMH C 354 -27.63 -18.18 -70.73
CA CMH C 354 -26.94 -19.38 -71.16
C CMH C 354 -27.68 -20.61 -70.68
O CMH C 354 -27.97 -20.76 -69.48
CB CMH C 354 -25.49 -19.39 -70.67
SG CMH C 354 -24.22 -19.09 -71.90
CM CMH C 354 -24.49 -14.70 -72.42
HG CMH C 354 -24.31 -16.75 -72.06
N ALA C 355 -28.01 -21.48 -71.62
CA ALA C 355 -28.55 -22.79 -71.30
C ALA C 355 -27.38 -23.77 -71.29
N PHE C 356 -27.07 -24.26 -70.11
CA PHE C 356 -26.02 -25.24 -69.92
C PHE C 356 -26.64 -26.62 -69.72
N GLU C 357 -26.09 -27.60 -70.42
CA GLU C 357 -26.39 -28.99 -70.11
C GLU C 357 -25.10 -29.67 -69.65
N LEU C 358 -25.05 -30.00 -68.36
CA LEU C 358 -23.84 -30.53 -67.75
C LEU C 358 -23.66 -32.01 -68.10
N GLU C 359 -22.41 -32.44 -68.21
CA GLU C 359 -22.10 -33.83 -68.49
C GLU C 359 -22.39 -34.69 -67.27
N GLU C 360 -22.17 -34.12 -66.09
CA GLU C 360 -22.45 -34.81 -64.84
C GLU C 360 -23.37 -34.03 -63.92
N LYS C 361 -24.15 -34.77 -63.12
CA LYS C 361 -25.11 -34.14 -62.22
C LYS C 361 -24.45 -33.33 -61.12
N VAL C 362 -25.18 -32.36 -60.58
CA VAL C 362 -24.61 -31.39 -59.65
C VAL C 362 -25.65 -30.90 -58.64
N LEU C 363 -25.18 -30.49 -57.47
CA LEU C 363 -26.06 -29.95 -56.43
C LEU C 363 -26.15 -28.44 -56.55
N ALA C 364 -27.37 -27.93 -56.77
CA ALA C 364 -27.57 -26.50 -56.93
C ALA C 364 -28.94 -26.02 -56.51
N GLU C 365 -29.05 -24.72 -56.25
CA GLU C 365 -30.30 -24.09 -55.86
C GLU C 365 -30.52 -22.86 -56.74
N VAL C 366 -31.78 -22.56 -57.03
CA VAL C 366 -32.12 -21.36 -57.81
C VAL C 366 -31.60 -20.11 -57.10
N GLY C 367 -30.92 -19.25 -57.84
CA GLY C 367 -30.34 -18.04 -57.28
C GLY C 367 -28.90 -18.24 -56.85
N ASP C 368 -28.25 -19.24 -57.43
CA ASP C 368 -26.86 -19.53 -57.10
C ASP C 368 -25.93 -18.98 -58.16
N ARG C 369 -24.76 -18.51 -57.73
CA ARG C 369 -23.76 -18.02 -58.67
C ARG C 369 -23.01 -19.17 -59.34
N VAL C 370 -22.73 -18.99 -60.62
CA VAL C 370 -22.09 -20.00 -61.45
C VAL C 370 -20.96 -19.35 -62.23
N LEU C 371 -19.83 -20.04 -62.30
CA LEU C 371 -18.68 -19.52 -63.04
C LEU C 371 -18.45 -20.31 -64.33
N ILE C 372 -18.11 -19.60 -65.40
CA ILE C 372 -17.88 -20.26 -66.68
C ILE C 372 -16.45 -20.08 -67.14
N THR C 373 -15.86 -21.16 -67.67
CA THR C 373 -14.47 -21.14 -68.07
C THR C 373 -14.25 -21.83 -69.40
N ARG C 374 -13.47 -21.21 -70.28
CA ARG C 374 -13.07 -21.87 -71.52
C ARG C 374 -11.64 -22.37 -71.36
N LEU C 375 -11.48 -23.69 -71.26
CA LEU C 375 -10.17 -24.28 -71.05
C LEU C 375 -9.52 -24.63 -72.38
N ASP C 376 -10.26 -24.43 -73.46
CA ASP C 376 -9.73 -24.65 -74.80
C ASP C 376 -8.80 -23.51 -75.21
N LEU C 377 -9.04 -22.35 -74.62
CA LEU C 377 -8.23 -21.16 -74.91
C LEU C 377 -6.82 -21.29 -74.36
N PRO C 378 -5.84 -20.61 -74.99
CA PRO C 378 -4.45 -20.56 -74.54
C PRO C 378 -4.34 -20.17 -73.05
N PRO C 379 -3.41 -20.81 -72.33
CA PRO C 379 -3.28 -20.71 -70.87
C PRO C 379 -2.97 -19.31 -70.35
N THR C 380 -2.35 -18.48 -71.18
CA THR C 380 -1.97 -17.13 -70.75
C THR C 380 -3.15 -16.17 -70.72
N THR C 381 -4.03 -16.27 -71.71
CA THR C 381 -5.21 -15.42 -71.77
C THR C 381 -6.18 -15.73 -70.64
N LEU C 382 -7.01 -14.75 -70.29
CA LEU C 382 -8.00 -14.93 -69.24
C LEU C 382 -9.06 -15.90 -69.71
N ARG C 383 -9.22 -17.01 -69.00
CA ARG C 383 -10.13 -18.06 -69.41
C ARG C 383 -11.47 -18.03 -68.68
N ILE C 384 -11.60 -17.13 -67.71
CA ILE C 384 -12.87 -16.97 -67.02
C ILE C 384 -13.63 -15.86 -67.70
N CMH C 385 -14.69 -16.23 -68.40
CA CMH C 385 -15.38 -15.30 -69.28
C CMH C 385 -16.69 -14.83 -68.69
O CMH C 385 -16.88 -13.63 -68.44
CB CMH C 385 -15.62 -15.95 -70.64
SG CMH C 385 -16.21 -17.65 -70.65
CM CMH C 385 -20.52 -16.65 -70.99
HG CMH C 385 -18.52 -17.25 -70.80
N GLY C 386 -17.61 -15.76 -68.48
CA GLY C 386 -18.90 -15.44 -67.91
C GLY C 386 -18.99 -15.70 -66.43
N HIS C 387 -19.97 -15.06 -65.80
CA HIS C 387 -20.37 -15.42 -64.45
C HIS C 387 -21.85 -15.09 -64.38
N GLY C 388 -22.59 -15.71 -63.47
CA GLY C 388 -24.00 -15.39 -63.43
C GLY C 388 -24.85 -16.10 -62.41
N LEU C 389 -26.17 -15.88 -62.47
CA LEU C 389 -27.07 -16.48 -61.49
C LEU C 389 -27.96 -17.53 -62.11
N ILE C 390 -28.20 -18.61 -61.37
CA ILE C 390 -29.06 -19.68 -61.83
C ILE C 390 -30.51 -19.23 -61.75
N GLU C 391 -31.18 -19.27 -62.89
CA GLU C 391 -32.55 -18.79 -63.02
C GLU C 391 -33.51 -19.94 -62.80
N GLU C 392 -33.42 -20.95 -63.67
CA GLU C 392 -34.27 -22.11 -63.56
C GLU C 392 -33.55 -23.35 -64.07
N PHE C 393 -34.06 -24.52 -63.72
CA PHE C 393 -33.52 -25.77 -64.23
C PHE C 393 -34.44 -26.29 -65.33
N LYS C 394 -33.85 -26.58 -66.49
CA LYS C 394 -34.64 -26.84 -67.69
C LYS C 394 -33.72 -27.27 -68.83
N PRO C 395 -34.18 -28.27 -69.60
CA PRO C 395 -33.46 -28.72 -70.80
C PRO C 395 -33.53 -27.65 -71.88
N ILE C 396 -32.63 -27.71 -72.86
CA ILE C 396 -32.68 -26.79 -73.99
C ILE C 396 -33.99 -27.00 -74.75
N LYS C 397 -34.40 -28.26 -74.84
CA LYS C 397 -35.64 -28.64 -75.51
C LYS C 397 -36.85 -27.90 -74.94
N ASP C 398 -36.87 -27.75 -73.61
CA ASP C 398 -38.00 -27.13 -72.93
C ASP C 398 -38.07 -25.62 -73.11
N LEU C 399 -37.02 -25.02 -73.65
CA LEU C 399 -36.96 -23.58 -73.82
C LEU C 399 -37.60 -23.07 -75.11
N ASN C 400 -37.87 -24.00 -76.03
CA ASN C 400 -38.42 -23.65 -77.34
C ASN C 400 -37.59 -22.59 -78.06
N ILE C 401 -36.28 -22.78 -78.07
CA ILE C 401 -35.35 -21.84 -78.68
C ILE C 401 -35.59 -21.72 -80.18
N LYS C 402 -35.67 -20.49 -80.67
CA LYS C 402 -35.90 -20.23 -82.09
C LYS C 402 -34.82 -19.33 -82.70
N LYS C 403 -34.59 -19.52 -83.99
CA LYS C 403 -33.65 -18.71 -84.74
C LYS C 403 -34.42 -17.80 -85.69
N GLU C 404 -33.85 -16.62 -85.94
CA GLU C 404 -34.47 -15.67 -86.85
C GLU C 404 -33.89 -15.84 -88.25
N VAL C 405 -34.73 -16.30 -89.17
CA VAL C 405 -34.30 -16.58 -90.53
C VAL C 405 -34.89 -15.57 -91.51
N LEU C 406 -34.02 -15.02 -92.36
CA LEU C 406 -34.44 -14.08 -93.39
C LEU C 406 -34.05 -14.57 -94.77
N ARG C 407 -35.02 -14.64 -95.67
CA ARG C 407 -34.77 -15.04 -97.04
C ARG C 407 -35.24 -13.96 -98.00
N GLU C 408 -34.64 -13.92 -99.20
CA GLU C 408 -34.93 -12.89 -100.17
C GLU C 408 -35.68 -13.42 -101.38
N GLY C 409 -36.85 -12.84 -101.64
CA GLY C 409 -37.58 -13.10 -102.85
C GLY C 409 -37.23 -12.02 -103.85
N LYS C 410 -37.42 -12.35 -105.13
CA LYS C 410 -37.34 -11.40 -106.22
C LYS C 410 -38.68 -11.48 -106.94
N VAL C 411 -39.27 -10.32 -107.21
CA VAL C 411 -40.58 -10.30 -107.86
C VAL C 411 -40.42 -10.35 -109.37
N LYS C 412 -40.90 -11.43 -109.96
CA LYS C 412 -40.83 -11.61 -111.40
C LYS C 412 -42.23 -11.72 -112.00
N ILE C 413 -42.50 -10.90 -113.01
CA ILE C 413 -43.77 -11.01 -113.72
C ILE C 413 -43.62 -12.06 -114.82
N ASP C 414 -44.41 -13.12 -114.70
CA ASP C 414 -44.30 -14.29 -115.57
C ASP C 414 -45.69 -14.64 -116.08
N LYS C 415 -45.80 -14.77 -117.40
CA LYS C 415 -47.07 -15.04 -118.10
C LYS C 415 -48.25 -14.19 -117.63
N GLY C 416 -47.96 -12.94 -117.28
CA GLY C 416 -48.99 -12.00 -116.85
C GLY C 416 -49.20 -11.94 -115.35
N ARG C 417 -48.80 -13.00 -114.66
CA ARG C 417 -48.93 -13.07 -113.20
C ARG C 417 -47.74 -12.43 -112.52
N THR C 418 -47.98 -11.78 -111.39
CA THR C 418 -46.87 -11.33 -110.56
C THR C 418 -46.50 -12.49 -109.66
N VAL C 419 -45.28 -13.01 -109.82
CA VAL C 419 -44.86 -14.23 -109.15
C VAL C 419 -43.54 -14.06 -108.42
N ILE C 420 -43.51 -14.46 -107.15
CA ILE C 420 -42.31 -14.36 -106.33
C ILE C 420 -41.39 -15.57 -106.51
N ASP C 421 -40.12 -15.29 -106.77
CA ASP C 421 -39.11 -16.32 -106.99
C ASP C 421 -38.05 -16.18 -105.91
N GLY C 422 -37.29 -17.25 -105.67
CA GLY C 422 -36.15 -17.16 -104.79
C GLY C 422 -36.39 -17.60 -103.36
N LEU C 423 -37.65 -17.72 -102.96
CA LEU C 423 -37.98 -18.19 -101.63
C LEU C 423 -37.92 -19.72 -101.55
N ALA C 424 -38.06 -20.38 -102.70
CA ALA C 424 -37.98 -21.84 -102.76
C ALA C 424 -37.43 -22.30 -104.10
N GLN C 425 -36.64 -23.37 -104.07
CA GLN C 425 -36.07 -23.94 -105.29
C GLN C 425 -36.90 -25.13 -105.77
N SER C 426 -37.94 -25.48 -105.01
CA SER C 426 -38.78 -26.62 -105.34
C SER C 426 -40.25 -26.35 -105.04
N LYS C 427 -41.13 -27.16 -105.64
CA LYS C 427 -42.57 -27.03 -105.42
C LYS C 427 -42.95 -27.44 -104.01
N VAL C 428 -42.49 -28.62 -103.60
CA VAL C 428 -42.77 -29.16 -102.28
C VAL C 428 -42.25 -28.21 -101.19
N ALA C 429 -41.11 -27.57 -101.47
CA ALA C 429 -40.55 -26.60 -100.55
C ALA C 429 -41.42 -25.36 -100.48
N ALA C 430 -42.04 -25.01 -101.61
CA ALA C 430 -42.90 -23.84 -101.68
C ALA C 430 -44.23 -24.07 -100.97
N GLU C 431 -44.69 -25.31 -100.97
CA GLU C 431 -45.95 -25.68 -100.33
C GLU C 431 -45.93 -25.44 -98.82
N LYS C 432 -44.76 -25.61 -98.21
CA LYS C 432 -44.61 -25.36 -96.79
C LYS C 432 -44.60 -23.87 -96.51
N LEU C 433 -44.16 -23.09 -97.51
CA LEU C 433 -44.07 -21.64 -97.37
C LEU C 433 -45.42 -20.92 -97.45
N ILE C 434 -46.46 -21.64 -97.85
CA ILE C 434 -47.78 -21.03 -98.02
C ILE C 434 -48.36 -20.54 -96.69
N GLY C 435 -49.01 -19.38 -96.74
CA GLY C 435 -49.64 -18.80 -95.57
C GLY C 435 -48.76 -17.79 -94.84
N GLU C 436 -47.49 -17.72 -95.24
CA GLU C 436 -46.52 -16.84 -94.61
C GLU C 436 -46.72 -15.37 -94.96
N GLU C 437 -46.15 -14.48 -94.15
CA GLU C 437 -46.21 -13.05 -94.39
C GLU C 437 -44.84 -12.52 -94.82
N ILE C 438 -44.85 -11.61 -95.79
CA ILE C 438 -43.62 -11.09 -96.38
C ILE C 438 -43.72 -9.57 -96.57
N SER C 439 -42.59 -8.92 -96.83
CA SER C 439 -42.63 -7.49 -97.14
C SER C 439 -41.66 -7.13 -98.26
N ILE C 440 -41.46 -5.85 -98.54
CA ILE C 440 -40.59 -5.45 -99.66
C ILE C 440 -39.55 -4.39 -99.27
N GLU C 441 -38.36 -4.50 -99.85
CA GLU C 441 -37.25 -3.61 -99.54
C GLU C 441 -37.40 -2.21 -100.12
N GLY C 442 -37.32 -1.20 -99.26
CA GLY C 442 -37.33 0.19 -99.68
C GLY C 442 -38.73 0.76 -99.81
N LYS C 443 -39.70 -0.12 -100.01
CA LYS C 443 -41.09 0.27 -100.12
C LYS C 443 -41.81 -0.33 -98.93
N ASP C 444 -42.87 0.32 -98.47
CA ASP C 444 -43.67 -0.25 -97.41
C ASP C 444 -44.91 -0.86 -98.05
N ILE C 445 -44.90 -2.18 -98.14
CA ILE C 445 -45.94 -2.93 -98.81
C ILE C 445 -46.06 -4.25 -98.08
N VAL C 446 -47.29 -4.69 -97.81
CA VAL C 446 -47.43 -5.93 -97.05
C VAL C 446 -47.92 -7.07 -97.92
N GLY C 447 -47.54 -8.29 -97.58
CA GLY C 447 -47.93 -9.41 -98.40
C GLY C 447 -47.99 -10.77 -97.74
N LYS C 448 -48.82 -11.64 -98.31
CA LYS C 448 -48.97 -13.01 -97.83
C LYS C 448 -48.90 -13.99 -98.99
N ILE C 449 -48.21 -15.11 -98.80
CA ILE C 449 -48.02 -16.07 -99.89
C ILE C 449 -49.18 -17.07 -99.95
N LYS C 450 -49.72 -17.28 -101.14
CA LYS C 450 -50.88 -18.15 -101.30
C LYS C 450 -50.70 -19.24 -102.37
N GLY C 451 -50.67 -18.82 -103.64
CA GLY C 451 -50.60 -19.78 -104.74
C GLY C 451 -49.19 -20.17 -105.11
N THR C 452 -49.05 -21.25 -105.87
CA THR C 452 -47.72 -21.76 -106.23
C THR C 452 -47.62 -22.27 -107.67
N PHE C 453 -46.55 -21.86 -108.34
CA PHE C 453 -46.20 -22.37 -109.66
C PHE C 453 -45.07 -23.38 -109.45
N GLY C 454 -45.38 -24.66 -109.62
CA GLY C 454 -44.52 -25.71 -109.07
C GLY C 454 -43.50 -26.39 -109.95
N THR C 455 -43.28 -25.91 -111.17
CA THR C 455 -42.24 -26.49 -112.01
C THR C 455 -40.88 -26.39 -111.33
N LYS C 456 -40.35 -25.17 -111.25
CA LYS C 456 -39.09 -24.90 -110.58
C LYS C 456 -39.26 -24.39 -109.15
N GLY C 457 -40.51 -24.39 -108.67
CA GLY C 457 -40.83 -23.93 -107.33
C GLY C 457 -40.96 -22.43 -107.13
N LEU C 458 -41.74 -21.79 -108.01
CA LEU C 458 -42.04 -20.38 -107.88
C LEU C 458 -43.41 -20.18 -107.23
N LEU C 459 -43.54 -19.18 -106.36
CA LEU C 459 -44.77 -19.01 -105.60
C LEU C 459 -45.50 -17.70 -105.90
N THR C 460 -46.83 -17.73 -105.75
CA THR C 460 -47.66 -16.56 -105.98
C THR C 460 -48.19 -16.04 -104.65
N ALA C 461 -48.38 -14.72 -104.57
CA ALA C 461 -48.79 -14.08 -103.33
C ALA C 461 -49.82 -12.97 -103.55
N GLU C 462 -50.25 -12.36 -102.45
CA GLU C 462 -51.19 -11.25 -102.47
C GLU C 462 -50.62 -10.10 -101.66
N PHE C 463 -50.62 -8.93 -102.28
CA PHE C 463 -50.03 -7.75 -101.65
C PHE C 463 -51.05 -6.66 -101.39
N SER C 464 -50.79 -5.87 -100.35
CA SER C 464 -51.32 -4.54 -100.22
C SER C 464 -50.17 -3.64 -100.65
N GLY C 465 -50.35 -3.08 -101.85
CA GLY C 465 -49.39 -2.22 -102.52
C GLY C 465 -49.44 -2.52 -104.01
N ASN C 466 -48.51 -1.95 -104.77
CA ASN C 466 -48.27 -2.43 -106.13
C ASN C 466 -46.80 -2.81 -106.23
N VAL C 467 -46.53 -4.03 -106.66
CA VAL C 467 -45.15 -4.49 -106.71
C VAL C 467 -44.61 -4.56 -108.14
N GLU C 468 -43.54 -3.83 -108.38
CA GLU C 468 -42.87 -3.83 -109.69
C GLU C 468 -41.99 -5.05 -109.89
N ASN C 469 -41.70 -5.36 -111.15
CA ASN C 469 -40.80 -6.48 -111.46
C ASN C 469 -39.39 -6.21 -110.93
N ARG C 470 -38.71 -7.28 -110.51
CA ARG C 470 -37.37 -7.25 -109.91
C ARG C 470 -37.39 -6.80 -108.45
N ASP C 471 -38.56 -6.45 -107.93
CA ASP C 471 -38.69 -6.05 -106.53
C ASP C 471 -38.24 -7.17 -105.61
N LYS C 472 -37.60 -6.78 -104.51
CA LYS C 472 -37.09 -7.76 -103.57
C LYS C 472 -37.96 -7.92 -102.33
N VAL C 473 -38.62 -9.07 -102.25
CA VAL C 473 -39.41 -9.44 -101.10
C VAL C 473 -38.46 -9.91 -100.00
N ILE C 474 -38.89 -9.80 -98.75
CA ILE C 474 -38.17 -10.39 -97.64
C ILE C 474 -39.12 -11.21 -96.78
N LEU C 475 -38.66 -12.43 -96.48
CA LEU C 475 -39.39 -13.37 -95.66
C LEU C 475 -38.65 -13.50 -94.34
N ASN C 476 -39.25 -12.99 -93.29
CA ASN C 476 -38.65 -12.99 -91.97
C ASN C 476 -39.48 -13.88 -91.05
N ARG C 477 -38.87 -14.93 -90.54
CA ARG C 477 -39.62 -15.87 -89.69
C ARG C 477 -38.76 -16.59 -88.68
N LEU C 478 -39.37 -17.01 -87.58
CA LEU C 478 -38.67 -17.73 -86.52
C LEU C 478 -38.84 -19.24 -86.69
N ARG C 479 -37.73 -19.94 -86.92
CA ARG C 479 -37.78 -21.39 -87.06
C ARG C 479 -37.05 -22.06 -85.90
N ARG C 480 -37.54 -23.23 -85.48
CA ARG C 480 -36.97 -23.93 -84.34
C ARG C 480 -35.48 -24.22 -84.51
N TRP C 481 -34.75 -24.14 -83.41
CA TRP C 481 -33.29 -24.32 -83.44
C TRP C 481 -32.89 -25.60 -82.72
N GLY C 482 -31.85 -26.25 -83.22
CA GLY C 482 -31.32 -27.45 -82.59
C GLY C 482 -31.76 -28.73 -83.27
N ASP D 16 -26.35 44.30 40.88
CA ASP D 16 -27.01 43.08 40.44
C ASP D 16 -26.11 42.26 39.52
N PHE D 17 -25.69 41.09 40.00
CA PHE D 17 -24.79 40.23 39.23
C PHE D 17 -25.40 38.85 38.96
N LYS D 18 -25.01 38.27 37.82
CA LYS D 18 -25.40 36.91 37.48
C LYS D 18 -24.46 35.91 38.16
N ASN D 19 -25.00 34.76 38.55
CA ASN D 19 -24.19 33.72 39.17
C ASN D 19 -24.04 32.50 38.26
N ILE D 20 -22.83 32.31 37.74
CA ILE D 20 -22.57 31.20 36.84
C ILE D 20 -21.28 30.48 37.21
N ASN D 21 -21.15 29.24 36.76
CA ASN D 21 -19.96 28.45 37.04
C ASN D 21 -19.15 28.16 35.78
N LEU D 22 -17.83 28.29 35.90
CA LEU D 22 -16.94 28.06 34.78
C LEU D 22 -16.11 26.80 35.03
N GLY D 23 -15.68 26.16 33.95
CA GLY D 23 -14.84 24.99 34.04
C GLY D 23 -13.91 24.94 32.85
N ILE D 24 -12.76 24.31 33.03
CA ILE D 24 -11.66 24.44 32.08
C ILE D 24 -11.09 23.08 31.75
N PHE D 25 -10.69 22.88 30.49
CA PHE D 25 -10.19 21.60 30.05
C PHE D 25 -8.80 21.67 29.41
N GLY D 26 -8.08 20.55 29.47
CA GLY D 26 -6.74 20.43 28.95
C GLY D 26 -5.73 20.71 30.03
N HIS D 27 -4.61 19.98 30.01
CA HIS D 27 -3.58 20.16 31.03
C HIS D 27 -2.18 20.17 30.44
N ILE D 28 -1.52 21.33 30.54
CA ILE D 28 -0.14 21.50 30.11
C ILE D 28 0.49 22.51 31.07
N ASP D 29 1.72 22.26 31.51
CA ASP D 29 2.33 23.05 32.56
C ASP D 29 2.45 24.54 32.24
N HIS D 30 2.65 24.88 30.98
CA HIS D 30 2.60 26.28 30.60
C HIS D 30 1.16 26.77 30.54
N GLY D 31 0.30 26.00 29.89
CA GLY D 31 -1.10 26.37 29.72
C GLY D 31 -1.94 26.38 30.97
N LYS D 32 -1.71 25.44 31.87
CA LYS D 32 -2.53 25.31 33.08
C LYS D 32 -2.32 26.49 34.03
N THR D 33 -1.07 26.94 34.12
CA THR D 33 -0.75 28.09 34.96
C THR D 33 -1.18 29.34 34.21
N THR D 34 -0.91 29.34 32.91
CA THR D 34 -1.25 30.45 32.03
C THR D 34 -2.72 30.84 32.11
N LEU D 35 -3.64 29.90 31.95
CA LEU D 35 -5.05 30.27 31.87
C LEU D 35 -5.67 30.73 33.19
N SER D 36 -5.20 30.19 34.30
CA SER D 36 -5.68 30.67 35.59
C SER D 36 -5.17 32.09 35.81
N LYS D 37 -3.87 32.27 35.60
CA LYS D 37 -3.22 33.58 35.73
C LYS D 37 -3.86 34.60 34.78
N VAL D 38 -4.22 34.13 33.59
CA VAL D 38 -4.80 34.96 32.55
C VAL D 38 -6.23 35.31 32.92
N LEU D 39 -6.95 34.36 33.53
CA LEU D 39 -8.34 34.58 33.88
C LEU D 39 -8.49 35.51 35.07
N THR D 40 -7.44 35.59 35.89
CA THR D 40 -7.43 36.60 36.95
C THR D 40 -7.38 37.99 36.31
N GLU D 41 -6.65 38.10 35.21
CA GLU D 41 -6.47 39.38 34.52
C GLU D 41 -7.59 39.77 33.53
N ILE D 42 -8.14 38.81 32.80
CA ILE D 42 -9.16 39.10 31.79
C ILE D 42 -10.46 39.54 32.44
N ALA D 43 -10.74 39.01 33.62
CA ALA D 43 -11.76 39.64 34.44
C ALA D 43 -10.99 40.40 35.50
N SER D 44 -10.85 41.71 35.27
CA SER D 44 -10.20 42.57 36.22
C SER D 44 -11.21 43.36 37.04
N THR D 45 -12.48 43.22 36.70
CA THR D 45 -13.55 43.95 37.40
C THR D 45 -13.48 43.59 38.87
N SER D 46 -13.43 42.30 39.17
CA SER D 46 -13.00 41.86 40.47
C SER D 46 -12.42 40.46 40.37
N ALA D 47 -11.34 40.22 41.11
CA ALA D 47 -10.86 38.87 41.32
C ALA D 47 -10.98 38.64 42.81
N HIS D 48 -11.87 37.73 43.20
CA HIS D 48 -12.15 37.54 44.61
C HIS D 48 -11.21 36.48 45.13
N ASP D 49 -10.28 36.91 45.98
CA ASP D 49 -9.30 36.02 46.57
C ASP D 49 -9.96 35.25 47.69
N LYS D 50 -9.51 34.03 47.91
CA LYS D 50 -10.00 33.28 49.04
C LYS D 50 -9.26 33.83 50.23
N LEU D 51 -9.98 34.51 51.10
CA LEU D 51 -9.39 34.93 52.36
C LEU D 51 -10.35 34.87 53.54
N PRO D 52 -10.95 33.70 53.82
CA PRO D 52 -11.37 33.56 55.20
C PRO D 52 -10.15 33.10 55.98
N GLU D 53 -10.08 33.45 57.25
CA GLU D 53 -9.07 32.83 58.10
C GLU D 53 -9.77 31.69 58.83
N SER D 54 -9.08 31.08 59.78
CA SER D 54 -9.73 30.11 60.66
C SER D 54 -10.65 30.83 61.62
N GLN D 55 -10.66 32.16 61.54
CA GLN D 55 -11.45 33.00 62.43
C GLN D 55 -12.93 33.13 62.06
N LYS D 56 -13.26 33.01 60.77
CA LYS D 56 -14.59 33.38 60.29
C LYS D 56 -15.73 32.66 60.99
N ARG D 57 -16.03 31.42 60.59
CA ARG D 57 -16.75 30.49 61.45
C ARG D 57 -15.78 29.42 61.92
N GLY D 58 -14.57 29.50 61.40
CA GLY D 58 -13.60 28.43 61.52
C GLY D 58 -13.55 27.63 60.23
N ILE D 59 -14.48 27.92 59.32
CA ILE D 59 -14.60 27.15 58.08
C ILE D 59 -13.91 27.81 56.88
N THR D 60 -12.87 27.15 56.41
CA THR D 60 -12.04 27.59 55.29
C THR D 60 -12.52 26.97 53.97
N ILE D 61 -13.72 26.38 53.99
CA ILE D 61 -14.16 25.39 53.01
C ILE D 61 -13.85 25.74 51.55
N ASP D 62 -13.38 24.72 50.82
CA ASP D 62 -12.96 24.87 49.44
C ASP D 62 -14.11 24.50 48.53
N ILE D 63 -14.68 25.51 47.87
CA ILE D 63 -15.76 25.29 46.91
C ILE D 63 -15.26 25.28 45.47
N GLY D 64 -13.98 25.54 45.29
CA GLY D 64 -13.41 25.65 43.96
C GLY D 64 -12.09 26.39 43.93
N PHE D 65 -11.58 26.65 42.73
CA PHE D 65 -10.25 27.24 42.58
C PHE D 65 -10.28 28.76 42.71
N SER D 66 -10.80 29.43 41.70
CA SER D 66 -10.84 30.89 41.69
C SER D 66 -12.26 31.42 41.61
N ALA D 67 -12.46 32.60 42.18
CA ALA D 67 -13.69 33.35 42.02
C ALA D 67 -13.33 34.64 41.31
N PHE D 68 -14.00 34.94 40.20
CA PHE D 68 -13.69 36.16 39.45
C PHE D 68 -14.96 36.83 38.93
N LYS D 69 -14.90 38.14 38.75
CA LYS D 69 -16.06 38.90 38.28
C LYS D 69 -15.81 39.52 36.91
N LEU D 70 -16.60 39.07 35.93
CA LEU D 70 -16.49 39.59 34.58
C LEU D 70 -17.74 40.38 34.26
N GLU D 71 -17.61 41.70 34.19
CA GLU D 71 -18.75 42.60 34.03
C GLU D 71 -19.83 42.34 35.09
N ASN D 72 -21.01 41.93 34.63
CA ASN D 72 -22.13 41.66 35.52
C ASN D 72 -22.18 40.21 35.99
N TYR D 73 -21.15 39.43 35.65
CA TYR D 73 -21.11 38.03 36.02
C TYR D 73 -20.20 37.73 37.21
N ARG D 74 -20.78 37.10 38.23
CA ARG D 74 -20.02 36.48 39.30
C ARG D 74 -19.74 35.05 38.87
N ILE D 75 -18.48 34.72 38.64
CA ILE D 75 -18.12 33.43 38.08
C ILE D 75 -17.18 32.65 38.99
N THR D 76 -17.68 31.51 39.47
CA THR D 76 -16.90 30.62 40.31
C THR D 76 -16.24 29.56 39.42
N LEU D 77 -14.92 29.47 39.49
CA LEU D 77 -14.20 28.50 38.69
C LEU D 77 -14.30 27.11 39.32
N VAL D 78 -14.89 26.17 38.58
CA VAL D 78 -15.12 24.84 39.11
C VAL D 78 -14.44 23.75 38.25
N ASP D 79 -13.93 22.73 38.92
CA ASP D 79 -13.19 21.65 38.25
C ASP D 79 -14.04 20.96 37.18
N ALA D 80 -13.35 20.44 36.16
CA ALA D 80 -14.01 19.95 34.96
C ALA D 80 -14.91 18.75 35.26
N PRO D 81 -16.21 18.96 35.04
CA PRO D 81 -17.21 17.91 35.24
C PRO D 81 -17.20 16.91 34.10
N GLY D 82 -17.59 15.66 34.37
CA GLY D 82 -17.60 14.64 33.35
C GLY D 82 -16.48 13.63 33.53
N HIS D 83 -15.55 13.93 34.43
CA HIS D 83 -14.47 13.01 34.76
C HIS D 83 -14.95 11.91 35.69
N ALA D 84 -14.45 10.70 35.48
CA ALA D 84 -14.90 9.53 36.24
C ALA D 84 -13.76 8.82 36.95
N ASP D 85 -14.11 7.98 37.93
CA ASP D 85 -13.13 7.21 38.68
C ASP D 85 -12.85 5.87 38.00
N LEU D 86 -12.04 5.04 38.65
CA LEU D 86 -11.71 3.72 38.12
C LEU D 86 -12.96 2.84 38.05
N ILE D 87 -13.67 2.75 39.17
CA ILE D 87 -14.85 1.89 39.28
C ILE D 87 -15.97 2.31 38.34
N ARG D 88 -15.84 3.51 37.78
CA ARG D 88 -16.86 4.12 36.93
C ARG D 88 -18.17 4.32 37.69
N ALA D 89 -18.06 4.48 39.00
CA ALA D 89 -19.23 4.68 39.85
C ALA D 89 -19.53 6.16 40.03
N VAL D 90 -18.61 7.00 39.58
CA VAL D 90 -18.73 8.44 39.78
C VAL D 90 -18.58 9.22 38.47
N VAL D 91 -18.96 10.49 38.56
CA VAL D 91 -18.77 11.47 37.50
C VAL D 91 -19.32 12.76 38.08
N SER D 92 -18.88 13.90 37.55
CA SER D 92 -19.39 15.18 38.00
C SER D 92 -20.39 15.66 36.96
N ALA D 93 -21.66 15.72 37.35
CA ALA D 93 -22.73 16.09 36.45
C ALA D 93 -22.46 17.45 35.82
N ALA D 94 -22.80 17.58 34.54
CA ALA D 94 -22.59 18.83 33.82
C ALA D 94 -23.54 19.91 34.32
N ASP D 95 -24.49 19.53 35.15
CA ASP D 95 -25.43 20.46 35.75
C ASP D 95 -24.74 21.47 36.67
N ILE D 96 -23.48 21.19 37.02
CA ILE D 96 -22.72 22.07 37.89
C ILE D 96 -21.99 23.16 37.10
N ILE D 97 -22.07 23.08 35.78
CA ILE D 97 -21.39 24.06 34.94
C ILE D 97 -22.33 24.71 33.92
N ASP D 98 -22.02 25.95 33.54
CA ASP D 98 -22.80 26.70 32.57
C ASP D 98 -22.03 26.88 31.28
N LEU D 99 -20.90 27.58 31.37
CA LEU D 99 -20.00 27.74 30.25
C LEU D 99 -18.71 26.98 30.53
N ALA D 100 -18.15 26.34 29.50
CA ALA D 100 -16.91 25.57 29.67
C ALA D 100 -15.82 26.05 28.72
N LEU D 101 -14.59 26.04 29.22
CA LEU D 101 -13.43 26.37 28.40
C LEU D 101 -12.65 25.11 28.05
N ILE D 102 -12.24 25.01 26.79
CA ILE D 102 -11.40 23.90 26.36
C ILE D 102 -10.07 24.46 25.88
N VAL D 103 -9.00 24.19 26.62
CA VAL D 103 -7.70 24.74 26.25
C VAL D 103 -6.76 23.67 25.69
N VAL D 104 -6.02 24.06 24.66
CA VAL D 104 -5.18 23.13 23.92
C VAL D 104 -3.90 23.82 23.45
N ASP D 105 -2.77 23.14 23.59
CA ASP D 105 -1.49 23.66 23.14
C ASP D 105 -1.49 23.81 21.62
N ALA D 106 -0.99 24.94 21.13
CA ALA D 106 -0.93 25.21 19.70
C ALA D 106 -0.11 24.16 18.96
N LYS D 107 1.08 23.88 19.47
CA LYS D 107 1.96 22.90 18.85
C LYS D 107 1.45 21.47 18.99
N GLU D 108 1.11 21.09 20.22
CA GLU D 108 0.69 19.73 20.50
C GLU D 108 -0.69 19.37 19.95
N GLY D 109 -1.65 20.26 20.13
CA GLY D 109 -3.01 19.97 19.73
C GLY D 109 -3.76 19.27 20.84
N PRO D 110 -5.03 18.92 20.60
CA PRO D 110 -5.89 18.31 21.63
C PRO D 110 -5.36 16.95 22.02
N LYS D 111 -5.65 16.52 23.26
CA LYS D 111 -5.32 15.16 23.65
C LYS D 111 -6.54 14.26 23.41
N THR D 112 -6.36 12.97 23.69
CA THR D 112 -7.37 11.96 23.40
C THR D 112 -8.70 12.21 24.13
N GLN D 113 -8.60 12.62 25.39
CA GLN D 113 -9.76 12.78 26.26
C GLN D 113 -10.61 14.01 25.93
N THR D 114 -10.00 14.98 25.26
CA THR D 114 -10.65 16.26 24.96
C THR D 114 -11.97 16.11 24.19
N GLY D 115 -11.94 15.38 23.09
CA GLY D 115 -13.14 15.13 22.32
C GLY D 115 -14.22 14.44 23.14
N GLU D 116 -13.80 13.42 23.89
CA GLU D 116 -14.68 12.70 24.79
C GLU D 116 -15.41 13.66 25.73
N HIS D 117 -14.70 14.67 26.22
CA HIS D 117 -15.30 15.70 27.08
C HIS D 117 -16.30 16.55 26.32
N MET D 118 -15.85 17.09 25.19
CA MET D 118 -16.66 18.02 24.39
C MET D 118 -17.98 17.39 23.97
N LEU D 119 -17.98 16.09 23.75
CA LEU D 119 -19.22 15.38 23.45
C LEU D 119 -20.18 15.42 24.64
N ILE D 120 -19.66 15.19 25.84
CA ILE D 120 -20.49 15.22 27.04
C ILE D 120 -21.10 16.60 27.25
N LEU D 121 -20.30 17.64 27.03
CA LEU D 121 -20.81 19.00 27.16
C LEU D 121 -21.84 19.32 26.08
N ASP D 122 -21.62 18.77 24.89
CA ASP D 122 -22.58 18.89 23.78
C ASP D 122 -23.90 18.23 24.16
N HIS D 123 -23.81 17.18 24.95
CA HIS D 123 -24.96 16.35 25.31
C HIS D 123 -25.83 16.94 26.41
N PHE D 124 -25.22 17.72 27.30
CA PHE D 124 -25.95 18.42 28.33
C PHE D 124 -26.35 19.82 27.88
N ASN D 125 -26.10 20.11 26.60
CA ASN D 125 -26.44 21.38 25.98
C ASN D 125 -25.69 22.55 26.61
N ILE D 126 -24.38 22.39 26.73
CA ILE D 126 -23.53 23.37 27.41
C ILE D 126 -22.57 24.09 26.46
N PRO D 127 -22.68 25.42 26.38
CA PRO D 127 -21.84 26.28 25.53
C PRO D 127 -20.36 26.14 25.87
N ILE D 128 -19.52 26.02 24.84
CA ILE D 128 -18.08 25.89 25.06
C ILE D 128 -17.27 26.91 24.27
N ILE D 129 -16.02 27.08 24.66
CA ILE D 129 -15.06 27.90 23.93
C ILE D 129 -13.73 27.17 23.85
N VAL D 130 -13.21 26.98 22.65
CA VAL D 130 -11.90 26.36 22.50
C VAL D 130 -10.79 27.41 22.52
N VAL D 131 -9.89 27.30 23.49
CA VAL D 131 -8.77 28.21 23.61
C VAL D 131 -7.48 27.51 23.22
N ILE D 132 -6.69 28.16 22.37
CA ILE D 132 -5.42 27.62 21.92
C ILE D 132 -4.27 28.36 22.60
N THR D 133 -3.46 27.61 23.34
CA THR D 133 -2.48 28.18 24.25
C THR D 133 -1.05 28.08 23.71
N LYS D 134 -0.21 29.03 24.10
CA LYS D 134 1.19 29.10 23.67
C LYS D 134 1.28 29.27 22.16
N SER D 135 0.78 30.41 21.68
CA SER D 135 0.81 30.71 20.26
C SER D 135 2.00 31.61 19.92
N ASP D 136 2.74 32.02 20.94
CA ASP D 136 3.85 32.95 20.77
C ASP D 136 5.07 32.35 20.09
N ASN D 137 5.56 31.24 20.63
CA ASN D 137 6.77 30.61 20.12
C ASN D 137 6.49 29.53 19.08
N ALA D 138 5.22 29.23 18.88
CA ALA D 138 4.83 28.23 17.89
C ALA D 138 4.79 28.84 16.50
N GLY D 139 4.49 28.03 15.50
CA GLY D 139 4.40 28.50 14.13
C GLY D 139 3.00 28.99 13.80
N THR D 140 2.84 29.55 12.61
CA THR D 140 1.52 29.97 12.14
C THR D 140 0.75 28.74 11.67
N GLU D 141 1.41 27.92 10.88
CA GLU D 141 0.80 26.73 10.30
C GLU D 141 0.52 25.67 11.36
N GLU D 142 1.28 25.72 12.45
CA GLU D 142 1.05 24.83 13.58
C GLU D 142 -0.32 25.12 14.18
N ILE D 143 -0.56 26.41 14.43
CA ILE D 143 -1.84 26.88 14.95
C ILE D 143 -2.97 26.56 13.97
N LYS D 144 -2.71 26.74 12.68
CA LYS D 144 -3.72 26.43 11.68
C LYS D 144 -4.09 24.95 11.68
N ARG D 145 -3.09 24.09 11.85
CA ARG D 145 -3.31 22.66 11.93
C ARG D 145 -4.15 22.28 13.13
N THR D 146 -3.75 22.79 14.31
CA THR D 146 -4.47 22.52 15.55
C THR D 146 -5.92 23.01 15.46
N GLU D 147 -6.10 24.20 14.91
CA GLU D 147 -7.42 24.78 14.73
C GLU D 147 -8.27 23.94 13.78
N MET D 148 -7.63 23.35 12.78
CA MET D 148 -8.33 22.49 11.83
C MET D 148 -8.77 21.19 12.47
N ILE D 149 -7.87 20.58 13.24
CA ILE D 149 -8.21 19.37 14.00
C ILE D 149 -9.39 19.65 14.93
N MET D 150 -9.37 20.82 15.57
CA MET D 150 -10.45 21.21 16.46
C MET D 150 -11.76 21.37 15.70
N LYS D 151 -11.69 22.00 14.53
CA LYS D 151 -12.89 22.18 13.71
C LYS D 151 -13.47 20.84 13.29
N SER D 152 -12.61 19.89 12.99
CA SER D 152 -13.06 18.54 12.66
C SER D 152 -13.65 17.85 13.89
N ILE D 153 -13.17 18.25 15.07
CA ILE D 153 -13.68 17.67 16.31
C ILE D 153 -15.07 18.22 16.67
N LEU D 154 -15.33 19.45 16.28
CA LEU D 154 -16.60 20.11 16.59
C LEU D 154 -17.69 19.65 15.65
N GLN D 155 -17.31 19.27 14.44
CA GLN D 155 -18.26 18.92 13.39
C GLN D 155 -18.92 17.58 13.65
N SER D 156 -18.34 16.80 14.57
CA SER D 156 -18.83 15.46 14.89
C SER D 156 -19.87 15.48 16.01
N THR D 157 -20.27 16.68 16.42
CA THR D 157 -21.21 16.84 17.52
C THR D 157 -22.44 17.60 17.02
N HIS D 158 -23.52 17.57 17.81
CA HIS D 158 -24.77 18.19 17.40
C HIS D 158 -24.89 19.68 17.77
N ASN D 159 -25.06 19.95 19.05
CA ASN D 159 -25.29 21.32 19.53
C ASN D 159 -24.08 22.24 19.30
N LEU D 160 -22.88 21.69 19.47
CA LEU D 160 -21.67 22.44 19.24
C LEU D 160 -21.18 22.20 17.82
N LYS D 161 -21.26 23.24 16.99
CA LYS D 161 -20.84 23.14 15.60
C LYS D 161 -19.92 24.32 15.29
N ASN D 162 -20.50 25.51 15.34
CA ASN D 162 -19.80 26.75 15.03
C ASN D 162 -19.19 27.41 16.26
N SER D 163 -19.25 26.73 17.40
CA SER D 163 -18.72 27.25 18.66
C SER D 163 -17.27 27.73 18.50
N SER D 164 -16.98 28.87 19.10
CA SER D 164 -15.78 29.65 18.80
C SER D 164 -14.44 29.06 19.26
N ILE D 165 -13.39 29.35 18.49
CA ILE D 165 -12.03 28.96 18.81
C ILE D 165 -11.12 30.18 18.70
N ILE D 166 -10.34 30.46 19.74
CA ILE D 166 -9.40 31.58 19.69
C ILE D 166 -7.99 31.15 20.05
N PRO D 167 -6.98 31.63 19.27
CA PRO D 167 -5.57 31.53 19.62
C PRO D 167 -5.17 32.57 20.68
N ILE D 168 -4.30 32.19 21.61
CA ILE D 168 -3.94 33.08 22.72
C ILE D 168 -2.51 32.89 23.21
N SER D 169 -1.85 33.99 23.55
CA SER D 169 -0.52 33.96 24.16
C SER D 169 -0.50 34.72 25.48
N ALA D 170 0.13 34.14 26.49
CA ALA D 170 0.22 34.75 27.81
C ALA D 170 1.30 35.83 27.89
N LYS D 171 2.46 35.52 27.32
CA LYS D 171 3.61 36.43 27.39
C LYS D 171 3.36 37.69 26.57
N THR D 172 2.87 37.51 25.35
CA THR D 172 2.53 38.64 24.49
C THR D 172 1.26 39.33 24.97
N GLY D 173 0.22 38.53 25.22
CA GLY D 173 -1.07 39.05 25.60
C GLY D 173 -2.01 39.09 24.41
N PHE D 174 -1.54 38.54 23.30
CA PHE D 174 -2.30 38.52 22.05
C PHE D 174 -3.56 37.68 22.16
N GLY D 175 -4.70 38.29 21.83
CA GLY D 175 -5.97 37.57 21.76
C GLY D 175 -6.68 37.37 23.08
N VAL D 176 -6.12 37.91 24.16
CA VAL D 176 -6.71 37.76 25.49
C VAL D 176 -7.99 38.59 25.62
N ASP D 177 -7.98 39.79 25.04
CA ASP D 177 -9.13 40.68 25.06
C ASP D 177 -10.31 40.05 24.35
N GLU D 178 -10.04 39.48 23.17
CA GLU D 178 -11.06 38.84 22.35
C GLU D 178 -11.70 37.68 23.11
N LEU D 179 -10.88 36.96 23.89
CA LEU D 179 -11.39 35.89 24.73
C LEU D 179 -12.32 36.44 25.81
N LYS D 180 -11.91 37.52 26.45
CA LYS D 180 -12.75 38.16 27.46
C LYS D 180 -14.12 38.50 26.88
N ASN D 181 -14.11 39.27 25.80
CA ASN D 181 -15.33 39.70 25.13
C ASN D 181 -16.18 38.51 24.66
N LEU D 182 -15.52 37.42 24.28
CA LEU D 182 -16.22 36.22 23.82
C LEU D 182 -16.85 35.43 24.96
N ILE D 183 -16.18 35.41 26.11
CA ILE D 183 -16.74 34.75 27.28
C ILE D 183 -18.01 35.49 27.69
N ILE D 184 -17.89 36.81 27.77
CA ILE D 184 -19.07 37.63 28.11
C ILE D 184 -20.18 37.45 27.08
N THR D 185 -19.81 37.42 25.80
CA THR D 185 -20.79 37.29 24.72
C THR D 185 -21.51 35.95 24.78
N THR D 186 -20.77 34.90 25.09
CA THR D 186 -21.32 33.55 25.16
C THR D 186 -22.25 33.43 26.34
N LEU D 187 -21.89 34.07 27.45
CA LEU D 187 -22.74 34.05 28.63
C LEU D 187 -24.01 34.89 28.45
N ASN D 188 -23.88 36.01 27.75
CA ASN D 188 -25.04 36.84 27.44
C ASN D 188 -26.01 36.15 26.49
N ASN D 189 -25.47 35.63 25.39
CA ASN D 189 -26.26 34.93 24.39
C ASN D 189 -27.02 33.74 24.95
N ALA D 190 -26.32 32.91 25.72
CA ALA D 190 -26.95 31.77 26.38
C ALA D 190 -28.06 32.25 27.30
N GLU D 191 -29.18 31.54 27.29
CA GLU D 191 -30.33 31.94 28.11
C GLU D 191 -30.21 31.26 29.46
N ILE D 192 -29.96 32.05 30.49
CA ILE D 192 -29.78 31.51 31.82
C ILE D 192 -30.93 31.90 32.74
N ILE D 193 -31.75 30.91 33.06
CA ILE D 193 -32.81 31.08 34.04
C ILE D 193 -32.63 29.96 35.05
N ARG D 194 -32.29 30.33 36.28
CA ARG D 194 -32.15 29.32 37.33
C ARG D 194 -33.55 28.88 37.73
N ASN D 195 -33.65 27.90 38.61
CA ASN D 195 -34.97 27.53 39.10
C ASN D 195 -35.08 27.84 40.58
N THR D 196 -35.79 28.92 40.88
CA THR D 196 -35.98 29.37 42.25
C THR D 196 -37.14 28.69 42.95
N GLU D 197 -38.25 28.54 42.23
CA GLU D 197 -39.55 28.25 42.85
C GLU D 197 -39.82 26.78 43.16
N SER D 198 -38.90 25.89 42.81
CA SER D 198 -39.09 24.47 43.08
C SER D 198 -38.43 24.04 44.38
N TYR D 199 -38.49 22.75 44.68
CA TYR D 199 -37.89 22.19 45.87
C TYR D 199 -36.37 22.34 45.82
N PHE D 200 -35.73 22.33 46.98
CA PHE D 200 -34.28 22.50 47.04
C PHE D 200 -33.56 21.19 46.72
N LYS D 201 -32.76 21.20 45.66
CA LYS D 201 -31.96 20.04 45.30
C LYS D 201 -30.50 20.42 45.04
N MET D 202 -29.60 20.00 45.92
CA MET D 202 -28.17 20.16 45.70
C MET D 202 -27.43 18.82 45.67
N PRO D 203 -26.95 18.41 44.50
CA PRO D 203 -26.07 17.23 44.45
C PRO D 203 -24.76 17.52 45.17
N LEU D 204 -24.24 16.54 45.89
CA LEU D 204 -23.03 16.73 46.68
C LEU D 204 -21.78 16.22 45.98
N ASP D 205 -20.87 17.15 45.66
CA ASP D 205 -19.58 16.77 45.09
C ASP D 205 -18.64 16.26 46.18
N HIS D 206 -18.68 16.92 47.34
CA HIS D 206 -17.83 16.52 48.45
C HIS D 206 -18.65 16.50 49.73
N ALA D 207 -18.43 15.46 50.52
CA ALA D 207 -19.03 15.35 51.85
C ALA D 207 -18.02 14.75 52.82
N PHE D 208 -17.82 15.39 53.97
CA PHE D 208 -16.74 14.97 54.87
C PHE D 208 -16.68 15.71 56.19
N PRO D 209 -16.30 14.98 57.25
CA PRO D 209 -16.14 15.53 58.60
C PRO D 209 -14.86 16.36 58.77
N ILE D 210 -14.96 17.38 59.61
CA ILE D 210 -13.87 18.29 59.92
C ILE D 210 -13.86 18.48 61.43
N LYS D 211 -12.71 18.75 62.02
CA LYS D 211 -12.62 18.91 63.46
C LYS D 211 -13.53 20.02 63.98
N GLY D 212 -14.45 19.64 64.87
CA GLY D 212 -15.30 20.59 65.57
C GLY D 212 -16.41 21.22 64.75
N ALA D 213 -16.32 21.10 63.42
CA ALA D 213 -17.28 21.73 62.53
C ALA D 213 -18.36 20.77 62.05
N GLY D 214 -18.26 19.52 62.46
CA GLY D 214 -19.16 18.49 61.97
C GLY D 214 -18.81 18.16 60.53
N THR D 215 -19.81 17.78 59.74
CA THR D 215 -19.56 17.48 58.34
C THR D 215 -19.88 18.67 57.44
N VAL D 216 -18.93 18.99 56.57
CA VAL D 216 -19.19 19.97 55.54
C VAL D 216 -19.33 19.31 54.16
N VAL D 217 -20.16 19.93 53.34
CA VAL D 217 -20.47 19.46 52.02
C VAL D 217 -20.23 20.59 51.00
N THR D 218 -19.99 20.20 49.75
CA THR D 218 -19.66 21.17 48.71
C THR D 218 -20.33 20.75 47.40
N GLY D 219 -20.92 21.72 46.69
CA GLY D 219 -21.52 21.41 45.41
C GLY D 219 -22.17 22.58 44.70
N THR D 220 -22.84 22.30 43.59
CA THR D 220 -23.61 23.33 42.90
C THR D 220 -25.09 23.12 43.15
N ILE D 221 -25.77 24.14 43.67
CA ILE D 221 -27.20 24.01 43.91
C ILE D 221 -27.92 23.97 42.57
N ASN D 222 -28.67 22.90 42.33
CA ASN D 222 -29.41 22.76 41.09
C ASN D 222 -30.71 23.58 41.07
N LYS D 223 -31.48 23.48 42.14
CA LYS D 223 -32.79 24.14 42.21
C LYS D 223 -33.12 24.70 43.58
N GLY D 224 -33.73 25.89 43.61
CA GLY D 224 -34.32 26.43 44.81
C GLY D 224 -33.47 27.33 45.69
N ILE D 225 -33.88 27.44 46.95
CA ILE D 225 -33.26 28.34 47.91
C ILE D 225 -32.94 27.62 49.21
N VAL D 226 -31.77 27.87 49.77
CA VAL D 226 -31.44 27.37 51.10
C VAL D 226 -31.02 28.49 52.04
N LYS D 227 -31.65 28.53 53.21
CA LYS D 227 -31.39 29.54 54.22
C LYS D 227 -30.67 28.93 55.41
N VAL D 228 -29.83 29.70 56.09
CA VAL D 228 -29.12 29.18 57.26
C VAL D 228 -30.09 28.90 58.40
N GLY D 229 -29.93 27.76 59.04
CA GLY D 229 -30.82 27.36 60.12
C GLY D 229 -31.96 26.53 59.57
N ASP D 230 -31.76 25.96 58.38
CA ASP D 230 -32.79 25.20 57.70
C ASP D 230 -32.71 23.72 58.01
N GLU D 231 -33.87 23.09 58.05
CA GLU D 231 -33.92 21.64 58.13
C GLU D 231 -33.85 21.08 56.72
N LEU D 232 -32.92 20.16 56.53
CA LEU D 232 -32.70 19.48 55.26
C LEU D 232 -32.86 18.00 55.46
N LYS D 233 -33.01 17.31 54.34
CA LYS D 233 -33.10 15.87 54.27
C LYS D 233 -32.01 15.41 53.32
N VAL D 234 -31.19 14.47 53.76
CA VAL D 234 -30.12 13.92 52.92
C VAL D 234 -30.54 12.57 52.35
N LEU D 235 -30.13 12.28 51.12
CA LEU D 235 -30.50 11.02 50.50
C LEU D 235 -29.27 10.40 49.88
N PRO D 236 -29.24 9.06 49.78
CA PRO D 236 -30.26 8.03 50.04
C PRO D 236 -30.57 7.77 51.52
N ILE D 237 -29.66 8.19 52.40
CA ILE D 237 -29.73 7.84 53.81
C ILE D 237 -30.96 8.34 54.56
N ASN D 238 -31.71 9.24 53.93
CA ASN D 238 -32.99 9.72 54.46
C ASN D 238 -32.85 10.35 55.84
N MET D 239 -31.64 10.79 56.16
CA MET D 239 -31.43 11.47 57.42
C MET D 239 -31.79 12.94 57.30
N SER D 240 -32.27 13.50 58.41
CA SER D 240 -32.54 14.92 58.48
C SER D 240 -31.39 15.62 59.17
N THR D 241 -30.81 16.60 58.48
CA THR D 241 -29.71 17.37 59.04
C THR D 241 -30.07 18.85 59.03
N LYS D 242 -29.36 19.65 59.81
CA LYS D 242 -29.67 21.07 59.89
C LYS D 242 -28.54 21.89 59.27
N VAL D 243 -28.88 23.04 58.70
CA VAL D 243 -27.85 23.88 58.07
C VAL D 243 -27.30 24.81 59.11
N ARG D 244 -26.04 24.59 59.50
CA ARG D 244 -25.42 25.48 60.46
C ARG D 244 -24.82 26.73 59.82
N SER D 245 -24.14 26.54 58.70
CA SER D 245 -23.47 27.64 58.03
C SER D 245 -23.39 27.45 56.52
N ILE D 246 -23.53 28.55 55.78
CA ILE D 246 -23.44 28.56 54.32
C ILE D 246 -22.40 29.59 53.89
N GLN D 247 -21.60 29.25 52.88
CA GLN D 247 -20.66 30.22 52.32
C GLN D 247 -20.56 30.14 50.80
N TYR D 248 -20.50 31.31 50.17
CA TYR D 248 -20.43 31.44 48.72
C TYR D 248 -19.50 32.57 48.32
N PHE D 249 -18.75 32.36 47.24
CA PHE D 249 -17.79 33.34 46.74
C PHE D 249 -16.79 33.73 47.82
N LYS D 250 -16.19 32.72 48.44
CA LYS D 250 -15.15 32.89 49.46
C LYS D 250 -15.55 33.82 50.61
N GLU D 251 -16.83 33.84 50.94
CA GLU D 251 -17.32 34.58 52.10
C GLU D 251 -18.64 33.97 52.58
N SER D 252 -18.99 34.24 53.84
CA SER D 252 -20.16 33.60 54.44
C SER D 252 -21.47 34.29 54.06
N VAL D 253 -22.51 33.49 53.82
CA VAL D 253 -23.83 34.00 53.45
C VAL D 253 -24.95 33.26 54.18
N MET D 254 -26.04 33.96 54.45
CA MET D 254 -27.20 33.37 55.11
C MET D 254 -28.11 32.61 54.15
N GLU D 255 -28.09 33.00 52.88
CA GLU D 255 -28.96 32.40 51.88
C GLU D 255 -28.17 31.99 50.64
N ALA D 256 -28.71 31.03 49.91
CA ALA D 256 -28.11 30.58 48.66
C ALA D 256 -29.18 30.14 47.67
N LYS D 257 -28.91 30.35 46.38
CA LYS D 257 -29.85 30.06 45.32
C LYS D 257 -29.28 29.14 44.23
N ALA D 258 -30.15 28.62 43.39
CA ALA D 258 -29.77 27.69 42.32
C ALA D 258 -28.75 28.28 41.37
N GLY D 259 -27.75 27.48 41.05
CA GLY D 259 -26.70 27.88 40.14
C GLY D 259 -25.47 28.40 40.87
N ASP D 260 -25.45 28.22 42.18
CA ASP D 260 -24.35 28.70 43.01
C ASP D 260 -23.47 27.57 43.51
N ARG D 261 -22.18 27.86 43.67
CA ARG D 261 -21.27 26.97 44.36
C ARG D 261 -21.39 27.19 45.85
N VAL D 262 -21.67 26.11 46.58
CA VAL D 262 -22.04 26.19 47.97
C VAL D 262 -21.22 25.22 48.82
N GLY D 263 -20.44 25.80 49.72
CA GLY D 263 -19.91 25.06 50.84
C GLY D 263 -20.95 25.20 51.94
N MET D 264 -21.13 24.17 52.74
CA MET D 264 -22.10 24.19 53.82
C MET D 264 -21.64 23.31 54.97
N ALA D 265 -21.85 23.77 56.19
CA ALA D 265 -21.55 22.97 57.36
C ALA D 265 -22.85 22.55 58.01
N ILE D 266 -23.08 21.24 58.14
CA ILE D 266 -24.36 20.75 58.60
C ILE D 266 -24.25 19.88 59.86
N GLN D 267 -25.38 19.70 60.54
CA GLN D 267 -25.38 18.97 61.81
C GLN D 267 -26.43 17.88 61.88
N GLY D 268 -26.15 16.84 62.68
CA GLY D 268 -27.12 15.83 63.01
C GLY D 268 -26.98 14.48 62.30
N VAL D 269 -25.99 14.36 61.44
CA VAL D 269 -25.83 13.15 60.62
C VAL D 269 -24.41 12.60 60.64
N ASP D 270 -24.28 11.29 60.86
CA ASP D 270 -22.96 10.65 60.86
C ASP D 270 -22.29 10.73 59.49
N ALA D 271 -20.97 10.86 59.49
CA ALA D 271 -20.19 11.06 58.27
C ALA D 271 -20.18 9.81 57.39
N LYS D 272 -20.34 8.65 58.01
CA LYS D 272 -20.43 7.38 57.28
C LYS D 272 -21.51 7.45 56.21
N GLN D 273 -22.63 8.05 56.56
CA GLN D 273 -23.80 8.06 55.67
C GLN D 273 -23.87 9.16 54.60
N ILE D 274 -23.07 10.21 54.72
CA ILE D 274 -23.04 11.22 53.66
C ILE D 274 -21.74 11.17 52.87
N TYR D 275 -21.85 10.95 51.57
CA TYR D 275 -20.66 10.86 50.70
C TYR D 275 -20.85 11.53 49.34
N ARG D 276 -19.90 11.31 48.44
CA ARG D 276 -19.73 12.16 47.26
C ARG D 276 -20.72 11.85 46.13
N GLY D 277 -21.56 10.84 46.33
CA GLY D 277 -22.62 10.53 45.38
C GLY D 277 -23.99 10.92 45.89
N CMH D 278 -24.03 11.47 47.10
CA CMH D 278 -25.30 11.74 47.79
C CMH D 278 -25.94 13.06 47.39
O CMH D 278 -25.31 13.92 46.76
CB CMH D 278 -25.08 11.70 49.31
SG CMH D 278 -24.51 10.15 50.01
CM CMH D 278 -24.48 7.69 46.31
HG CMH D 278 -24.48 8.76 48.11
N ILE D 279 -27.21 13.21 47.74
CA ILE D 279 -27.94 14.45 47.41
C ILE D 279 -28.53 15.12 48.65
N LEU D 280 -28.26 16.42 48.76
CA LEU D 280 -28.82 17.23 49.83
C LEU D 280 -30.09 17.89 49.33
N THR D 281 -31.22 17.48 49.90
CA THR D 281 -32.54 17.85 49.38
C THR D 281 -33.44 18.37 50.50
N SER D 282 -34.60 18.89 50.14
CA SER D 282 -35.56 19.35 51.15
C SER D 282 -36.52 18.24 51.56
N LYS D 283 -37.48 18.59 52.44
CA LYS D 283 -38.39 17.60 53.01
C LYS D 283 -39.44 17.08 52.02
N ASP D 284 -40.06 17.99 51.27
CA ASP D 284 -41.20 17.65 50.42
C ASP D 284 -40.76 17.22 49.02
N THR D 285 -39.45 17.06 48.85
CA THR D 285 -38.86 16.77 47.55
C THR D 285 -39.53 15.62 46.80
N LYS D 286 -39.70 15.79 45.50
CA LYS D 286 -40.28 14.76 44.65
C LYS D 286 -39.21 13.78 44.19
N LEU D 287 -37.99 13.99 44.66
CA LEU D 287 -36.88 13.09 44.37
C LEU D 287 -37.17 11.72 44.95
N GLN D 288 -36.92 10.68 44.17
CA GLN D 288 -37.27 9.32 44.57
C GLN D 288 -36.06 8.40 44.59
N THR D 289 -36.12 7.38 45.43
CA THR D 289 -35.11 6.32 45.47
C THR D 289 -35.57 5.20 44.53
N VAL D 290 -34.82 5.00 43.46
CA VAL D 290 -35.34 4.24 42.31
C VAL D 290 -34.38 3.19 41.76
N ASP D 291 -34.83 1.94 41.68
CA ASP D 291 -34.09 0.89 40.98
C ASP D 291 -34.61 0.62 39.55
N LYS D 292 -35.69 1.29 39.16
CA LYS D 292 -36.28 1.05 37.84
C LYS D 292 -36.70 2.34 37.13
N ILE D 293 -36.15 2.56 35.93
CA ILE D 293 -36.37 3.81 35.19
C ILE D 293 -36.81 3.56 33.75
N VAL D 294 -37.97 4.10 33.38
CA VAL D 294 -38.41 4.03 31.98
C VAL D 294 -38.20 5.38 31.30
N ALA D 295 -37.46 5.40 30.20
CA ALA D 295 -37.08 6.66 29.57
C ALA D 295 -37.32 6.73 28.06
N LYS D 296 -37.68 7.92 27.60
CA LYS D 296 -37.70 8.23 26.18
C LYS D 296 -36.25 8.37 25.78
N ILE D 297 -35.83 7.56 24.80
CA ILE D 297 -34.41 7.44 24.47
C ILE D 297 -34.10 7.78 23.01
N LYS D 298 -33.17 8.70 22.84
CA LYS D 298 -32.66 9.10 21.55
C LYS D 298 -31.22 8.65 21.47
N ILE D 299 -30.87 7.90 20.42
CA ILE D 299 -29.49 7.49 20.25
C ILE D 299 -28.84 8.39 19.20
N SER D 300 -28.03 9.31 19.67
CA SER D 300 -27.52 10.41 18.86
C SER D 300 -26.09 10.23 18.35
N ASP D 301 -25.46 9.11 18.70
CA ASP D 301 -24.01 9.00 18.55
C ASP D 301 -23.50 8.45 17.21
N ILE D 302 -22.17 8.40 17.09
CA ILE D 302 -21.50 8.27 15.80
C ILE D 302 -21.43 6.87 15.18
N PHE D 303 -21.35 5.84 16.01
CA PHE D 303 -21.09 4.50 15.50
C PHE D 303 -22.36 3.71 15.15
N LYS D 304 -23.52 4.37 15.21
CA LYS D 304 -24.83 3.77 14.97
C LYS D 304 -25.04 2.43 15.66
N TYR D 305 -25.12 2.48 16.99
CA TYR D 305 -25.20 1.28 17.82
C TYR D 305 -26.48 0.48 17.56
N ASN D 306 -26.37 -0.83 17.75
CA ASN D 306 -27.53 -1.73 17.64
C ASN D 306 -27.81 -2.37 18.98
N LEU D 307 -29.05 -2.80 19.20
CA LEU D 307 -29.48 -3.14 20.55
C LEU D 307 -30.39 -4.38 20.64
N THR D 308 -30.21 -5.13 21.73
CA THR D 308 -30.98 -6.36 21.98
C THR D 308 -31.74 -6.20 23.30
N PRO D 309 -32.91 -6.84 23.41
CA PRO D 309 -33.58 -6.90 24.72
C PRO D 309 -32.71 -7.58 25.77
N LYS D 310 -32.90 -7.20 27.04
CA LYS D 310 -32.11 -7.74 28.15
C LYS D 310 -30.62 -7.46 28.01
N MET D 311 -30.27 -6.40 27.30
CA MET D 311 -28.87 -6.01 27.14
C MET D 311 -28.37 -5.30 28.39
N LYS D 312 -27.15 -5.61 28.80
CA LYS D 312 -26.54 -4.97 29.95
C LYS D 312 -25.82 -3.69 29.52
N VAL D 313 -26.18 -2.58 30.17
CA VAL D 313 -25.54 -1.29 29.91
C VAL D 313 -25.33 -0.53 31.20
N HIS D 314 -24.39 0.40 31.20
CA HIS D 314 -24.16 1.22 32.38
C HIS D 314 -24.90 2.55 32.25
N LEU D 315 -25.91 2.70 33.09
CA LEU D 315 -26.78 3.87 33.02
C LEU D 315 -26.26 5.00 33.90
N ASN D 316 -26.13 6.18 33.30
CA ASN D 316 -25.74 7.37 34.05
C ASN D 316 -26.95 8.24 34.36
N VAL D 317 -27.29 8.31 35.64
CA VAL D 317 -28.42 9.10 36.11
C VAL D 317 -27.97 9.99 37.25
N GLY D 318 -28.34 11.26 37.18
CA GLY D 318 -27.78 12.25 38.09
C GLY D 318 -26.27 12.24 37.92
N MET D 319 -25.55 12.18 39.04
CA MET D 319 -24.10 12.05 38.98
C MET D 319 -23.61 10.60 39.14
N LEU D 320 -24.53 9.64 39.21
CA LEU D 320 -24.10 8.24 39.38
C LEU D 320 -24.14 7.43 38.08
N ILE D 321 -23.57 6.23 38.16
CA ILE D 321 -23.53 5.28 37.05
C ILE D 321 -23.73 3.89 37.63
N VAL D 322 -24.74 3.17 37.14
CA VAL D 322 -25.05 1.85 37.68
C VAL D 322 -25.16 0.80 36.59
N PRO D 323 -24.79 -0.45 36.90
CA PRO D 323 -25.06 -1.54 35.96
C PRO D 323 -26.55 -1.76 35.85
N ALA D 324 -27.06 -1.93 34.64
CA ALA D 324 -28.50 -2.04 34.43
C ALA D 324 -28.85 -2.95 33.27
N VAL D 325 -29.96 -3.66 33.41
CA VAL D 325 -30.50 -4.45 32.32
C VAL D 325 -31.52 -3.61 31.56
N ALA D 326 -31.38 -3.56 30.23
CA ALA D 326 -32.20 -2.67 29.44
C ALA D 326 -33.04 -3.39 28.39
N VAL D 327 -34.27 -2.89 28.25
CA VAL D 327 -35.25 -3.45 27.33
C VAL D 327 -35.79 -2.34 26.42
N PRO D 328 -35.20 -2.21 25.22
CA PRO D 328 -35.69 -1.26 24.21
C PRO D 328 -37.09 -1.66 23.72
N PHE D 329 -37.95 -0.67 23.45
CA PHE D 329 -39.29 -0.99 23.01
C PHE D 329 -39.95 0.04 22.06
N LYS D 330 -40.99 -0.44 21.40
CA LYS D 330 -41.78 0.27 20.43
C LYS D 330 -43.15 0.54 21.07
N LYS D 331 -43.67 1.74 20.88
CA LYS D 331 -44.95 2.12 21.48
C LYS D 331 -46.03 2.21 20.39
N VAL D 332 -46.96 1.25 20.42
CA VAL D 332 -47.91 1.09 19.31
C VAL D 332 -49.35 1.36 19.70
N THR D 333 -50.02 2.22 18.95
CA THR D 333 -51.44 2.40 19.13
C THR D 333 -52.18 2.18 17.81
N PHE D 334 -52.93 1.09 17.71
CA PHE D 334 -53.74 0.85 16.53
C PHE D 334 -55.24 0.80 16.83
N GLY D 335 -55.93 1.91 16.55
CA GLY D 335 -57.37 1.95 16.41
C GLY D 335 -58.19 1.71 17.67
N LYS D 336 -57.57 1.06 18.66
CA LYS D 336 -58.25 0.73 19.90
C LYS D 336 -57.44 1.00 21.17
N THR D 337 -56.34 0.26 21.32
CA THR D 337 -55.60 0.20 22.56
C THR D 337 -54.17 0.75 22.42
N GLU D 338 -53.65 1.32 23.50
CA GLU D 338 -52.23 1.67 23.58
C GLU D 338 -51.41 0.47 24.05
N GLU D 339 -50.31 0.21 23.36
CA GLU D 339 -49.55 -1.01 23.56
C GLU D 339 -48.05 -0.77 23.66
N ASN D 340 -47.37 -1.65 24.38
CA ASN D 340 -45.92 -1.64 24.48
C ASN D 340 -45.30 -2.92 23.95
N ILE D 341 -44.56 -2.81 22.86
CA ILE D 341 -44.03 -3.97 22.15
C ILE D 341 -42.51 -3.98 22.17
N ILE D 342 -41.87 -5.11 22.44
CA ILE D 342 -40.41 -5.16 22.38
C ILE D 342 -39.94 -4.98 20.93
N LEU D 343 -38.97 -4.08 20.72
CA LEU D 343 -38.52 -3.74 19.38
C LEU D 343 -37.68 -4.85 18.77
N ASN D 344 -37.74 -4.98 17.44
CA ASN D 344 -36.91 -5.93 16.72
C ASN D 344 -35.49 -5.43 16.60
N GLU D 345 -34.67 -6.14 15.82
CA GLU D 345 -33.31 -5.69 15.55
C GLU D 345 -33.39 -4.33 14.84
N VAL D 346 -32.75 -3.33 15.42
CA VAL D 346 -32.87 -1.96 14.93
C VAL D 346 -31.57 -1.17 15.08
N ILE D 347 -31.23 -0.43 14.04
CA ILE D 347 -30.04 0.43 14.01
C ILE D 347 -30.34 1.67 14.84
N SER D 348 -29.51 2.70 14.73
CA SER D 348 -29.84 3.90 15.47
C SER D 348 -30.71 4.78 14.57
N GLY D 349 -32.01 4.77 14.86
CA GLY D 349 -32.95 5.67 14.21
C GLY D 349 -33.52 6.68 15.19
N ASN D 350 -33.14 6.54 16.45
CA ASN D 350 -33.59 7.36 17.59
C ASN D 350 -35.11 7.41 17.84
N GLU D 351 -35.85 6.44 17.29
CA GLU D 351 -37.30 6.42 17.48
C GLU D 351 -37.74 5.75 18.78
N CMH D 352 -37.13 4.63 19.09
CA CMH D 352 -37.62 3.76 20.14
C CMH D 352 -37.39 4.28 21.55
O CMH D 352 -36.82 5.35 21.74
CB CMH D 352 -37.08 2.33 19.98
SG CMH D 352 -35.81 1.76 21.11
CM CMH D 352 -32.89 5.09 20.83
HG CMH D 352 -34.26 3.51 20.84
N TYR D 353 -37.83 3.49 22.53
CA TYR D 353 -37.80 3.89 23.93
C TYR D 353 -37.00 2.86 24.71
N CMH D 354 -36.60 3.18 25.94
CA CMH D 354 -35.79 2.25 26.72
C CMH D 354 -36.20 2.07 28.17
O CMH D 354 -36.32 3.03 28.92
CB CMH D 354 -34.31 2.61 26.62
SG CMH D 354 -33.57 2.34 25.01
CM CMH D 354 -30.04 -0.07 26.21
HG CMH D 354 -31.77 0.98 25.68
N ALA D 355 -36.40 0.81 28.56
CA ALA D 355 -36.73 0.48 29.94
C ALA D 355 -35.48 0.00 30.66
N PHE D 356 -35.31 0.42 31.91
CA PHE D 356 -34.10 0.10 32.65
C PHE D 356 -34.39 -0.49 34.02
N GLU D 357 -33.80 -1.64 34.31
CA GLU D 357 -33.76 -2.15 35.68
C GLU D 357 -32.36 -1.93 36.23
N LEU D 358 -32.25 -1.04 37.20
CA LEU D 358 -30.96 -0.71 37.81
C LEU D 358 -30.63 -1.70 38.91
N GLU D 359 -29.42 -2.24 38.89
CA GLU D 359 -28.99 -3.18 39.91
C GLU D 359 -28.59 -2.45 41.19
N GLU D 360 -28.36 -1.15 41.06
CA GLU D 360 -27.99 -0.31 42.20
C GLU D 360 -28.88 0.93 42.24
N LYS D 361 -29.52 1.16 43.39
CA LYS D 361 -30.53 2.21 43.51
C LYS D 361 -30.00 3.63 43.28
N VAL D 362 -30.73 4.38 42.46
CA VAL D 362 -30.34 5.73 42.07
C VAL D 362 -31.46 6.73 42.39
N LEU D 363 -31.06 7.92 42.84
CA LEU D 363 -32.02 8.98 43.16
C LEU D 363 -32.38 9.80 41.93
N ALA D 364 -33.66 9.91 41.63
CA ALA D 364 -34.11 10.65 40.44
C ALA D 364 -35.55 11.13 40.52
N GLU D 365 -35.89 12.09 39.65
CA GLU D 365 -37.26 12.59 39.55
C GLU D 365 -37.74 12.47 38.12
N VAL D 366 -39.04 12.63 37.90
CA VAL D 366 -39.59 12.57 36.55
C VAL D 366 -39.12 13.76 35.73
N GLY D 367 -38.72 13.50 34.49
CA GLY D 367 -38.23 14.55 33.62
C GLY D 367 -36.72 14.68 33.68
N ASP D 368 -36.08 13.77 34.41
CA ASP D 368 -34.62 13.79 34.54
C ASP D 368 -33.94 13.29 33.27
N ARG D 369 -32.69 13.72 33.08
CA ARG D 369 -31.92 13.33 31.91
C ARG D 369 -31.05 12.11 32.19
N VAL D 370 -31.19 11.12 31.32
CA VAL D 370 -30.48 9.86 31.47
C VAL D 370 -29.52 9.66 30.31
N LEU D 371 -28.29 9.26 30.61
CA LEU D 371 -27.29 8.99 29.59
C LEU D 371 -26.85 7.52 29.61
N ILE D 372 -27.07 6.80 28.51
CA ILE D 372 -26.57 5.44 28.41
C ILE D 372 -25.08 5.53 28.12
N THR D 373 -24.25 4.99 29.00
CA THR D 373 -22.80 5.08 28.86
C THR D 373 -22.12 3.73 28.63
N ARG D 374 -21.09 3.73 27.79
CA ARG D 374 -20.33 2.53 27.51
C ARG D 374 -18.87 2.66 27.97
N LEU D 375 -18.45 1.75 28.84
CA LEU D 375 -17.06 1.70 29.29
C LEU D 375 -16.29 0.71 28.42
N ASP D 376 -16.99 0.17 27.42
CA ASP D 376 -16.46 -0.87 26.54
C ASP D 376 -15.31 -0.41 25.66
N LEU D 377 -15.21 0.89 25.43
CA LEU D 377 -14.49 1.43 24.29
C LEU D 377 -13.29 2.26 24.72
N PRO D 378 -12.15 1.58 24.96
CA PRO D 378 -10.98 1.97 25.75
C PRO D 378 -10.35 3.37 25.57
N PRO D 379 -10.18 3.88 24.33
CA PRO D 379 -9.47 5.17 24.26
C PRO D 379 -10.26 6.29 24.93
N THR D 380 -11.59 6.18 24.89
CA THR D 380 -12.45 7.05 25.67
C THR D 380 -12.84 6.33 26.96
N THR D 381 -12.78 7.03 28.08
CA THR D 381 -13.10 6.43 29.38
C THR D 381 -14.54 5.91 29.42
N LEU D 382 -15.49 6.80 29.15
CA LEU D 382 -16.89 6.40 29.04
C LEU D 382 -17.55 7.08 27.85
N ARG D 383 -18.23 6.27 27.04
CA ARG D 383 -18.87 6.78 25.83
C ARG D 383 -20.35 7.00 26.04
N ILE D 384 -20.81 8.20 25.73
CA ILE D 384 -22.24 8.44 25.72
C ILE D 384 -22.81 7.68 24.53
N CMH D 385 -23.86 6.92 24.78
CA CMH D 385 -24.42 6.00 23.81
C CMH D 385 -25.92 6.20 23.73
O CMH D 385 -26.55 5.85 22.74
CB CMH D 385 -24.12 4.56 24.23
SG CMH D 385 -24.29 3.30 22.97
CM CMH D 385 -28.04 1.27 24.21
HG CMH D 385 -26.32 2.31 23.61
N GLY D 386 -26.49 6.80 24.78
CA GLY D 386 -27.91 7.11 24.71
C GLY D 386 -28.30 8.35 25.48
N HIS D 387 -29.42 8.94 25.07
CA HIS D 387 -29.90 10.17 25.67
C HIS D 387 -31.35 10.01 26.03
N GLY D 388 -31.81 10.76 27.01
CA GLY D 388 -33.26 10.90 27.13
C GLY D 388 -33.84 11.36 28.44
N LEU D 389 -35.16 11.27 28.53
CA LEU D 389 -35.87 11.84 29.66
C LEU D 389 -36.76 10.78 30.29
N ILE D 390 -36.81 10.76 31.62
CA ILE D 390 -37.50 9.70 32.34
C ILE D 390 -39.00 9.90 32.26
N GLU D 391 -39.69 8.89 31.72
CA GLU D 391 -41.14 8.93 31.60
C GLU D 391 -41.77 8.48 32.91
N GLU D 392 -41.64 7.20 33.21
CA GLU D 392 -42.25 6.60 34.39
C GLU D 392 -41.23 5.76 35.13
N PHE D 393 -41.57 5.36 36.36
CA PHE D 393 -40.77 4.38 37.07
C PHE D 393 -41.61 3.11 37.24
N LYS D 394 -41.27 2.08 36.48
CA LYS D 394 -42.02 0.85 36.49
C LYS D 394 -41.15 -0.38 36.28
N PRO D 395 -41.50 -1.47 36.99
CA PRO D 395 -40.85 -2.77 36.80
C PRO D 395 -41.24 -3.47 35.49
N ILE D 396 -40.45 -4.47 35.10
CA ILE D 396 -40.68 -5.22 33.87
C ILE D 396 -42.07 -5.86 33.83
N LYS D 397 -42.49 -6.45 34.95
CA LYS D 397 -43.79 -7.11 35.02
C LYS D 397 -44.94 -6.10 35.01
N ASP D 398 -44.72 -4.94 35.62
CA ASP D 398 -45.76 -3.91 35.70
C ASP D 398 -46.07 -3.25 34.35
N LEU D 399 -45.10 -3.27 33.43
CA LEU D 399 -45.14 -2.50 32.18
C LEU D 399 -46.10 -2.96 31.10
N ASN D 400 -46.41 -4.26 31.09
CA ASN D 400 -47.05 -5.00 29.97
C ASN D 400 -46.26 -5.10 28.64
N ILE D 401 -45.18 -5.87 28.71
CA ILE D 401 -44.30 -6.14 27.59
C ILE D 401 -44.99 -7.02 26.55
N LYS D 402 -44.95 -6.61 25.29
CA LYS D 402 -45.55 -7.42 24.23
C LYS D 402 -44.56 -7.77 23.13
N LYS D 403 -44.53 -9.02 22.70
CA LYS D 403 -43.69 -9.40 21.57
C LYS D 403 -44.59 -9.77 20.42
N GLU D 404 -44.10 -9.56 19.21
CA GLU D 404 -44.89 -9.85 18.00
C GLU D 404 -44.59 -11.23 17.45
N VAL D 405 -45.62 -11.88 16.92
CA VAL D 405 -45.48 -13.20 16.32
C VAL D 405 -46.01 -13.26 14.89
N LEU D 406 -45.13 -13.60 13.96
CA LEU D 406 -45.51 -13.74 12.56
C LEU D 406 -45.75 -15.21 12.20
N ARG D 407 -46.85 -15.46 11.51
CA ARG D 407 -47.29 -16.82 11.19
C ARG D 407 -47.61 -16.96 9.71
N GLU D 408 -47.09 -18.00 9.09
CA GLU D 408 -47.28 -18.22 7.64
C GLU D 408 -48.41 -19.18 7.32
N GLY D 409 -49.12 -18.90 6.22
CA GLY D 409 -50.19 -19.76 5.77
C GLY D 409 -50.30 -19.80 4.25
N LYS D 410 -51.01 -20.79 3.74
CA LYS D 410 -51.29 -20.91 2.32
C LYS D 410 -52.79 -21.00 2.10
N VAL D 411 -53.28 -20.31 1.08
CA VAL D 411 -54.69 -20.41 0.72
C VAL D 411 -54.89 -21.46 -0.38
N LYS D 412 -55.52 -22.57 -0.01
CA LYS D 412 -55.73 -23.68 -0.92
C LYS D 412 -57.22 -23.92 -1.14
N ILE D 413 -57.56 -24.37 -2.35
CA ILE D 413 -58.94 -24.71 -2.68
C ILE D 413 -59.13 -26.23 -2.73
N ASP D 414 -59.98 -26.74 -1.85
CA ASP D 414 -60.27 -28.17 -1.82
C ASP D 414 -61.77 -28.43 -1.85
N LYS D 415 -62.22 -29.06 -2.93
CA LYS D 415 -63.62 -29.46 -3.11
C LYS D 415 -64.62 -28.31 -2.97
N GLY D 416 -64.25 -27.13 -3.45
CA GLY D 416 -65.16 -26.00 -3.48
C GLY D 416 -64.97 -24.98 -2.38
N ARG D 417 -64.27 -25.38 -1.32
CA ARG D 417 -63.99 -24.51 -0.19
C ARG D 417 -62.73 -23.68 -0.40
N THR D 418 -62.75 -22.44 0.09
CA THR D 418 -61.53 -21.64 0.19
C THR D 418 -60.97 -21.84 1.59
N VAL D 419 -59.83 -22.50 1.68
CA VAL D 419 -59.31 -22.97 2.96
C VAL D 419 -57.89 -22.46 3.24
N ILE D 420 -57.55 -22.33 4.52
CA ILE D 420 -56.19 -21.97 4.91
C ILE D 420 -55.44 -23.20 5.45
N ASP D 421 -54.17 -23.31 5.10
CA ASP D 421 -53.35 -24.46 5.44
C ASP D 421 -51.97 -24.01 5.93
N GLY D 422 -51.38 -24.81 6.80
CA GLY D 422 -50.05 -24.53 7.31
C GLY D 422 -50.07 -23.75 8.60
N LEU D 423 -51.22 -23.72 9.26
CA LEU D 423 -51.35 -23.03 10.55
C LEU D 423 -51.35 -24.04 11.68
N ALA D 424 -52.43 -24.80 11.78
CA ALA D 424 -52.59 -25.78 12.86
C ALA D 424 -52.52 -27.21 12.34
N GLN D 425 -51.80 -28.06 13.08
CA GLN D 425 -51.64 -29.46 12.71
C GLN D 425 -52.84 -30.31 13.11
N SER D 426 -53.38 -30.05 14.30
CA SER D 426 -54.49 -30.84 14.84
C SER D 426 -55.75 -30.01 15.05
N LYS D 427 -56.89 -30.68 15.13
CA LYS D 427 -58.19 -30.04 15.21
C LYS D 427 -58.33 -29.02 16.33
N VAL D 428 -57.90 -29.39 17.53
CA VAL D 428 -58.10 -28.54 18.71
C VAL D 428 -57.31 -27.24 18.66
N ALA D 429 -56.08 -27.29 18.13
CA ALA D 429 -55.28 -26.08 17.96
C ALA D 429 -55.96 -25.16 16.96
N ALA D 430 -56.43 -25.75 15.87
CA ALA D 430 -57.19 -25.04 14.85
C ALA D 430 -58.39 -24.34 15.48
N GLU D 431 -59.04 -25.04 16.40
CA GLU D 431 -60.15 -24.47 17.15
C GLU D 431 -59.67 -23.29 18.00
N LYS D 432 -58.46 -23.40 18.52
CA LYS D 432 -57.88 -22.31 19.30
C LYS D 432 -57.61 -21.10 18.42
N LEU D 433 -57.56 -21.33 17.11
CA LEU D 433 -57.28 -20.24 16.17
C LEU D 433 -58.53 -19.55 15.58
N ILE D 434 -59.72 -19.98 15.98
CA ILE D 434 -60.96 -19.45 15.39
C ILE D 434 -61.15 -17.96 15.61
N GLY D 435 -61.70 -17.29 14.59
CA GLY D 435 -61.96 -15.87 14.65
C GLY D 435 -60.71 -15.00 14.52
N GLU D 436 -59.75 -15.49 13.74
CA GLU D 436 -58.45 -14.84 13.61
C GLU D 436 -58.47 -13.67 12.63
N GLU D 437 -57.67 -12.64 12.91
CA GLU D 437 -57.52 -11.49 12.03
C GLU D 437 -56.32 -11.67 11.11
N ILE D 438 -56.56 -11.64 9.80
CA ILE D 438 -55.59 -12.11 8.82
C ILE D 438 -55.26 -11.05 7.75
N SER D 439 -54.04 -11.09 7.22
CA SER D 439 -53.64 -10.26 6.10
C SER D 439 -52.91 -11.11 5.04
N ILE D 440 -52.94 -10.66 3.79
CA ILE D 440 -52.32 -11.43 2.71
C ILE D 440 -51.08 -10.73 2.16
N GLU D 441 -50.15 -11.50 1.62
CA GLU D 441 -48.87 -10.96 1.19
C GLU D 441 -48.96 -10.26 -0.16
N GLY D 442 -48.64 -8.96 -0.16
CA GLY D 442 -48.42 -8.22 -1.39
C GLY D 442 -49.66 -7.72 -2.11
N LYS D 443 -50.80 -8.35 -1.82
CA LYS D 443 -52.05 -7.95 -2.48
C LYS D 443 -52.89 -7.01 -1.62
N ASP D 444 -52.42 -6.76 -0.40
CA ASP D 444 -53.05 -5.81 0.52
C ASP D 444 -54.54 -6.09 0.74
N ILE D 445 -54.86 -7.19 1.41
CA ILE D 445 -56.24 -7.49 1.75
C ILE D 445 -56.41 -7.80 3.24
N VAL D 446 -57.61 -7.56 3.76
CA VAL D 446 -57.92 -7.87 5.14
C VAL D 446 -58.84 -9.09 5.21
N GLY D 447 -58.70 -9.88 6.27
CA GLY D 447 -59.47 -11.10 6.41
C GLY D 447 -59.79 -11.51 7.83
N LYS D 448 -60.76 -12.41 7.96
CA LYS D 448 -61.20 -12.93 9.24
C LYS D 448 -61.51 -14.42 9.12
N ILE D 449 -60.97 -15.22 10.04
CA ILE D 449 -61.13 -16.67 9.98
C ILE D 449 -62.43 -17.14 10.65
N LYS D 450 -63.05 -18.17 10.10
CA LYS D 450 -64.29 -18.70 10.68
C LYS D 450 -64.27 -20.23 10.85
N GLY D 451 -64.33 -20.94 9.73
CA GLY D 451 -64.49 -22.39 9.75
C GLY D 451 -63.24 -23.18 10.10
N THR D 452 -63.44 -24.26 10.86
CA THR D 452 -62.33 -25.12 11.26
C THR D 452 -62.54 -26.56 10.81
N PHE D 453 -61.67 -27.04 9.92
CA PHE D 453 -61.72 -28.42 9.47
C PHE D 453 -60.78 -29.28 10.30
N GLY D 454 -61.32 -30.34 10.89
CA GLY D 454 -60.60 -31.12 11.89
C GLY D 454 -59.54 -32.09 11.41
N THR D 455 -59.81 -32.81 10.33
CA THR D 455 -58.95 -33.91 9.88
C THR D 455 -57.48 -33.53 9.68
N LYS D 456 -57.21 -32.73 8.67
CA LYS D 456 -55.83 -32.33 8.36
C LYS D 456 -55.43 -30.99 8.97
N GLY D 457 -56.32 -30.40 9.76
CA GLY D 457 -56.03 -29.15 10.45
C GLY D 457 -56.10 -27.95 9.52
N LEU D 458 -57.13 -27.91 8.69
CA LEU D 458 -57.28 -26.84 7.71
C LEU D 458 -58.37 -25.87 8.13
N LEU D 459 -58.21 -24.60 7.76
CA LEU D 459 -59.11 -23.54 8.25
C LEU D 459 -59.83 -22.76 7.15
N THR D 460 -61.14 -22.57 7.33
CA THR D 460 -61.95 -21.83 6.39
C THR D 460 -62.15 -20.39 6.84
N ALA D 461 -62.02 -19.44 5.92
CA ALA D 461 -62.08 -18.03 6.28
C ALA D 461 -62.86 -17.16 5.30
N GLU D 462 -62.93 -15.88 5.62
CA GLU D 462 -63.52 -14.86 4.76
C GLU D 462 -62.46 -13.79 4.52
N PHE D 463 -62.39 -13.27 3.30
CA PHE D 463 -61.40 -12.25 2.98
C PHE D 463 -62.07 -11.09 2.24
N SER D 464 -61.46 -9.92 2.30
CA SER D 464 -61.95 -8.82 1.47
C SER D 464 -61.03 -8.76 0.27
N GLY D 465 -61.52 -9.26 -0.86
CA GLY D 465 -60.71 -9.35 -2.05
C GLY D 465 -61.03 -10.62 -2.80
N ASN D 466 -60.12 -11.02 -3.69
CA ASN D 466 -60.17 -12.33 -4.31
C ASN D 466 -59.00 -13.17 -3.80
N VAL D 467 -59.30 -14.32 -3.21
CA VAL D 467 -58.23 -15.19 -2.72
C VAL D 467 -57.96 -16.35 -3.67
N GLU D 468 -56.84 -16.26 -4.36
CA GLU D 468 -56.40 -17.29 -5.30
C GLU D 468 -55.72 -18.45 -4.58
N ASN D 469 -55.72 -19.61 -5.24
CA ASN D 469 -55.04 -20.78 -4.71
C ASN D 469 -53.55 -20.52 -4.54
N ARG D 470 -52.95 -21.19 -3.56
CA ARG D 470 -51.50 -21.15 -3.34
C ARG D 470 -51.00 -19.80 -2.82
N ASP D 471 -51.89 -18.83 -2.70
CA ASP D 471 -51.53 -17.50 -2.23
C ASP D 471 -51.00 -17.55 -0.80
N LYS D 472 -50.09 -16.63 -0.48
CA LYS D 472 -49.44 -16.67 0.82
C LYS D 472 -50.03 -15.69 1.83
N VAL D 473 -50.15 -16.16 3.07
CA VAL D 473 -50.81 -15.42 4.13
C VAL D 473 -49.86 -15.06 5.28
N ILE D 474 -49.78 -13.76 5.56
CA ILE D 474 -49.02 -13.25 6.70
C ILE D 474 -49.98 -13.00 7.86
N LEU D 475 -49.71 -13.64 8.98
CA LEU D 475 -50.58 -13.54 10.14
C LEU D 475 -49.83 -12.98 11.34
N ASN D 476 -50.18 -11.76 11.75
CA ASN D 476 -49.57 -11.19 12.95
C ASN D 476 -50.42 -11.41 14.20
N ARG D 477 -49.75 -11.87 15.25
CA ARG D 477 -50.40 -12.19 16.51
C ARG D 477 -49.60 -11.61 17.67
N LEU D 478 -50.27 -10.86 18.53
CA LEU D 478 -49.62 -10.25 19.67
C LEU D 478 -49.44 -11.28 20.79
N ARG D 479 -48.26 -11.24 21.41
CA ARG D 479 -47.87 -12.19 22.44
C ARG D 479 -47.24 -11.42 23.59
N ARG D 480 -47.03 -12.08 24.73
CA ARG D 480 -46.29 -11.42 25.81
C ARG D 480 -44.82 -11.83 25.81
N TRP D 481 -44.03 -11.22 26.69
CA TRP D 481 -42.58 -11.33 26.64
C TRP D 481 -41.99 -11.70 27.99
N GLY D 482 -40.76 -12.22 27.98
CA GLY D 482 -40.09 -12.61 29.20
C GLY D 482 -39.55 -14.02 29.16
PB GDP E . 38.35 -19.66 21.67
O1B GDP E . 38.79 -19.44 23.10
O2B GDP E . 37.24 -18.68 21.34
O3B GDP E . 39.52 -19.45 20.74
O3A GDP E . 37.78 -21.16 21.52
PA GDP E . 37.53 -21.83 20.08
O1A GDP E . 36.04 -21.90 19.82
O2A GDP E . 38.22 -21.09 18.97
O5' GDP E . 38.13 -23.31 20.25
C5' GDP E . 39.29 -23.69 19.52
C4' GDP E . 39.21 -25.16 19.14
O4' GDP E . 38.52 -25.88 20.17
C3' GDP E . 38.41 -25.34 17.85
O3' GDP E . 39.19 -26.04 16.90
C2' GDP E . 37.21 -26.17 18.24
O2' GDP E . 36.97 -27.18 17.26
C1' GDP E . 37.57 -26.78 19.59
N9 GDP E . 36.38 -26.92 20.45
C8 GDP E . 35.64 -25.93 20.98
N7 GDP E . 34.62 -26.41 21.72
C5 GDP E . 34.69 -27.75 21.68
C6 GDP E . 33.93 -28.89 22.25
O6 GDP E . 32.93 -28.70 22.97
N1 GDP E . 34.34 -30.13 21.96
C2 GDP E . 35.41 -30.38 21.19
N2 GDP E . 35.77 -31.66 20.95
N3 GDP E . 36.16 -29.39 20.63
C4 GDP E . 35.85 -28.08 20.84
MG MG F . 37.45 -17.11 20.05
PB GDP G . -2.36 -4.17 7.86
O1B GDP G . -1.21 -3.26 8.25
O2B GDP G . -2.72 -3.89 6.41
O3B GDP G . -1.91 -5.59 8.01
O3A GDP G . -3.62 -3.83 8.81
PA GDP G . -4.57 -4.96 9.44
O1A GDP G . -6.02 -4.56 9.23
O2A GDP G . -4.34 -6.33 8.84
O5' GDP G . -4.23 -4.95 11.00
C5' GDP G . -3.61 -6.10 11.58
C4' GDP G . -4.26 -6.45 12.91
O4' GDP G . -4.47 -5.27 13.70
C3' GDP G . -5.62 -7.09 12.70
O3' GDP G . -5.62 -8.42 13.24
C2' GDP G . -6.61 -6.23 13.47
O2' GDP G . -7.46 -7.06 14.28
C1' GDP G . -5.74 -5.33 14.35
N9 GDP G . -6.34 -3.98 14.46
C8 GDP G . -6.62 -3.15 13.44
N7 GDP G . -7.15 -1.98 13.90
C5 GDP G . -7.20 -2.06 15.24
C6 GDP G . -7.64 -1.18 16.34
O6 GDP G . -8.11 -0.04 16.13
N1 GDP G . -7.53 -1.64 17.60
C2 GDP G . -7.03 -2.86 17.88
N2 GDP G . -6.94 -3.25 19.17
N3 GDP G . -6.60 -3.71 16.91
C4 GDP G . -6.66 -3.38 15.60
MG MG H . -3.47 -5.38 5.21
S SO4 I . 6.88 -9.53 -6.50
O1 SO4 I . 8.26 -9.66 -6.94
O2 SO4 I . 5.99 -10.13 -7.49
O3 SO4 I . 6.71 -10.18 -5.21
O4 SO4 I . 6.56 -8.11 -6.36
S SO4 J . -11.98 -17.61 -26.18
O1 SO4 J . -11.27 -17.82 -27.43
O2 SO4 J . -12.39 -16.21 -26.08
O3 SO4 J . -13.18 -18.46 -26.16
O4 SO4 J . -11.12 -17.95 -25.06
C1 DXC K . -20.49 -5.37 -15.93
C2 DXC K . -19.06 -4.98 -15.94
C3 DXC K . -18.17 -6.19 -16.07
C4 DXC K . -18.42 -7.16 -14.94
C5 DXC K . -19.89 -7.53 -14.91
C6 DXC K . -20.74 -6.31 -14.80
C7 DXC K . -16.69 -5.79 -16.15
C8 DXC K . -16.20 -5.20 -14.82
C9 DXC K . -16.48 -6.19 -13.70
C10 DXC K . -17.94 -6.61 -13.61
C11 DXC K . -16.11 -5.65 -12.29
C12 DXC K . -16.30 -6.62 -11.14
C13 DXC K . -17.74 -6.96 -11.14
C14 DXC K . -18.15 -7.60 -12.46
C15 DXC K . -14.68 -5.18 -12.08
C16 DXC K . -14.54 -5.10 -10.56
C17 DXC K . -15.75 -5.81 -9.97
C18 DXC K . -17.75 -8.43 -15.32
C19 DXC K . -15.38 -6.54 -8.66
O1 DXC K . -18.47 -5.80 -10.93
O2 DXC K . -21.30 -4.26 -15.76
C20 DXC K . -15.53 -7.87 -11.29
C21 DXC K . -14.63 -5.63 -7.70
C22 DXC K . -14.31 -6.35 -6.40
C23 DXC K . -13.64 -5.44 -5.44
O3 DXC K . -12.40 -5.26 -5.50
O4 DXC K . -14.32 -4.82 -4.58
C24 DXC K . -16.56 -7.07 -7.92
P 5GP L . 11.56 4.85 12.07
O1P 5GP L . 12.26 4.96 13.42
O2P 5GP L . 10.13 5.30 11.97
O3P 5GP L . 11.69 3.44 11.56
O5' 5GP L . 12.43 5.61 10.97
C5' 5GP L . 12.46 7.03 10.91
C4' 5GP L . 13.55 7.53 10.00
O4' 5GP L . 12.98 7.90 8.72
C3' 5GP L . 14.30 8.76 10.51
O3' 5GP L . 15.66 8.69 10.09
C2' 5GP L . 13.62 9.91 9.75
O2' 5GP L . 14.40 11.07 9.60
C1' 5GP L . 13.30 9.24 8.42
N9 5GP L . 12.18 9.84 7.70
C8 5GP L . 10.90 9.80 8.10
N7 5GP L . 10.14 10.46 7.19
C5 5GP L . 10.95 10.92 6.22
C6 5GP L . 10.73 11.64 5.07
O6 5GP L . 9.58 12.01 4.75
N1 5GP L . 11.77 11.95 4.28
C2 5GP L . 13.01 11.57 4.59
N2 5GP L . 14.02 11.91 3.76
N3 5GP L . 13.26 10.86 5.73
C4 5GP L . 12.24 10.52 6.54
PB GDP M . 2.35 -19.36 -50.81
O1B GDP M . 1.48 -18.57 -51.75
O2B GDP M . 1.53 -19.75 -49.59
O3B GDP M . 2.86 -20.59 -51.50
O3A GDP M . 3.58 -18.44 -50.33
PA GDP M . 4.61 -18.99 -49.22
O1A GDP M . 4.15 -18.57 -47.84
O2A GDP M . 4.74 -20.49 -49.30
O5' GDP M . 6.00 -18.28 -49.59
C5' GDP M . 7.18 -19.07 -49.69
C4' GDP M . 8.43 -18.25 -49.41
O4' GDP M . 8.14 -16.85 -49.46
C3' GDP M . 8.97 -18.54 -48.03
O3' GDP M . 10.21 -19.27 -48.13
C2' GDP M . 9.22 -17.20 -47.37
O2' GDP M . 10.57 -17.09 -46.95
C1' GDP M . 8.92 -16.18 -48.47
N9 GDP M . 8.21 -14.99 -47.94
C8 GDP M . 6.89 -14.86 -47.76
N7 GDP M . 6.58 -13.63 -47.26
C5 GDP M . 7.74 -12.95 -47.11
C6 GDP M . 8.14 -11.61 -46.64
O6 GDP M . 7.30 -10.78 -46.23
N1 GDP M . 9.45 -11.31 -46.65
C2 GDP M . 10.39 -12.16 -47.08
N2 GDP M . 11.69 -11.79 -47.05
N3 GDP M . 10.09 -13.42 -47.52
C4 GDP M . 8.81 -13.85 -47.56
MG MG N . 0.74 -21.61 -49.22
S SO4 O . -16.97 -7.54 -65.45
O1 SO4 O . -18.10 -8.35 -65.90
O2 SO4 O . -17.35 -6.13 -65.47
O3 SO4 O . -16.59 -7.93 -64.10
O4 SO4 O . -15.85 -7.76 -66.36
S SO4 P . -17.54 -1.01 -65.19
O1 SO4 P . -17.93 -0.54 -63.87
O2 SO4 P . -17.16 -2.42 -65.12
O3 SO4 P . -18.65 -0.85 -66.12
O4 SO4 P . -16.40 -0.23 -65.66
S SO4 Q . -40.52 -24.72 -87.97
O1 SO4 Q . -39.13 -24.48 -88.36
O2 SO4 Q . -41.03 -23.54 -87.29
O3 SO4 Q . -41.32 -25.00 -89.16
O4 SO4 Q . -40.57 -25.86 -87.07
S SO4 R . 1.89 -18.56 -63.70
O1 SO4 R . 1.62 -19.82 -64.38
O2 SO4 R . 1.96 -17.48 -64.68
O3 SO4 R . 0.82 -18.29 -62.74
O4 SO4 R . 3.16 -18.66 -62.98
C1 DXC S . -15.50 -32.79 -30.57
C2 DXC S . -15.75 -32.47 -32.00
C3 DXC S . -15.18 -33.55 -32.89
C4 DXC S . -13.69 -33.73 -32.66
C5 DXC S . -13.45 -33.99 -31.19
C6 DXC S . -14.03 -32.93 -30.34
C7 DXC S . -15.51 -33.27 -34.37
C8 DXC S . -14.74 -32.05 -34.89
C9 DXC S . -13.25 -32.25 -34.64
C10 DXC S . -12.89 -32.55 -33.19
C11 DXC S . -12.39 -31.01 -35.00
C12 DXC S . -10.91 -31.21 -34.93
C13 DXC S . -10.61 -31.52 -33.52
C14 DXC S . -11.39 -32.76 -33.06
C15 DXC S . -12.57 -30.42 -36.39
C16 DXC S . -11.38 -29.45 -36.51
C17 DXC S . -10.37 -29.89 -35.46
C18 DXC S . -13.33 -35.00 -33.31
C19 DXC S . -8.94 -29.82 -36.04
O1 DXC S . -10.99 -30.43 -32.75
O2 DXC S . -15.99 -31.76 -29.79
C20 DXC S . -10.42 -32.31 -35.78
C21 DXC S . -8.69 -28.52 -36.77
C22 DXC S . -7.29 -28.56 -37.37
C23 DXC S . -6.85 -27.21 -37.83
O3 DXC S . -7.46 -26.65 -38.77
O4 DXC S . -5.88 -26.63 -37.28
C24 DXC S . -7.90 -29.93 -34.98
C1 DXC T . -22.21 -6.29 -21.20
C2 DXC T . -23.02 -6.91 -20.12
C3 DXC T . -22.13 -7.38 -18.99
C4 DXC T . -21.09 -8.35 -19.48
C5 DXC T . -20.31 -7.74 -20.62
C6 DXC T . -21.22 -7.26 -21.71
C7 DXC T . -22.95 -7.93 -17.82
C8 DXC T . -23.58 -9.28 -18.16
C9 DXC T . -22.49 -10.22 -18.63
C10 DXC T . -21.67 -9.71 -19.80
C11 DXC T . -23.00 -11.62 -19.05
C12 DXC T . -21.93 -12.64 -19.30
C13 DXC T . -21.14 -12.12 -20.45
C14 DXC T . -20.57 -10.73 -20.15
C15 DXC T . -23.88 -12.34 -18.05
C16 DXC T . -23.93 -13.77 -18.60
C17 DXC T . -22.75 -13.91 -19.53
C18 DXC T . -20.07 -8.45 -18.41
C19 DXC T . -22.09 -15.30 -19.34
O1 DXC T . -21.95 -12.05 -21.57
O2 DXC T . -23.03 -5.90 -22.25
C20 DXC T . -21.03 -12.82 -18.14
C21 DXC T . -23.14 -16.41 -19.32
C22 DXC T . -23.03 -17.34 -20.52
C23 DXC T . -23.90 -18.54 -20.36
O3 DXC T . -25.13 -18.40 -20.18
O4 DXC T . -23.39 -19.70 -20.39
C24 DXC T . -21.06 -15.59 -20.38
C1 DXC U . -6.26 -10.62 -69.28
C2 DXC U . -5.46 -11.76 -68.78
C3 DXC U . -5.36 -11.76 -67.28
C4 DXC U . -4.84 -10.43 -66.75
C5 DXC U . -5.69 -9.31 -67.30
C6 DXC U . -5.69 -9.33 -68.79
C7 DXC U . -4.52 -12.94 -66.77
C8 DXC U . -3.03 -12.76 -67.11
C9 DXC U . -2.56 -11.43 -66.55
C10 DXC U . -3.37 -10.24 -67.03
C11 DXC U . -1.07 -11.07 -66.85
C12 DXC U . -0.57 -9.86 -66.14
C13 DXC U . -1.38 -8.72 -66.65
C14 DXC U . -2.85 -8.94 -66.38
C15 DXC U . -0.03 -12.11 -66.47
C16 DXC U . 1.29 -11.33 -66.56
C17 DXC U . 0.91 -9.86 -66.48
C18 DXC U . -5.14 -10.39 -65.30
C19 DXC U . 1.94 -9.12 -65.57
O1 DXC U . -1.15 -8.60 -68.01
O2 DXC U . -6.24 -10.60 -70.68
C20 DXC U . -0.75 -9.93 -64.66
C21 DXC U . 3.36 -9.44 -65.97
C22 DXC U . 4.04 -8.32 -66.75
C23 DXC U . 5.52 -8.50 -66.74
O3 DXC U . 6.01 -9.64 -66.89
O4 DXC U . 6.29 -7.51 -66.54
C24 DXC U . 1.75 -7.64 -65.53
C1 DXC V . 10.63 -3.16 -44.57
C2 DXC V . 10.82 -1.67 -44.53
C3 DXC V . 10.04 -0.97 -45.62
C4 DXC V . 10.35 -1.56 -46.99
C5 DXC V . 10.05 -3.03 -46.95
C6 DXC V . 10.89 -3.70 -45.92
C7 DXC V . 10.31 0.53 -45.60
C8 DXC V . 11.76 0.86 -45.99
C9 DXC V . 12.08 0.23 -47.34
C10 DXC V . 11.77 -1.26 -47.44
C11 DXC V . 13.56 0.35 -47.79
C12 DXC V . 13.84 -0.10 -49.21
C13 DXC V . 13.51 -1.54 -49.27
C14 DXC V . 12.06 -1.77 -48.85
C15 DXC V . 14.18 1.73 -47.73
C16 DXC V . 15.44 1.59 -48.60
C17 DXC V . 15.30 0.30 -49.39
C18 DXC V . 9.34 -1.01 -47.93
C19 DXC V . 15.85 0.51 -50.82
O1 DXC V . 14.34 -2.26 -48.42
O2 DXC V . 11.52 -3.75 -43.69
C20 DXC V . 13.02 0.59 -50.23
C21 DXC V . 17.16 1.27 -50.77
C22 DXC V . 18.24 0.30 -50.32
C23 DXC V . 19.57 0.86 -50.63
O3 DXC V . 19.68 2.05 -51.01
O4 DXC V . 20.61 0.14 -50.51
C24 DXC V . 16.13 -0.77 -51.53
C1 DXC W . 5.70 2.85 -52.40
C2 DXC W . 6.42 4.13 -52.18
C3 DXC W . 7.89 3.88 -51.91
C4 DXC W . 8.08 2.92 -50.75
C5 DXC W . 7.33 1.64 -51.01
C6 DXC W . 5.87 1.94 -51.23
C7 DXC W . 8.66 5.19 -51.72
C8 DXC W . 8.33 5.85 -50.38
C9 DXC W . 8.49 4.86 -49.25
C10 DXC W . 7.74 3.55 -49.43
C11 DXC W . 8.01 5.44 -47.89
C12 DXC W . 8.31 4.57 -46.70
C13 DXC W . 7.57 3.30 -46.89
C14 DXC W . 7.97 2.63 -48.21
C15 DXC W . 8.60 6.77 -47.48
C16 DXC W . 8.21 6.87 -46.01
C17 DXC W . 7.89 5.46 -45.56
C18 DXC W . 9.50 2.48 -50.83
C19 DXC W . 8.55 5.14 -44.19
O1 DXC W . 6.21 3.53 -46.87
O2 DXC W . 4.34 3.10 -52.55
C20 DXC W . 9.73 4.24 -46.55
C21 DXC W . 9.09 6.38 -43.49
C22 DXC W . 8.69 6.46 -42.02
C23 DXC W . 9.73 7.25 -41.31
O3 DXC W . 10.46 8.04 -41.95
O4 DXC W . 9.89 7.12 -40.06
C24 DXC W . 7.60 4.38 -43.31
C1 DXC X . -9.36 -4.49 -74.73
C2 DXC X . -9.89 -3.95 -76.01
C3 DXC X . -11.38 -3.76 -75.94
C4 DXC X . -12.11 -5.05 -75.56
C5 DXC X . -11.53 -5.56 -74.27
C6 DXC X . -10.05 -5.76 -74.39
C7 DXC X . -11.93 -3.17 -77.25
C8 DXC X . -11.91 -4.19 -78.40
C9 DXC X . -12.64 -5.45 -77.96
C10 DXC X . -12.10 -6.06 -76.68
C11 DXC X . -12.64 -6.58 -79.01
C12 DXC X . -13.47 -7.79 -78.68
C13 DXC X . -12.87 -8.34 -77.45
C14 DXC X . -12.90 -7.32 -76.32
C15 DXC X . -13.15 -6.24 -80.41
C16 DXC X . -13.33 -7.60 -81.06
C17 DXC X . -13.37 -8.62 -79.94
C18 DXC X . -13.48 -4.63 -75.17
C19 DXC X . -14.45 -9.68 -80.20
O1 DXC X . -11.57 -8.70 -77.73
O2 DXC X . -8.01 -4.76 -74.86
C20 DXC X . -14.90 -7.47 -78.40
C21 DXC X . -14.57 -10.01 -81.67
C22 DXC X . -15.58 -11.13 -81.87
C23 DXC X . -15.43 -11.68 -83.24
O3 DXC X . -14.37 -11.48 -83.89
O4 DXC X . -16.36 -12.35 -83.75
C24 DXC X . -14.19 -10.96 -79.46
S SO4 Y . -15.92 -17.83 -85.27
O1 SO4 Y . -16.16 -17.19 -86.56
O2 SO4 Y . -15.31 -16.86 -84.37
O3 SO4 Y . -17.18 -18.30 -84.72
O4 SO4 Y . -15.01 -18.96 -85.46
#